data_8CY0
#
_entry.id   8CY0
#
_cell.length_a   81.373
_cell.length_b   160.860
_cell.length_c   230.381
_cell.angle_alpha   90.000
_cell.angle_beta   90.000
_cell.angle_gamma   90.000
#
_symmetry.space_group_name_H-M   'P 21 21 21'
#
loop_
_entity.id
_entity.type
_entity.pdbx_description
1 polymer 'Site-specific DNA-methyltransferase (adenine-specific)'
2 polymer "DNA (5'-D(*AP*TP*GP*GP*GP*AP*CP*TP*TP*TP*TP*TP*GP*A)-3')"
3 polymer "DNA (5'-D(*AP*TP*GP*GP*GP*AP*CP*TP*TP*TP*TP*TP*GP*A)-3')"
4 non-polymer 1,2-ETHANEDIOL
5 non-polymer 'POTASSIUM ION'
6 non-polymer N-(4-phenylbutyl)adenosine
7 water water
#
loop_
_entity_poly.entity_id
_entity_poly.type
_entity_poly.pdbx_seq_one_letter_code
_entity_poly.pdbx_strand_id
1 'polypeptide(L)'
;MDDISQDNFLLSKEYENSLDVDTKKASGIYYTPKIIVDYIVKKTLKNHDIIKNPYPRILDISCGCGNFLLEVYDILYDLF
EENIYELKKKYDENYWTVDNIHRHILNYCIYGADIDEKAISILKDSLTNKKVVNDLDESDIKINLFCCDSLKKKWRYKFD
YIVGNPPYIGHKKLEKKYKKFLLEKYSEVYKDKADLYFCFYKKIIDILKQGGIGSVITPRYFLESLSGKDLREYIKSNVN
VQEIVDFLGANIFKNIGVSSCILTFDKKKTKETYIDVFKIKNEDICINKFETLEELLKSSKFEHFNINQRLLSDEWILVN
KDDETFYNKIQEKCKYSLEDIAISFQGIITGCDKAFILSKDDVKLNLVDDKFLKCWIKSKNINKYIVDKSEYRLIYSNDI
DNENTNKRILDEIIGLYKTKLENRRECKSGIRKWYELQWGREKLFFERKKIMYPYKSNENRFAIDYDNNFSSADVYSFFI
KEEYLDKFSYEYLVGILNSSVYDKYFKITAKKMSKNIYDYYPNKVMKIRIFRDNNYEEIENLSKQIISILLNKSIDKGKV
EKLQIKMDNLIMDSLGI
;
A,B,C
2 'polydeoxyribonucleotide' (DA)(DT)(DG)(DG)(DG)(DA)(DC)(DT)(DT)(DT)(DT)(DT)(DG)(DA) E,G,I
3 'polydeoxyribonucleotide' (DT)(DT)(DC)(DA)(DA)(DA)(DA)(DA)(DG)(DT)(DC)(DC)(DC)(DA) D,F,H
#
loop_
_chem_comp.id
_chem_comp.type
_chem_comp.name
_chem_comp.formula
DA DNA linking 2'-DEOXYADENOSINE-5'-MONOPHOSPHATE 'C10 H14 N5 O6 P'
DC DNA linking 2'-DEOXYCYTIDINE-5'-MONOPHOSPHATE 'C9 H14 N3 O7 P'
DG DNA linking 2'-DEOXYGUANOSINE-5'-MONOPHOSPHATE 'C10 H14 N5 O7 P'
DT DNA linking THYMIDINE-5'-MONOPHOSPHATE 'C10 H15 N2 O8 P'
EDO non-polymer 1,2-ETHANEDIOL 'C2 H6 O2'
K non-polymer 'POTASSIUM ION' 'K 1'
Q9W non-polymer N-(4-phenylbutyl)adenosine 'C20 H25 N5 O4'
#
# COMPACT_ATOMS: atom_id res chain seq x y z
N GLY A 28 1.25 -11.71 48.05
CA GLY A 28 2.58 -12.20 47.75
C GLY A 28 2.76 -13.69 47.97
N ILE A 29 2.77 -14.09 49.24
CA ILE A 29 3.01 -15.48 49.63
C ILE A 29 1.74 -16.04 50.27
N TYR A 30 1.35 -17.24 49.84
CA TYR A 30 0.13 -17.90 50.31
C TYR A 30 0.49 -19.18 51.04
N TYR A 31 -0.16 -19.41 52.19
CA TYR A 31 0.17 -20.51 53.08
C TYR A 31 -0.73 -21.71 52.75
N THR A 32 -0.12 -22.79 52.26
CA THR A 32 -0.86 -24.03 52.02
C THR A 32 -1.08 -24.75 53.34
N PRO A 33 -2.30 -25.23 53.62
CA PRO A 33 -2.55 -25.92 54.89
C PRO A 33 -1.66 -27.13 55.06
N LYS A 34 -1.22 -27.35 56.31
CA LYS A 34 -0.20 -28.35 56.58
C LYS A 34 -0.65 -29.74 56.16
N ILE A 35 -1.93 -30.05 56.36
CA ILE A 35 -2.43 -31.38 56.04
C ILE A 35 -2.29 -31.68 54.55
N ILE A 36 -2.55 -30.68 53.70
CA ILE A 36 -2.43 -30.85 52.25
C ILE A 36 -0.96 -30.97 51.85
N VAL A 37 -0.09 -30.20 52.48
CA VAL A 37 1.34 -30.31 52.21
C VAL A 37 1.82 -31.72 52.51
N ASP A 38 1.44 -32.24 53.68
CA ASP A 38 1.82 -33.60 54.04
C ASP A 38 1.30 -34.59 53.02
N TYR A 39 0.04 -34.42 52.59
CA TYR A 39 -0.52 -35.35 51.62
C TYR A 39 0.29 -35.33 50.32
N ILE A 40 0.67 -34.15 49.84
CA ILE A 40 1.36 -34.05 48.56
C ILE A 40 2.76 -34.68 48.66
N VAL A 41 3.50 -34.34 49.72
CA VAL A 41 4.84 -34.89 49.88
C VAL A 41 4.79 -36.41 50.01
N LYS A 42 3.87 -36.93 50.82
CA LYS A 42 3.73 -38.37 50.95
C LYS A 42 3.31 -39.00 49.63
N LYS A 43 2.47 -38.31 48.86
CA LYS A 43 2.03 -38.81 47.57
C LYS A 43 3.22 -39.03 46.65
N THR A 44 4.21 -38.14 46.71
CA THR A 44 5.37 -38.34 45.84
C THR A 44 6.49 -39.18 46.44
N LEU A 45 6.53 -39.38 47.76
CA LEU A 45 7.69 -40.05 48.34
C LEU A 45 7.41 -41.32 49.13
N LYS A 46 6.14 -41.70 49.36
CA LYS A 46 5.87 -42.79 50.29
C LYS A 46 6.39 -44.13 49.78
N ASN A 47 6.54 -44.27 48.45
CA ASN A 47 6.98 -45.53 47.87
C ASN A 47 8.32 -45.39 47.15
N HIS A 48 9.12 -44.39 47.49
CA HIS A 48 10.44 -44.27 46.88
C HIS A 48 11.37 -45.34 47.42
N ASP A 49 12.15 -45.94 46.52
CA ASP A 49 13.10 -46.99 46.87
C ASP A 49 14.46 -46.31 47.04
N ILE A 50 14.75 -45.90 48.29
CA ILE A 50 15.96 -45.12 48.55
C ILE A 50 17.21 -45.97 48.39
N ILE A 51 17.10 -47.28 48.59
CA ILE A 51 18.27 -48.13 48.40
C ILE A 51 18.65 -48.21 46.93
N LYS A 52 17.64 -48.33 46.05
CA LYS A 52 17.92 -48.34 44.62
C LYS A 52 18.44 -46.99 44.14
N ASN A 53 17.86 -45.90 44.62
CA ASN A 53 18.28 -44.54 44.25
C ASN A 53 18.37 -43.67 45.49
N PRO A 54 19.54 -43.61 46.13
CA PRO A 54 19.74 -42.67 47.24
C PRO A 54 19.99 -41.22 46.82
N TYR A 55 19.76 -40.87 45.56
CA TYR A 55 19.95 -39.51 45.07
C TYR A 55 18.70 -39.00 44.36
N PRO A 56 17.57 -38.91 45.05
CA PRO A 56 16.39 -38.34 44.42
C PRO A 56 16.46 -36.82 44.39
N ARG A 57 16.00 -36.24 43.28
CA ARG A 57 15.92 -34.79 43.13
C ARG A 57 14.48 -34.36 43.34
N ILE A 58 14.24 -33.60 44.40
CA ILE A 58 12.91 -33.12 44.76
C ILE A 58 12.92 -31.60 44.68
N LEU A 59 12.06 -31.05 43.84
CA LEU A 59 12.07 -29.63 43.52
C LEU A 59 10.73 -28.99 43.86
N ASP A 60 10.78 -27.81 44.46
CA ASP A 60 9.63 -26.92 44.56
C ASP A 60 9.93 -25.68 43.73
N ILE A 61 9.12 -25.45 42.69
CA ILE A 61 9.42 -24.39 41.73
C ILE A 61 8.92 -23.03 42.19
N SER A 62 8.05 -22.98 43.19
CA SER A 62 7.55 -21.74 43.79
C SER A 62 7.55 -21.88 45.31
N CYS A 63 8.70 -22.31 45.86
CA CYS A 63 8.76 -22.82 47.22
C CYS A 63 8.37 -21.81 48.29
N GLY A 64 8.44 -20.51 47.99
CA GLY A 64 8.10 -19.54 49.01
C GLY A 64 9.04 -19.66 50.20
N CYS A 65 8.46 -19.67 51.40
CA CYS A 65 9.23 -19.85 52.63
C CYS A 65 9.52 -21.31 52.93
N GLY A 66 9.32 -22.21 51.97
CA GLY A 66 9.63 -23.61 52.18
C GLY A 66 8.53 -24.41 52.84
N ASN A 67 7.27 -24.08 52.57
CA ASN A 67 6.16 -24.86 53.16
C ASN A 67 6.30 -26.33 52.82
N PHE A 68 6.65 -26.64 51.58
CA PHE A 68 6.78 -28.03 51.14
C PHE A 68 8.18 -28.60 51.39
N LEU A 69 9.22 -27.79 51.19
CA LEU A 69 10.58 -28.32 51.19
C LEU A 69 11.04 -28.75 52.58
N LEU A 70 10.61 -28.05 53.64
CA LEU A 70 10.97 -28.48 54.99
C LEU A 70 10.34 -29.83 55.32
N GLU A 71 9.08 -30.03 54.94
CA GLU A 71 8.46 -31.34 55.12
C GLU A 71 9.16 -32.41 54.29
N VAL A 72 9.59 -32.04 53.07
CA VAL A 72 10.37 -32.96 52.25
C VAL A 72 11.65 -33.35 52.97
N TYR A 73 12.31 -32.39 53.60
CA TYR A 73 13.52 -32.68 54.37
C TYR A 73 13.22 -33.68 55.47
N ASP A 74 12.13 -33.48 56.21
CA ASP A 74 11.80 -34.40 57.30
C ASP A 74 11.55 -35.81 56.79
N ILE A 75 10.76 -35.93 55.72
CA ILE A 75 10.45 -37.24 55.16
C ILE A 75 11.74 -37.92 54.68
N LEU A 76 12.59 -37.17 53.99
CA LEU A 76 13.85 -37.72 53.50
C LEU A 76 14.76 -38.15 54.64
N TYR A 77 14.81 -37.37 55.72
CA TYR A 77 15.68 -37.73 56.84
C TYR A 77 15.22 -39.04 57.46
N ASP A 78 13.90 -39.21 57.65
CA ASP A 78 13.41 -40.50 58.13
C ASP A 78 13.78 -41.62 57.16
N LEU A 79 13.62 -41.37 55.86
CA LEU A 79 13.88 -42.40 54.86
C LEU A 79 15.33 -42.85 54.88
N PHE A 80 16.27 -41.90 54.99
CA PHE A 80 17.69 -42.25 55.01
C PHE A 80 18.07 -42.92 56.32
N GLU A 81 17.59 -42.38 57.45
CA GLU A 81 18.00 -42.94 58.74
C GLU A 81 17.46 -44.35 58.92
N GLU A 82 16.30 -44.66 58.34
CA GLU A 82 15.75 -45.99 58.52
C GLU A 82 16.52 -47.06 57.74
N ASN A 83 17.24 -46.68 56.68
CA ASN A 83 18.00 -47.63 55.86
C ASN A 83 19.49 -47.30 55.82
N ILE A 84 19.98 -46.56 56.81
CA ILE A 84 21.38 -46.14 56.81
C ILE A 84 22.33 -47.32 56.75
N TYR A 85 22.03 -48.42 57.44
CA TYR A 85 22.96 -49.54 57.42
C TYR A 85 22.92 -50.30 56.11
N GLU A 86 21.74 -50.44 55.50
CA GLU A 86 21.66 -51.04 54.18
C GLU A 86 22.44 -50.22 53.17
N LEU A 87 22.30 -48.88 53.23
CA LEU A 87 23.05 -48.01 52.34
C LEU A 87 24.55 -48.13 52.59
N LYS A 88 24.96 -48.18 53.86
CA LYS A 88 26.36 -48.30 54.20
C LYS A 88 26.95 -49.59 53.63
N LYS A 89 26.20 -50.68 53.70
CA LYS A 89 26.71 -51.95 53.18
C LYS A 89 26.74 -51.96 51.65
N LYS A 90 25.71 -51.39 51.00
CA LYS A 90 25.63 -51.47 49.54
C LYS A 90 26.58 -50.50 48.85
N TYR A 91 26.88 -49.36 49.46
CA TYR A 91 27.64 -48.27 48.84
C TYR A 91 28.85 -47.95 49.71
N ASP A 92 29.48 -46.81 49.43
CA ASP A 92 30.62 -46.34 50.22
C ASP A 92 30.26 -46.34 51.70
N GLU A 93 30.88 -47.24 52.47
CA GLU A 93 30.53 -47.38 53.88
C GLU A 93 30.99 -46.19 54.71
N ASN A 94 31.99 -45.43 54.23
CA ASN A 94 32.41 -44.23 54.94
C ASN A 94 31.46 -43.05 54.67
N TYR A 95 30.84 -43.01 53.50
CA TYR A 95 29.98 -41.88 53.15
C TYR A 95 28.62 -41.95 53.84
N TRP A 96 28.09 -43.16 54.03
CA TRP A 96 26.72 -43.35 54.50
C TRP A 96 26.73 -43.54 56.02
N THR A 97 26.69 -42.42 56.73
CA THR A 97 26.54 -42.40 58.18
C THR A 97 25.39 -41.48 58.52
N VAL A 98 24.79 -41.70 59.69
CA VAL A 98 23.66 -40.87 60.11
C VAL A 98 24.08 -39.41 60.21
N ASP A 99 25.27 -39.16 60.78
CA ASP A 99 25.76 -37.80 60.93
C ASP A 99 25.98 -37.12 59.60
N ASN A 100 26.04 -37.87 58.51
CA ASN A 100 26.22 -37.32 57.17
C ASN A 100 24.91 -37.13 56.41
N ILE A 101 23.77 -37.49 57.00
CA ILE A 101 22.52 -37.45 56.25
C ILE A 101 22.16 -36.02 55.89
N HIS A 102 22.16 -35.13 56.87
CA HIS A 102 21.81 -33.73 56.66
C HIS A 102 22.54 -33.16 55.44
N ARG A 103 23.87 -33.16 55.48
CA ARG A 103 24.67 -32.64 54.37
C ARG A 103 24.22 -33.27 53.06
N HIS A 104 24.11 -34.60 53.03
CA HIS A 104 23.73 -35.27 51.79
C HIS A 104 22.41 -34.70 51.27
N ILE A 105 21.40 -34.61 52.14
CA ILE A 105 20.09 -34.14 51.70
C ILE A 105 20.20 -32.77 51.04
N LEU A 106 20.99 -31.88 51.64
CA LEU A 106 21.07 -30.54 51.09
C LEU A 106 21.92 -30.50 49.82
N ASN A 107 22.92 -31.38 49.71
CA ASN A 107 23.81 -31.31 48.56
C ASN A 107 23.13 -31.82 47.29
N TYR A 108 22.32 -32.87 47.42
CA TYR A 108 21.90 -33.64 46.26
C TYR A 108 20.39 -33.80 46.10
N CYS A 109 19.58 -33.48 47.12
CA CYS A 109 18.18 -33.91 47.08
C CYS A 109 17.17 -32.78 47.03
N ILE A 110 17.34 -31.72 47.80
CA ILE A 110 16.34 -30.66 47.91
C ILE A 110 16.72 -29.52 46.98
N TYR A 111 15.78 -29.12 46.12
CA TYR A 111 15.94 -28.01 45.20
C TYR A 111 14.72 -27.10 45.30
N GLY A 112 14.96 -25.80 45.31
CA GLY A 112 13.87 -24.84 45.42
C GLY A 112 14.14 -23.60 44.59
N ALA A 113 13.06 -23.02 44.09
CA ALA A 113 13.13 -21.79 43.29
C ALA A 113 12.00 -20.86 43.71
N ASP A 114 12.30 -19.56 43.78
CA ASP A 114 11.27 -18.57 44.05
C ASP A 114 11.79 -17.19 43.66
N ILE A 115 10.90 -16.37 43.11
CA ILE A 115 11.27 -15.04 42.63
C ILE A 115 11.50 -14.04 43.75
N ASP A 116 11.08 -14.36 44.98
CA ASP A 116 11.20 -13.47 46.13
C ASP A 116 12.45 -13.83 46.93
N GLU A 117 13.42 -12.92 46.97
CA GLU A 117 14.70 -13.24 47.62
C GLU A 117 14.58 -13.34 49.13
N LYS A 118 13.66 -12.58 49.73
CA LYS A 118 13.49 -12.68 51.19
C LYS A 118 13.01 -14.07 51.57
N ALA A 119 12.08 -14.63 50.80
CA ALA A 119 11.60 -15.98 51.06
C ALA A 119 12.74 -16.99 50.93
N ILE A 120 13.58 -16.83 49.92
CA ILE A 120 14.70 -17.75 49.72
C ILE A 120 15.69 -17.63 50.88
N SER A 121 15.95 -16.41 51.36
CA SER A 121 16.85 -16.24 52.50
C SER A 121 16.30 -16.94 53.73
N ILE A 122 14.99 -16.76 53.99
CA ILE A 122 14.37 -17.41 55.14
C ILE A 122 14.47 -18.92 55.01
N LEU A 123 14.18 -19.46 53.82
CA LEU A 123 14.23 -20.90 53.62
C LEU A 123 15.64 -21.45 53.77
N LYS A 124 16.64 -20.71 53.28
CA LYS A 124 18.02 -21.12 53.45
C LYS A 124 18.37 -21.22 54.93
N ASP A 125 17.94 -20.22 55.72
CA ASP A 125 18.19 -20.28 57.15
C ASP A 125 17.49 -21.48 57.80
N SER A 126 16.26 -21.77 57.38
CA SER A 126 15.53 -22.89 57.96
C SER A 126 16.24 -24.22 57.67
N LEU A 127 16.57 -24.46 56.40
CA LEU A 127 17.25 -25.69 56.02
C LEU A 127 18.62 -25.81 56.71
N THR A 128 19.32 -24.69 56.86
CA THR A 128 20.58 -24.72 57.60
C THR A 128 20.37 -25.09 59.06
N ASN A 129 19.29 -24.58 59.68
CA ASN A 129 19.02 -24.83 61.09
C ASN A 129 18.36 -26.18 61.33
N LYS A 130 18.08 -26.95 60.28
CA LYS A 130 17.65 -28.33 60.48
C LYS A 130 18.67 -29.18 61.24
N LYS A 131 19.95 -28.79 61.25
CA LYS A 131 20.99 -29.58 61.91
C LYS A 131 21.43 -28.97 63.23
N VAL A 132 21.89 -27.72 63.22
CA VAL A 132 22.30 -26.99 64.43
C VAL A 132 23.27 -27.78 65.31
N GLU A 138 31.69 -25.92 61.06
CA GLU A 138 32.24 -26.87 60.09
C GLU A 138 32.34 -26.28 58.68
N SER A 139 32.64 -27.13 57.70
CA SER A 139 32.71 -26.69 56.31
C SER A 139 31.31 -26.42 55.75
N ASP A 140 31.23 -25.46 54.83
CA ASP A 140 29.95 -24.94 54.38
C ASP A 140 29.28 -25.86 53.36
N ILE A 141 27.95 -25.83 53.36
CA ILE A 141 27.12 -26.69 52.52
C ILE A 141 26.43 -25.83 51.47
N LYS A 142 26.39 -26.34 50.24
CA LYS A 142 25.76 -25.64 49.13
C LYS A 142 24.31 -26.07 49.03
N ILE A 143 23.38 -25.13 49.27
CA ILE A 143 21.95 -25.38 49.20
C ILE A 143 21.45 -24.98 47.81
N ASN A 144 20.73 -25.88 47.15
CA ASN A 144 20.24 -25.65 45.79
C ASN A 144 18.95 -24.83 45.85
N LEU A 145 19.13 -23.54 46.14
CA LEU A 145 18.05 -22.57 46.16
C LEU A 145 18.32 -21.48 45.15
N PHE A 146 17.37 -21.25 44.26
CA PHE A 146 17.52 -20.28 43.18
C PHE A 146 16.50 -19.18 43.35
N CYS A 147 16.98 -17.93 43.37
CA CYS A 147 16.11 -16.76 43.37
C CYS A 147 16.01 -16.29 41.92
N CYS A 148 14.91 -16.63 41.28
CA CYS A 148 14.75 -16.40 39.84
C CYS A 148 13.28 -16.54 39.47
N ASP A 149 12.97 -16.13 38.25
CA ASP A 149 11.69 -16.42 37.62
C ASP A 149 11.76 -17.83 37.05
N SER A 150 11.02 -18.76 37.65
CA SER A 150 11.11 -20.16 37.25
C SER A 150 10.69 -20.39 35.80
N LEU A 151 9.92 -19.47 35.22
CA LEU A 151 9.52 -19.60 33.83
C LEU A 151 10.57 -19.09 32.85
N LYS A 152 11.64 -18.48 33.34
CA LYS A 152 12.74 -18.01 32.50
C LYS A 152 14.05 -18.74 32.74
N LYS A 153 14.18 -19.44 33.87
CA LYS A 153 15.44 -20.08 34.21
C LYS A 153 15.77 -21.19 33.22
N LYS A 154 17.03 -21.23 32.80
CA LYS A 154 17.55 -22.36 32.03
C LYS A 154 17.76 -23.52 32.99
N TRP A 155 16.79 -24.43 33.05
CA TRP A 155 16.88 -25.59 33.91
C TRP A 155 17.82 -26.61 33.28
N ARG A 156 18.89 -26.94 33.99
CA ARG A 156 19.99 -27.70 33.41
C ARG A 156 19.93 -29.18 33.70
N TYR A 157 18.86 -29.66 34.35
CA TYR A 157 18.62 -31.09 34.48
C TYR A 157 17.19 -31.28 34.96
N LYS A 158 16.68 -32.51 34.77
CA LYS A 158 15.32 -32.85 35.14
C LYS A 158 15.29 -33.33 36.60
N PHE A 159 14.09 -33.66 37.09
CA PHE A 159 13.89 -33.93 38.50
C PHE A 159 13.03 -35.16 38.72
N ASP A 160 13.35 -35.89 39.79
CA ASP A 160 12.61 -37.10 40.12
C ASP A 160 11.22 -36.77 40.67
N TYR A 161 11.11 -35.74 41.50
CA TYR A 161 9.85 -35.40 42.13
C TYR A 161 9.69 -33.88 42.18
N ILE A 162 8.49 -33.41 41.84
CA ILE A 162 8.16 -31.99 41.86
C ILE A 162 6.88 -31.79 42.65
N VAL A 163 6.93 -30.90 43.64
CA VAL A 163 5.79 -30.60 44.51
C VAL A 163 5.71 -29.08 44.68
N GLY A 164 4.52 -28.61 45.04
CA GLY A 164 4.38 -27.23 45.46
C GLY A 164 3.03 -26.64 45.08
N ASN A 165 2.98 -25.32 45.18
CA ASN A 165 1.74 -24.55 44.98
C ASN A 165 2.08 -23.31 44.15
N PRO A 166 1.82 -23.34 42.85
CA PRO A 166 2.29 -22.27 41.96
C PRO A 166 1.51 -20.99 42.17
N PRO A 167 1.99 -19.86 41.67
CA PRO A 167 1.20 -18.62 41.71
C PRO A 167 0.05 -18.67 40.71
N TYR A 168 -1.10 -18.14 41.13
CA TYR A 168 -2.26 -18.00 40.25
C TYR A 168 -2.44 -16.52 39.93
N ILE A 169 -2.32 -16.17 38.65
CA ILE A 169 -2.49 -14.78 38.22
C ILE A 169 -3.28 -14.78 36.92
N GLY A 170 -4.46 -14.16 36.93
CA GLY A 170 -5.31 -14.11 35.77
C GLY A 170 -4.92 -13.00 34.81
N HIS A 171 -5.68 -12.92 33.71
CA HIS A 171 -5.32 -12.05 32.60
C HIS A 171 -5.38 -10.56 32.97
N LYS A 172 -6.09 -10.21 34.05
CA LYS A 172 -6.21 -8.81 34.43
C LYS A 172 -5.09 -8.35 35.36
N LYS A 173 -4.59 -9.22 36.21
CA LYS A 173 -3.57 -8.86 37.20
C LYS A 173 -2.16 -9.20 36.72
N LEU A 174 -2.01 -9.61 35.47
CA LEU A 174 -0.72 -9.90 34.87
C LEU A 174 -0.33 -8.75 33.95
N GLU A 175 0.91 -8.27 34.07
CA GLU A 175 1.35 -7.15 33.26
C GLU A 175 1.44 -7.54 31.79
N LYS A 176 1.16 -6.58 30.91
CA LYS A 176 1.09 -6.86 29.48
C LYS A 176 2.46 -7.25 28.92
N LYS A 177 3.53 -6.61 29.41
CA LYS A 177 4.87 -6.94 28.94
C LYS A 177 5.20 -8.41 29.23
N TYR A 178 4.83 -8.89 30.43
CA TYR A 178 5.06 -10.29 30.76
C TYR A 178 4.15 -11.21 29.96
N LYS A 179 2.92 -10.76 29.69
CA LYS A 179 1.99 -11.60 28.95
C LYS A 179 2.44 -11.78 27.49
N LYS A 180 3.10 -10.78 26.91
CA LYS A 180 3.68 -10.98 25.58
C LYS A 180 4.70 -12.11 25.60
N PHE A 181 5.57 -12.13 26.63
CA PHE A 181 6.54 -13.19 26.77
C PHE A 181 5.87 -14.54 26.92
N LEU A 182 4.81 -14.61 27.72
CA LEU A 182 4.11 -15.89 27.91
C LEU A 182 3.46 -16.35 26.61
N LEU A 183 2.82 -15.43 25.88
CA LEU A 183 2.18 -15.80 24.63
C LEU A 183 3.19 -16.25 23.59
N GLU A 184 4.43 -15.76 23.66
CA GLU A 184 5.45 -16.20 22.71
C GLU A 184 6.07 -17.53 23.11
N LYS A 185 6.49 -17.67 24.37
CA LYS A 185 7.26 -18.83 24.79
C LYS A 185 6.43 -19.97 25.35
N TYR A 186 5.22 -19.70 25.84
CA TYR A 186 4.36 -20.72 26.43
C TYR A 186 3.06 -20.88 25.65
N SER A 187 3.14 -20.73 24.33
CA SER A 187 1.94 -20.75 23.50
C SER A 187 1.18 -22.06 23.56
N GLU A 188 1.84 -23.15 23.96
CA GLU A 188 1.17 -24.45 23.98
C GLU A 188 0.07 -24.52 25.02
N VAL A 189 0.17 -23.73 26.09
CA VAL A 189 -0.81 -23.81 27.16
C VAL A 189 -1.38 -22.44 27.49
N TYR A 190 -0.79 -21.38 26.93
CA TYR A 190 -1.17 -20.02 27.30
C TYR A 190 -1.59 -19.24 26.06
N LYS A 191 -2.90 -19.08 25.87
CA LYS A 191 -3.47 -18.13 24.93
C LYS A 191 -4.54 -17.32 25.63
N ASP A 192 -4.97 -16.24 24.97
CA ASP A 192 -6.18 -15.51 25.35
C ASP A 192 -6.28 -15.25 26.84
N LYS A 193 -7.35 -15.71 27.48
CA LYS A 193 -7.65 -15.43 28.87
C LYS A 193 -7.06 -16.46 29.83
N ALA A 194 -5.99 -17.16 29.43
CA ALA A 194 -5.40 -18.18 30.26
C ALA A 194 -4.76 -17.56 31.52
N ASP A 195 -4.31 -18.44 32.41
CA ASP A 195 -3.76 -18.04 33.70
C ASP A 195 -2.28 -18.40 33.78
N LEU A 196 -1.59 -17.73 34.71
CA LEU A 196 -0.15 -17.93 34.87
C LEU A 196 0.18 -19.36 35.25
N TYR A 197 -0.66 -20.01 36.06
CA TYR A 197 -0.32 -21.34 36.54
C TYR A 197 -0.41 -22.40 35.45
N PHE A 198 -1.07 -22.11 34.34
CA PHE A 198 -0.97 -22.99 33.17
C PHE A 198 0.48 -23.20 32.78
N CYS A 199 1.25 -22.10 32.75
CA CYS A 199 2.65 -22.17 32.37
C CYS A 199 3.46 -22.95 33.39
N PHE A 200 3.10 -22.87 34.67
CA PHE A 200 3.81 -23.67 35.67
C PHE A 200 3.52 -25.15 35.49
N TYR A 201 2.29 -25.51 35.15
CA TYR A 201 2.01 -26.89 34.77
C TYR A 201 2.92 -27.32 33.62
N LYS A 202 3.01 -26.47 32.59
CA LYS A 202 3.87 -26.75 31.45
C LYS A 202 5.32 -26.97 31.88
N LYS A 203 5.86 -26.05 32.67
CA LYS A 203 7.26 -26.12 33.07
C LYS A 203 7.52 -27.35 33.93
N ILE A 204 6.64 -27.64 34.89
CA ILE A 204 6.81 -28.79 35.76
C ILE A 204 6.83 -30.07 34.94
N ILE A 205 5.89 -30.20 34.00
CA ILE A 205 5.87 -31.40 33.17
C ILE A 205 7.15 -31.50 32.35
N ASP A 206 7.63 -30.37 31.82
CA ASP A 206 8.78 -30.43 30.93
C ASP A 206 10.08 -30.78 31.66
N ILE A 207 10.22 -30.43 32.93
CA ILE A 207 11.45 -30.69 33.67
C ILE A 207 11.30 -31.88 34.63
N LEU A 208 10.33 -32.75 34.37
CA LEU A 208 10.14 -33.96 35.17
C LEU A 208 10.85 -35.12 34.50
N LYS A 209 11.65 -35.85 35.28
CA LYS A 209 12.41 -36.98 34.75
C LYS A 209 11.47 -38.10 34.34
N GLN A 210 11.94 -38.92 33.40
CA GLN A 210 11.19 -40.12 33.04
C GLN A 210 11.02 -41.01 34.26
N GLY A 211 9.78 -41.43 34.51
CA GLY A 211 9.46 -42.15 35.72
C GLY A 211 9.27 -41.28 36.94
N GLY A 212 9.37 -39.95 36.81
CA GLY A 212 9.16 -39.07 37.93
C GLY A 212 7.69 -38.89 38.27
N ILE A 213 7.46 -38.24 39.42
CA ILE A 213 6.11 -37.99 39.92
C ILE A 213 6.00 -36.53 40.34
N GLY A 214 4.96 -35.86 39.86
CA GLY A 214 4.67 -34.49 40.26
C GLY A 214 3.32 -34.40 40.92
N SER A 215 3.22 -33.56 41.95
CA SER A 215 1.98 -33.37 42.68
C SER A 215 1.87 -31.92 43.10
N VAL A 216 0.81 -31.24 42.67
CA VAL A 216 0.63 -29.81 42.92
C VAL A 216 -0.80 -29.53 43.34
N ILE A 217 -0.99 -28.37 43.98
CA ILE A 217 -2.31 -27.85 44.28
C ILE A 217 -2.50 -26.56 43.50
N THR A 218 -3.51 -26.54 42.63
CA THR A 218 -3.75 -25.38 41.78
C THR A 218 -5.23 -25.01 41.86
N PRO A 219 -5.67 -23.95 41.18
CA PRO A 219 -7.12 -23.76 41.02
C PRO A 219 -7.72 -24.91 40.22
N ARG A 220 -8.99 -25.17 40.48
CA ARG A 220 -9.68 -26.25 39.79
C ARG A 220 -10.22 -25.85 38.42
N TYR A 221 -10.20 -24.56 38.10
CA TYR A 221 -10.99 -24.06 36.98
C TYR A 221 -10.51 -24.61 35.63
N PHE A 222 -9.22 -24.92 35.51
CA PHE A 222 -8.72 -25.42 34.24
C PHE A 222 -9.35 -26.75 33.85
N LEU A 223 -9.89 -27.50 34.82
CA LEU A 223 -10.51 -28.78 34.52
C LEU A 223 -11.70 -28.63 33.58
N GLU A 224 -12.40 -27.50 33.65
CA GLU A 224 -13.62 -27.29 32.85
C GLU A 224 -13.58 -26.05 31.97
N SER A 225 -12.69 -25.09 32.25
CA SER A 225 -12.78 -23.79 31.58
C SER A 225 -12.39 -23.88 30.11
N LEU A 226 -12.93 -22.96 29.32
CA LEU A 226 -12.56 -22.86 27.92
C LEU A 226 -11.08 -22.52 27.76
N SER A 227 -10.55 -21.69 28.66
CA SER A 227 -9.15 -21.29 28.56
C SER A 227 -8.22 -22.47 28.78
N GLY A 228 -8.62 -23.44 29.60
CA GLY A 228 -7.77 -24.57 29.94
C GLY A 228 -7.76 -25.69 28.94
N LYS A 229 -8.42 -25.54 27.79
CA LYS A 229 -8.51 -26.62 26.82
C LYS A 229 -7.12 -27.11 26.39
N ASP A 230 -6.26 -26.19 25.99
CA ASP A 230 -4.92 -26.58 25.52
C ASP A 230 -4.05 -27.12 26.65
N LEU A 231 -4.19 -26.55 27.86
CA LEU A 231 -3.48 -27.10 29.02
C LEU A 231 -3.92 -28.54 29.31
N ARG A 232 -5.23 -28.79 29.25
CA ARG A 232 -5.72 -30.15 29.45
C ARG A 232 -5.17 -31.08 28.39
N GLU A 233 -5.14 -30.64 27.13
CA GLU A 233 -4.54 -31.45 26.08
C GLU A 233 -3.09 -31.78 26.39
N TYR A 234 -2.33 -30.78 26.85
CA TYR A 234 -0.92 -30.99 27.14
C TYR A 234 -0.74 -32.02 28.26
N ILE A 235 -1.47 -31.85 29.36
CA ILE A 235 -1.35 -32.79 30.47
C ILE A 235 -1.74 -34.20 30.02
N LYS A 236 -2.86 -34.32 29.32
CA LYS A 236 -3.34 -35.63 28.90
C LYS A 236 -2.33 -36.32 27.99
N SER A 237 -1.67 -35.57 27.11
CA SER A 237 -0.78 -36.18 26.13
C SER A 237 0.67 -36.25 26.56
N ASN A 238 1.03 -35.75 27.75
CA ASN A 238 2.43 -35.83 28.16
C ASN A 238 2.69 -36.56 29.46
N VAL A 239 1.71 -36.67 30.35
CA VAL A 239 1.89 -37.39 31.61
C VAL A 239 0.71 -38.32 31.84
N ASN A 240 0.92 -39.27 32.74
CA ASN A 240 -0.16 -40.11 33.24
C ASN A 240 -0.73 -39.45 34.49
N VAL A 241 -1.99 -39.06 34.44
CA VAL A 241 -2.62 -38.45 35.60
C VAL A 241 -2.98 -39.56 36.58
N GLN A 242 -2.32 -39.55 37.75
CA GLN A 242 -2.63 -40.55 38.76
C GLN A 242 -3.92 -40.23 39.48
N GLU A 243 -4.04 -39.00 39.98
CA GLU A 243 -5.13 -38.69 40.90
C GLU A 243 -5.51 -37.22 40.83
N ILE A 244 -6.82 -36.97 40.81
CA ILE A 244 -7.38 -35.63 40.88
C ILE A 244 -8.23 -35.54 42.14
N VAL A 245 -7.94 -34.55 42.98
CA VAL A 245 -8.71 -34.27 44.18
C VAL A 245 -9.41 -32.94 43.97
N ASP A 246 -10.73 -32.98 43.78
CA ASP A 246 -11.53 -31.81 43.48
C ASP A 246 -12.24 -31.37 44.75
N PHE A 247 -11.83 -30.23 45.32
CA PHE A 247 -12.49 -29.69 46.49
C PHE A 247 -13.71 -28.85 46.15
N LEU A 248 -14.04 -28.71 44.86
CA LEU A 248 -15.19 -27.95 44.39
C LEU A 248 -15.14 -26.56 45.05
N GLY A 249 -16.20 -26.08 45.66
CA GLY A 249 -16.23 -24.74 46.20
C GLY A 249 -15.82 -24.63 47.65
N ALA A 250 -15.17 -25.68 48.18
CA ALA A 250 -14.69 -25.62 49.55
C ALA A 250 -13.61 -24.57 49.68
N ASN A 251 -13.55 -23.93 50.84
CA ASN A 251 -12.56 -22.88 51.09
C ASN A 251 -11.34 -23.52 51.74
N ILE A 252 -10.32 -23.78 50.92
CA ILE A 252 -9.10 -24.43 51.38
C ILE A 252 -8.12 -23.41 51.95
N PHE A 253 -8.02 -22.25 51.32
CA PHE A 253 -7.16 -21.17 51.80
C PHE A 253 -8.05 -20.14 52.53
N LYS A 254 -7.71 -19.87 53.78
CA LYS A 254 -8.48 -18.92 54.58
C LYS A 254 -8.42 -17.53 53.94
N ASN A 255 -9.59 -16.91 53.82
CA ASN A 255 -9.74 -15.53 53.35
C ASN A 255 -9.29 -15.36 51.90
N ILE A 256 -9.22 -16.44 51.13
CA ILE A 256 -8.87 -16.38 49.72
C ILE A 256 -10.06 -16.87 48.90
N GLY A 257 -10.46 -16.09 47.91
CA GLY A 257 -11.56 -16.46 47.05
C GLY A 257 -11.13 -17.30 45.87
N VAL A 258 -10.74 -18.56 46.12
CA VAL A 258 -10.32 -19.46 45.06
C VAL A 258 -10.74 -20.88 45.44
N SER A 259 -11.01 -21.69 44.42
CA SER A 259 -11.41 -23.08 44.58
C SER A 259 -10.30 -23.98 44.06
N SER A 260 -9.93 -25.00 44.83
CA SER A 260 -8.66 -25.68 44.69
C SER A 260 -8.86 -27.13 44.27
N CYS A 261 -7.82 -27.67 43.61
CA CYS A 261 -7.72 -29.10 43.33
C CYS A 261 -6.27 -29.52 43.48
N ILE A 262 -6.07 -30.81 43.68
CA ILE A 262 -4.75 -31.41 43.81
C ILE A 262 -4.56 -32.40 42.66
N LEU A 263 -3.50 -32.21 41.89
CA LEU A 263 -3.20 -33.08 40.76
C LEU A 263 -1.93 -33.87 41.06
N THR A 264 -1.99 -35.18 40.82
CA THR A 264 -0.84 -36.07 40.91
C THR A 264 -0.69 -36.79 39.58
N PHE A 265 0.47 -36.62 38.95
CA PHE A 265 0.78 -37.19 37.64
C PHE A 265 2.17 -37.80 37.69
N ASP A 266 2.45 -38.69 36.75
CA ASP A 266 3.76 -39.32 36.65
C ASP A 266 4.14 -39.49 35.18
N LYS A 267 5.40 -39.82 34.96
CA LYS A 267 5.93 -40.16 33.65
C LYS A 267 6.43 -41.59 33.62
N LYS A 268 5.67 -42.49 34.25
CA LYS A 268 6.05 -43.89 34.37
C LYS A 268 5.54 -44.69 33.18
N LYS A 269 6.28 -45.77 32.86
CA LYS A 269 5.90 -46.67 31.78
C LYS A 269 4.77 -47.56 32.27
N THR A 270 3.54 -47.05 32.17
CA THR A 270 2.35 -47.76 32.58
C THR A 270 1.49 -48.06 31.36
N LYS A 271 0.68 -49.13 31.46
CA LYS A 271 -0.13 -49.58 30.36
C LYS A 271 -1.62 -49.32 30.56
N GLU A 272 -2.03 -48.75 31.69
CA GLU A 272 -3.45 -48.66 32.03
C GLU A 272 -4.03 -47.26 31.82
N THR A 273 -3.43 -46.24 32.42
CA THR A 273 -3.91 -44.86 32.33
C THR A 273 -5.35 -44.74 32.84
N TYR A 274 -5.51 -45.03 34.13
CA TYR A 274 -6.78 -44.82 34.84
C TYR A 274 -6.53 -43.85 35.99
N ILE A 275 -7.41 -42.86 36.12
CA ILE A 275 -7.28 -41.79 37.09
C ILE A 275 -8.22 -42.05 38.25
N ASP A 276 -7.70 -41.89 39.47
CA ASP A 276 -8.51 -41.89 40.68
C ASP A 276 -9.00 -40.46 40.92
N VAL A 277 -10.33 -40.28 40.93
CA VAL A 277 -10.94 -38.98 41.15
C VAL A 277 -11.63 -39.02 42.51
N PHE A 278 -11.27 -38.07 43.37
CA PHE A 278 -11.91 -37.86 44.66
C PHE A 278 -12.63 -36.52 44.59
N LYS A 279 -13.96 -36.56 44.63
CA LYS A 279 -14.80 -35.38 44.52
C LYS A 279 -15.48 -35.15 45.85
N ILE A 280 -15.32 -33.94 46.41
CA ILE A 280 -15.94 -33.63 47.68
C ILE A 280 -17.46 -33.61 47.52
N LYS A 281 -18.17 -34.05 48.56
CA LYS A 281 -19.63 -34.08 48.53
C LYS A 281 -20.26 -33.02 49.42
N ASN A 282 -19.49 -32.39 50.30
CA ASN A 282 -19.99 -31.35 51.18
C ASN A 282 -18.97 -30.23 51.19
N GLU A 283 -19.34 -29.07 50.64
CA GLU A 283 -18.43 -27.94 50.57
C GLU A 283 -18.30 -27.20 51.89
N ASP A 284 -19.14 -27.50 52.87
CA ASP A 284 -19.18 -26.75 54.13
C ASP A 284 -18.21 -27.29 55.17
N ILE A 285 -17.40 -28.29 54.83
CA ILE A 285 -16.53 -28.92 55.81
C ILE A 285 -15.30 -28.06 56.05
N CYS A 286 -14.75 -28.17 57.26
CA CYS A 286 -13.45 -27.61 57.56
C CYS A 286 -12.39 -28.69 57.35
N ILE A 287 -11.21 -28.26 56.89
CA ILE A 287 -10.22 -29.20 56.38
C ILE A 287 -9.54 -29.99 57.49
N ASN A 288 -9.66 -29.55 58.75
CA ASN A 288 -8.97 -30.19 59.87
C ASN A 288 -9.82 -31.25 60.56
N LYS A 289 -10.72 -31.91 59.82
CA LYS A 289 -11.59 -32.91 60.44
C LYS A 289 -10.79 -34.10 60.97
N PHE A 290 -9.77 -34.51 60.23
CA PHE A 290 -8.93 -35.65 60.62
C PHE A 290 -7.47 -35.21 60.65
N GLU A 291 -6.63 -36.08 61.21
CA GLU A 291 -5.20 -35.81 61.29
C GLU A 291 -4.58 -35.78 59.89
N THR A 292 -5.01 -36.68 59.01
CA THR A 292 -4.47 -36.77 57.66
C THR A 292 -5.58 -36.53 56.64
N LEU A 293 -5.17 -36.11 55.44
CA LEU A 293 -6.14 -35.94 54.36
C LEU A 293 -6.62 -37.28 53.82
N GLU A 294 -5.79 -38.33 53.96
CA GLU A 294 -6.19 -39.65 53.47
C GLU A 294 -7.45 -40.14 54.17
N GLU A 295 -7.57 -39.87 55.48
CA GLU A 295 -8.78 -40.22 56.21
C GLU A 295 -9.98 -39.47 55.65
N LEU A 296 -9.81 -38.19 55.31
CA LEU A 296 -10.91 -37.43 54.73
C LEU A 296 -11.33 -38.00 53.39
N LEU A 297 -10.36 -38.35 52.53
CA LEU A 297 -10.71 -38.86 51.22
C LEU A 297 -11.39 -40.23 51.30
N LYS A 298 -10.92 -41.09 52.21
CA LYS A 298 -11.53 -42.41 52.35
C LYS A 298 -12.90 -42.36 53.03
N SER A 299 -13.29 -41.22 53.59
CA SER A 299 -14.51 -41.12 54.38
C SER A 299 -15.72 -40.85 53.50
N SER A 300 -16.87 -40.66 54.14
CA SER A 300 -18.11 -40.34 53.46
C SER A 300 -18.17 -38.89 52.99
N LYS A 301 -17.20 -38.06 53.37
CA LYS A 301 -17.19 -36.68 52.92
C LYS A 301 -16.77 -36.55 51.46
N PHE A 302 -16.08 -37.56 50.92
CA PHE A 302 -15.65 -37.59 49.54
C PHE A 302 -16.23 -38.81 48.84
N GLU A 303 -16.39 -38.71 47.53
CA GLU A 303 -16.73 -39.86 46.70
C GLU A 303 -15.57 -40.13 45.75
N HIS A 304 -15.35 -41.42 45.48
CA HIS A 304 -14.26 -41.85 44.62
C HIS A 304 -14.81 -42.52 43.38
N PHE A 305 -14.19 -42.24 42.23
CA PHE A 305 -14.50 -42.97 41.01
C PHE A 305 -13.31 -42.92 40.06
N ASN A 306 -13.31 -43.82 39.09
CA ASN A 306 -12.20 -43.96 38.16
C ASN A 306 -12.59 -43.44 36.78
N ILE A 307 -11.65 -42.72 36.16
CA ILE A 307 -11.85 -42.17 34.82
C ILE A 307 -10.73 -42.66 33.91
N ASN A 308 -11.09 -43.19 32.75
CA ASN A 308 -10.10 -43.64 31.78
C ASN A 308 -9.50 -42.44 31.07
N GLN A 309 -8.19 -42.23 31.24
CA GLN A 309 -7.55 -41.07 30.63
C GLN A 309 -7.60 -41.12 29.12
N ARG A 310 -7.59 -42.32 28.54
CA ARG A 310 -7.67 -42.46 27.09
C ARG A 310 -9.04 -42.09 26.55
N LEU A 311 -10.07 -42.08 27.40
CA LEU A 311 -11.41 -41.71 26.97
C LEU A 311 -11.72 -40.23 27.16
N LEU A 312 -10.76 -39.44 27.62
CA LEU A 312 -10.97 -38.01 27.75
C LEU A 312 -10.95 -37.35 26.37
N SER A 313 -11.99 -36.60 26.06
CA SER A 313 -12.00 -35.74 24.89
C SER A 313 -11.30 -34.43 25.26
N ASP A 314 -11.46 -33.40 24.42
CA ASP A 314 -10.92 -32.10 24.81
C ASP A 314 -11.58 -31.56 26.07
N GLU A 315 -12.75 -32.06 26.43
CA GLU A 315 -13.39 -31.78 27.70
C GLU A 315 -13.27 -32.99 28.61
N TRP A 316 -12.92 -32.75 29.87
CA TRP A 316 -12.81 -33.81 30.86
C TRP A 316 -14.11 -33.88 31.64
N ILE A 317 -14.88 -34.94 31.41
CA ILE A 317 -16.14 -35.17 32.12
C ILE A 317 -15.83 -36.15 33.24
N LEU A 318 -15.63 -35.63 34.45
CA LEU A 318 -15.21 -36.40 35.60
C LEU A 318 -16.42 -36.62 36.50
N VAL A 319 -17.20 -37.67 36.20
CA VAL A 319 -18.41 -37.98 36.93
C VAL A 319 -18.48 -39.48 37.17
N ASN A 320 -19.26 -39.86 38.18
CA ASN A 320 -19.44 -41.26 38.49
C ASN A 320 -20.29 -41.94 37.41
N LYS A 321 -20.40 -43.27 37.51
CA LYS A 321 -21.05 -44.05 36.47
C LYS A 321 -22.51 -43.68 36.30
N ASP A 322 -23.21 -43.43 37.42
CA ASP A 322 -24.61 -43.01 37.35
C ASP A 322 -24.74 -41.68 36.59
N ASP A 323 -23.91 -40.71 36.96
CA ASP A 323 -23.96 -39.41 36.30
C ASP A 323 -23.53 -39.52 34.83
N GLU A 324 -22.54 -40.36 34.53
CA GLU A 324 -22.15 -40.55 33.15
C GLU A 324 -23.28 -41.14 32.32
N THR A 325 -23.99 -42.12 32.88
CA THR A 325 -25.14 -42.69 32.18
C THR A 325 -26.20 -41.63 31.94
N PHE A 326 -26.49 -40.83 32.97
CA PHE A 326 -27.44 -39.72 32.86
C PHE A 326 -27.05 -38.78 31.71
N TYR A 327 -25.80 -38.32 31.72
CA TYR A 327 -25.33 -37.35 30.74
C TYR A 327 -25.36 -37.93 29.33
N ASN A 328 -24.87 -39.16 29.15
CA ASN A 328 -24.86 -39.76 27.83
C ASN A 328 -26.27 -40.00 27.32
N LYS A 329 -27.19 -40.40 28.20
CA LYS A 329 -28.58 -40.57 27.79
C LYS A 329 -29.15 -39.26 27.25
N ILE A 330 -28.94 -38.17 27.99
CA ILE A 330 -29.47 -36.88 27.54
C ILE A 330 -28.83 -36.45 26.23
N GLN A 331 -27.49 -36.60 26.12
CA GLN A 331 -26.80 -36.19 24.91
C GLN A 331 -27.29 -36.98 23.70
N GLU A 332 -27.52 -38.28 23.87
CA GLU A 332 -27.96 -39.11 22.75
C GLU A 332 -29.39 -38.76 22.34
N LYS A 333 -30.28 -38.52 23.30
CA LYS A 333 -31.68 -38.31 22.95
C LYS A 333 -31.90 -36.96 22.25
N CYS A 334 -31.16 -35.92 22.66
CA CYS A 334 -31.42 -34.57 22.16
C CYS A 334 -30.73 -34.34 20.82
N LYS A 335 -31.50 -33.86 19.84
CA LYS A 335 -30.99 -33.65 18.48
C LYS A 335 -30.58 -32.21 18.20
N TYR A 336 -30.89 -31.27 19.09
CA TYR A 336 -30.52 -29.87 18.89
C TYR A 336 -29.75 -29.37 20.09
N SER A 337 -28.93 -28.35 19.86
CA SER A 337 -28.31 -27.58 20.91
C SER A 337 -28.82 -26.15 20.84
N LEU A 338 -28.68 -25.42 21.95
CA LEU A 338 -29.13 -24.03 21.97
C LEU A 338 -28.41 -23.20 20.91
N GLU A 339 -27.12 -23.46 20.72
CA GLU A 339 -26.36 -22.77 19.69
C GLU A 339 -27.00 -22.96 18.31
N ASP A 340 -27.56 -24.14 18.06
CA ASP A 340 -28.19 -24.40 16.77
C ASP A 340 -29.41 -23.52 16.55
N ILE A 341 -30.20 -23.30 17.61
CA ILE A 341 -31.51 -22.65 17.46
C ILE A 341 -31.52 -21.20 17.94
N ALA A 342 -30.45 -20.73 18.58
CA ALA A 342 -30.49 -19.44 19.25
C ALA A 342 -29.29 -18.59 18.87
N ILE A 343 -29.48 -17.28 19.03
CA ILE A 343 -28.44 -16.27 18.92
C ILE A 343 -28.17 -15.77 20.33
N SER A 344 -26.91 -15.86 20.76
CA SER A 344 -26.49 -15.50 22.10
C SER A 344 -25.71 -14.19 22.07
N PHE A 345 -25.76 -13.47 23.19
CA PHE A 345 -24.93 -12.28 23.32
C PHE A 345 -24.75 -11.89 24.78
N GLN A 346 -23.56 -11.35 25.06
CA GLN A 346 -23.23 -10.73 26.33
C GLN A 346 -23.87 -9.35 26.44
N GLY A 347 -24.05 -8.90 27.66
CA GLY A 347 -24.74 -7.65 27.91
C GLY A 347 -23.87 -6.44 27.65
N ILE A 348 -24.45 -5.28 27.97
CA ILE A 348 -23.74 -4.01 27.82
C ILE A 348 -22.52 -3.98 28.71
N ILE A 349 -21.41 -3.44 28.20
CA ILE A 349 -20.24 -3.15 29.01
C ILE A 349 -20.01 -1.65 28.91
N THR A 350 -20.43 -0.91 29.93
CA THR A 350 -20.28 0.54 29.90
C THR A 350 -18.83 0.96 29.99
N GLY A 351 -18.04 0.27 30.81
CA GLY A 351 -16.71 0.68 31.14
C GLY A 351 -16.60 1.55 32.37
N CYS A 352 -17.72 2.17 32.78
CA CYS A 352 -17.81 2.81 34.08
C CYS A 352 -19.29 2.88 34.42
N ASP A 353 -19.77 1.93 35.23
CA ASP A 353 -21.21 1.80 35.46
C ASP A 353 -21.77 3.01 36.19
N LYS A 354 -21.03 3.54 37.18
CA LYS A 354 -21.55 4.65 37.97
C LYS A 354 -21.76 5.91 37.14
N ALA A 355 -21.16 6.00 35.96
CA ALA A 355 -21.36 7.17 35.12
C ALA A 355 -22.61 7.07 34.25
N PHE A 356 -23.16 5.86 34.07
CA PHE A 356 -24.26 5.65 33.15
C PHE A 356 -25.50 5.00 33.77
N ILE A 357 -25.40 4.46 34.98
CA ILE A 357 -26.51 3.75 35.61
C ILE A 357 -27.04 4.60 36.74
N LEU A 358 -28.33 4.92 36.68
CA LEU A 358 -28.98 5.71 37.72
C LEU A 358 -30.23 4.99 38.20
N SER A 359 -30.57 5.19 39.47
CA SER A 359 -31.85 4.70 39.95
C SER A 359 -32.98 5.40 39.20
N LYS A 360 -34.06 4.66 38.91
CA LYS A 360 -35.16 5.24 38.14
C LYS A 360 -35.85 6.38 38.86
N ASP A 361 -35.63 6.53 40.17
CA ASP A 361 -36.16 7.63 40.95
C ASP A 361 -35.15 8.76 41.15
N ASP A 362 -33.96 8.65 40.56
CA ASP A 362 -32.97 9.73 40.66
C ASP A 362 -33.49 10.97 39.94
N VAL A 363 -33.33 12.12 40.58
CA VAL A 363 -33.83 13.36 40.01
C VAL A 363 -33.05 13.75 38.75
N LYS A 364 -31.80 13.30 38.66
CA LYS A 364 -30.97 13.63 37.50
C LYS A 364 -31.60 13.14 36.19
N LEU A 365 -32.41 12.08 36.26
CA LEU A 365 -33.06 11.57 35.06
C LEU A 365 -34.03 12.57 34.44
N ASN A 366 -34.43 13.60 35.19
CA ASN A 366 -35.25 14.64 34.58
C ASN A 366 -34.49 15.40 33.50
N LEU A 367 -33.15 15.38 33.54
CA LEU A 367 -32.35 16.01 32.50
C LEU A 367 -32.21 15.16 31.25
N VAL A 368 -32.50 13.87 31.34
CA VAL A 368 -32.27 12.93 30.23
C VAL A 368 -33.59 12.67 29.53
N ASP A 369 -33.62 12.92 28.22
CA ASP A 369 -34.80 12.59 27.43
C ASP A 369 -35.02 11.08 27.46
N ASP A 370 -36.29 10.68 27.50
CA ASP A 370 -36.62 9.27 27.67
C ASP A 370 -36.22 8.41 26.48
N LYS A 371 -35.92 9.02 25.33
CA LYS A 371 -35.39 8.24 24.22
C LYS A 371 -34.00 7.68 24.54
N PHE A 372 -33.25 8.35 25.41
CA PHE A 372 -31.92 7.89 25.80
C PHE A 372 -31.94 6.84 26.90
N LEU A 373 -33.07 6.65 27.58
CA LEU A 373 -33.11 5.80 28.77
C LEU A 373 -33.54 4.38 28.42
N LYS A 374 -32.86 3.41 29.01
CA LYS A 374 -33.21 2.00 28.87
C LYS A 374 -33.35 1.38 30.25
N CYS A 375 -34.21 0.36 30.35
CA CYS A 375 -34.34 -0.38 31.59
C CYS A 375 -33.11 -1.25 31.84
N TRP A 376 -32.71 -1.34 33.11
CA TRP A 376 -31.44 -1.94 33.49
C TRP A 376 -31.67 -2.89 34.65
N ILE A 377 -31.19 -4.13 34.52
CA ILE A 377 -31.36 -5.15 35.55
C ILE A 377 -30.00 -5.74 35.89
N LYS A 378 -29.92 -6.29 37.09
CA LYS A 378 -28.76 -7.03 37.56
C LYS A 378 -29.08 -8.51 37.58
N SER A 379 -28.06 -9.33 37.87
CA SER A 379 -28.24 -10.76 37.88
C SER A 379 -29.25 -11.21 38.94
N LYS A 380 -29.29 -10.50 40.09
CA LYS A 380 -30.24 -10.86 41.14
C LYS A 380 -31.69 -10.63 40.70
N ASN A 381 -31.93 -9.75 39.73
CA ASN A 381 -33.28 -9.52 39.23
C ASN A 381 -33.80 -10.69 38.41
N ILE A 382 -32.96 -11.66 38.06
CA ILE A 382 -33.38 -12.79 37.25
C ILE A 382 -33.81 -13.93 38.17
N ASN A 383 -35.06 -14.34 38.05
CA ASN A 383 -35.56 -15.54 38.70
C ASN A 383 -35.86 -16.58 37.63
N LYS A 384 -36.33 -17.75 38.07
CA LYS A 384 -36.87 -18.71 37.12
C LYS A 384 -38.12 -18.13 36.45
N TYR A 385 -38.12 -18.18 35.12
CA TYR A 385 -39.24 -17.87 34.22
C TYR A 385 -39.58 -16.40 34.01
N ILE A 386 -39.14 -15.49 34.89
CA ILE A 386 -39.50 -14.07 34.80
C ILE A 386 -38.46 -13.23 35.51
N VAL A 387 -38.40 -11.95 35.11
CA VAL A 387 -37.44 -10.98 35.62
C VAL A 387 -38.16 -10.04 36.58
N ASP A 388 -37.50 -9.68 37.67
CA ASP A 388 -38.04 -8.66 38.57
C ASP A 388 -38.21 -7.35 37.81
N LYS A 389 -39.14 -6.53 38.27
CA LYS A 389 -39.28 -5.19 37.72
C LYS A 389 -37.97 -4.43 37.90
N SER A 390 -37.51 -3.79 36.83
CA SER A 390 -36.23 -3.10 36.87
C SER A 390 -36.31 -1.87 37.78
N GLU A 391 -35.19 -1.58 38.43
CA GLU A 391 -35.09 -0.42 39.30
C GLU A 391 -33.98 0.54 38.87
N TYR A 392 -33.25 0.22 37.81
CA TYR A 392 -32.17 1.06 37.32
C TYR A 392 -32.41 1.42 35.86
N ARG A 393 -31.83 2.53 35.45
CA ARG A 393 -31.90 3.03 34.09
C ARG A 393 -30.48 3.25 33.57
N LEU A 394 -30.29 2.88 32.31
CA LEU A 394 -29.05 3.10 31.59
C LEU A 394 -29.23 4.27 30.64
N ILE A 395 -28.30 5.23 30.69
CA ILE A 395 -28.26 6.32 29.71
C ILE A 395 -27.49 5.79 28.51
N TYR A 396 -28.22 5.45 27.44
CA TYR A 396 -27.57 4.92 26.24
C TYR A 396 -26.94 6.10 25.51
N SER A 397 -25.75 6.46 25.99
CA SER A 397 -25.09 7.70 25.60
C SER A 397 -24.60 7.70 24.15
N ASN A 398 -24.54 6.53 23.50
CA ASN A 398 -24.10 6.48 22.11
C ASN A 398 -25.01 7.30 21.20
N ASP A 399 -26.27 7.44 21.56
CA ASP A 399 -27.22 8.19 20.74
C ASP A 399 -27.15 9.69 20.96
N ILE A 400 -26.31 10.15 21.88
CA ILE A 400 -26.03 11.58 22.05
C ILE A 400 -25.21 12.03 20.84
N ASP A 401 -25.80 12.89 20.00
CA ASP A 401 -25.16 13.26 18.75
C ASP A 401 -23.87 14.06 18.98
N ASN A 402 -23.94 15.11 19.80
CA ASN A 402 -22.79 15.96 20.01
C ASN A 402 -22.88 16.60 21.40
N GLU A 403 -21.79 17.26 21.79
CA GLU A 403 -21.62 17.74 23.15
C GLU A 403 -22.28 19.09 23.40
N ASN A 404 -22.86 19.73 22.39
CA ASN A 404 -23.46 21.05 22.56
C ASN A 404 -24.98 21.01 22.68
N THR A 405 -25.64 20.04 22.05
CA THR A 405 -27.09 19.95 22.13
C THR A 405 -27.56 19.41 23.48
N ASN A 406 -26.83 18.44 24.03
CA ASN A 406 -27.15 17.83 25.32
C ASN A 406 -26.03 18.10 26.32
N LYS A 407 -25.55 19.36 26.36
CA LYS A 407 -24.42 19.69 27.21
C LYS A 407 -24.70 19.44 28.68
N ARG A 408 -25.97 19.57 29.10
CA ARG A 408 -26.29 19.44 30.52
C ARG A 408 -26.07 18.00 31.01
N ILE A 409 -26.46 17.02 30.20
CA ILE A 409 -26.26 15.62 30.58
C ILE A 409 -24.78 15.32 30.78
N LEU A 410 -23.95 15.76 29.85
CA LEU A 410 -22.51 15.52 29.95
C LEU A 410 -21.91 16.28 31.13
N ASP A 411 -22.33 17.52 31.34
CA ASP A 411 -21.75 18.33 32.40
C ASP A 411 -22.12 17.79 33.79
N GLU A 412 -23.35 17.36 33.98
CA GLU A 412 -23.86 17.10 35.32
C GLU A 412 -24.01 15.62 35.66
N ILE A 413 -23.97 14.72 34.69
CA ILE A 413 -24.17 13.30 34.99
C ILE A 413 -22.95 12.49 34.62
N ILE A 414 -22.66 12.41 33.31
CA ILE A 414 -21.58 11.55 32.83
C ILE A 414 -20.22 12.18 33.14
N GLY A 415 -20.09 13.50 32.93
CA GLY A 415 -18.81 14.15 33.11
C GLY A 415 -18.26 14.06 34.51
N LEU A 416 -19.10 13.75 35.49
CA LEU A 416 -18.63 13.52 36.85
C LEU A 416 -17.54 12.45 36.91
N TYR A 417 -17.47 11.58 35.91
CA TYR A 417 -16.46 10.53 35.89
C TYR A 417 -15.56 10.63 34.66
N LYS A 418 -15.43 11.84 34.10
CA LYS A 418 -14.69 12.01 32.85
C LYS A 418 -13.29 11.42 32.97
N THR A 419 -12.57 11.77 34.05
CA THR A 419 -11.21 11.27 34.23
C THR A 419 -11.16 9.76 34.16
N LYS A 420 -12.11 9.07 34.82
CA LYS A 420 -12.13 7.62 34.72
C LYS A 420 -12.51 7.18 33.31
N LEU A 421 -13.53 7.82 32.73
CA LEU A 421 -14.00 7.42 31.40
C LEU A 421 -12.90 7.57 30.35
N GLU A 422 -12.12 8.64 30.46
CA GLU A 422 -11.01 8.87 29.53
C GLU A 422 -9.91 7.83 29.65
N ASN A 423 -9.87 7.05 30.73
CA ASN A 423 -8.81 6.07 30.88
C ASN A 423 -9.19 4.69 30.34
N ARG A 424 -10.39 4.54 29.77
CA ARG A 424 -10.74 3.30 29.09
C ARG A 424 -9.88 3.13 27.84
N ARG A 425 -9.67 1.87 27.45
CA ARG A 425 -8.77 1.57 26.34
C ARG A 425 -9.23 2.23 25.05
N GLU A 426 -10.52 2.10 24.73
CA GLU A 426 -11.02 2.64 23.47
C GLU A 426 -11.06 4.16 23.47
N CYS A 427 -11.12 4.80 24.64
CA CYS A 427 -11.03 6.26 24.68
C CYS A 427 -9.60 6.74 24.49
N LYS A 428 -8.62 6.01 25.04
CA LYS A 428 -7.23 6.39 24.88
C LYS A 428 -6.80 6.36 23.43
N SER A 429 -7.32 5.39 22.66
CA SER A 429 -6.99 5.27 21.24
C SER A 429 -7.90 6.09 20.35
N GLY A 430 -8.93 6.71 20.89
CA GLY A 430 -9.81 7.55 20.11
C GLY A 430 -10.95 6.85 19.41
N ILE A 431 -11.08 5.53 19.56
CA ILE A 431 -12.19 4.82 18.94
C ILE A 431 -13.50 5.28 19.56
N ARG A 432 -13.51 5.54 20.86
CA ARG A 432 -14.70 5.88 21.61
C ARG A 432 -14.58 7.29 22.15
N LYS A 433 -15.64 8.08 22.01
CA LYS A 433 -15.67 9.37 22.68
C LYS A 433 -15.76 9.16 24.18
N TRP A 434 -15.29 10.17 24.93
CA TRP A 434 -15.15 10.00 26.38
C TRP A 434 -16.49 9.76 27.08
N TYR A 435 -17.60 10.20 26.49
CA TYR A 435 -18.91 10.01 27.09
C TYR A 435 -19.66 8.79 26.55
N GLU A 436 -19.08 8.04 25.62
CA GLU A 436 -19.77 6.92 25.03
C GLU A 436 -19.59 5.64 25.86
N LEU A 437 -20.52 4.72 25.67
CA LEU A 437 -20.38 3.39 26.25
C LEU A 437 -19.21 2.67 25.60
N GLN A 438 -18.46 1.92 26.40
CA GLN A 438 -17.30 1.21 25.85
C GLN A 438 -17.73 0.14 24.86
N TRP A 439 -18.68 -0.72 25.25
CA TRP A 439 -19.25 -1.74 24.38
C TRP A 439 -20.76 -1.66 24.52
N GLY A 440 -21.39 -0.78 23.71
CA GLY A 440 -22.81 -0.56 23.72
C GLY A 440 -23.62 -1.58 22.95
N ARG A 441 -22.96 -2.50 22.26
CA ARG A 441 -23.62 -3.60 21.56
C ARG A 441 -24.58 -3.01 20.50
N GLU A 442 -25.60 -3.78 20.14
CA GLU A 442 -26.64 -3.35 19.24
C GLU A 442 -27.96 -3.30 20.00
N LYS A 443 -28.63 -2.14 19.95
CA LYS A 443 -29.85 -1.96 20.73
C LYS A 443 -30.93 -2.96 20.31
N LEU A 444 -31.06 -3.20 19.01
CA LEU A 444 -32.11 -4.08 18.50
C LEU A 444 -32.01 -5.49 19.04
N PHE A 445 -30.84 -5.91 19.50
CA PHE A 445 -30.71 -7.22 20.12
C PHE A 445 -31.42 -7.28 21.45
N PHE A 446 -31.43 -6.18 22.21
CA PHE A 446 -32.05 -6.16 23.53
C PHE A 446 -33.53 -5.81 23.49
N GLU A 447 -33.95 -4.94 22.57
CA GLU A 447 -35.33 -4.47 22.52
C GLU A 447 -36.18 -5.47 21.72
N ARG A 448 -36.32 -6.66 22.30
CA ARG A 448 -37.09 -7.72 21.70
C ARG A 448 -37.35 -8.78 22.76
N LYS A 449 -38.31 -9.67 22.47
CA LYS A 449 -38.51 -10.83 23.31
C LYS A 449 -37.25 -11.68 23.31
N LYS A 450 -36.79 -12.06 24.50
CA LYS A 450 -35.55 -12.83 24.62
C LYS A 450 -35.56 -13.55 25.96
N ILE A 451 -34.58 -14.44 26.13
CA ILE A 451 -34.37 -15.15 27.38
C ILE A 451 -33.09 -14.63 28.00
N MET A 452 -33.12 -14.41 29.31
CA MET A 452 -31.99 -13.89 30.05
C MET A 452 -31.66 -14.82 31.20
N TYR A 453 -30.36 -14.88 31.55
CA TYR A 453 -29.94 -15.70 32.68
C TYR A 453 -28.72 -15.08 33.34
N PRO A 454 -28.55 -15.24 34.66
CA PRO A 454 -27.39 -14.67 35.33
C PRO A 454 -26.11 -15.39 34.93
N TYR A 455 -25.01 -14.64 34.95
CA TYR A 455 -23.74 -15.21 34.52
C TYR A 455 -23.15 -16.15 35.57
N LYS A 456 -23.53 -16.00 36.83
CA LYS A 456 -23.07 -16.83 37.93
C LYS A 456 -24.24 -17.10 38.84
N SER A 457 -24.52 -18.36 39.13
CA SER A 457 -25.72 -18.70 39.91
C SER A 457 -25.56 -20.06 40.56
N ASN A 458 -26.37 -20.27 41.60
CA ASN A 458 -26.42 -21.57 42.28
C ASN A 458 -27.32 -22.57 41.56
N GLU A 459 -28.15 -22.12 40.62
CA GLU A 459 -29.07 -23.02 39.93
C GLU A 459 -29.47 -22.38 38.61
N ASN A 460 -30.09 -23.20 37.75
CA ASN A 460 -30.60 -22.70 36.49
C ASN A 460 -31.68 -21.65 36.73
N ARG A 461 -31.49 -20.47 36.15
CA ARG A 461 -32.49 -19.40 36.24
C ARG A 461 -32.57 -18.76 34.85
N PHE A 462 -33.44 -19.30 34.01
CA PHE A 462 -33.67 -18.77 32.66
C PHE A 462 -35.05 -18.11 32.64
N ALA A 463 -35.08 -16.82 32.31
CA ALA A 463 -36.31 -16.05 32.37
C ALA A 463 -36.64 -15.50 31.00
N ILE A 464 -37.94 -15.35 30.74
CA ILE A 464 -38.42 -14.66 29.56
C ILE A 464 -38.51 -13.18 29.90
N ASP A 465 -37.80 -12.35 29.14
CA ASP A 465 -37.87 -10.90 29.32
C ASP A 465 -38.90 -10.35 28.34
N TYR A 466 -39.95 -9.74 28.89
CA TYR A 466 -40.97 -9.09 28.08
C TYR A 466 -40.80 -7.59 27.98
N ASP A 467 -39.89 -7.00 28.76
CA ASP A 467 -39.87 -5.56 28.99
C ASP A 467 -38.64 -4.87 28.39
N ASN A 468 -38.01 -5.49 27.40
CA ASN A 468 -36.87 -4.88 26.70
C ASN A 468 -35.77 -4.47 27.68
N ASN A 469 -35.44 -5.38 28.60
CA ASN A 469 -34.47 -5.07 29.64
C ASN A 469 -33.06 -5.12 29.07
N PHE A 470 -32.28 -4.09 29.36
CA PHE A 470 -30.85 -4.07 29.17
C PHE A 470 -30.15 -4.53 30.45
N SER A 471 -28.91 -4.99 30.31
CA SER A 471 -28.16 -5.45 31.46
C SER A 471 -26.68 -5.36 31.15
N SER A 472 -25.86 -5.53 32.19
CA SER A 472 -24.42 -5.58 32.04
C SER A 472 -23.99 -7.01 31.71
N ALA A 473 -22.69 -7.29 31.82
CA ALA A 473 -22.18 -8.62 31.49
C ALA A 473 -22.49 -9.67 32.55
N ASP A 474 -23.08 -9.28 33.68
CA ASP A 474 -23.51 -10.26 34.68
C ASP A 474 -24.80 -10.98 34.29
N VAL A 475 -25.42 -10.58 33.19
CA VAL A 475 -26.60 -11.26 32.65
C VAL A 475 -26.35 -11.50 31.16
N TYR A 476 -26.59 -12.74 30.72
CA TYR A 476 -26.48 -13.10 29.31
C TYR A 476 -27.86 -13.24 28.71
N SER A 477 -27.94 -13.05 27.38
CA SER A 477 -29.22 -13.12 26.71
C SER A 477 -29.12 -13.96 25.44
N PHE A 478 -30.24 -14.54 25.05
CA PHE A 478 -30.33 -15.15 23.73
C PHE A 478 -31.76 -15.08 23.23
N PHE A 479 -31.90 -15.15 21.91
CA PHE A 479 -33.20 -15.21 21.29
C PHE A 479 -33.20 -16.29 20.21
N ILE A 480 -34.38 -16.80 19.90
CA ILE A 480 -34.51 -17.92 18.98
C ILE A 480 -34.43 -17.43 17.54
N LYS A 481 -33.69 -18.17 16.71
CA LYS A 481 -33.65 -17.88 15.29
C LYS A 481 -35.04 -18.03 14.67
N GLU A 482 -35.32 -17.19 13.67
CA GLU A 482 -36.64 -17.22 13.04
C GLU A 482 -36.97 -18.61 12.50
N GLU A 483 -35.98 -19.29 11.93
CA GLU A 483 -36.22 -20.59 11.30
C GLU A 483 -36.52 -21.69 12.30
N TYR A 484 -36.34 -21.46 13.60
CA TYR A 484 -36.66 -22.44 14.62
C TYR A 484 -37.81 -22.00 15.53
N LEU A 485 -38.54 -20.95 15.15
CA LEU A 485 -39.62 -20.48 16.01
C LEU A 485 -40.80 -21.45 16.05
N ASP A 486 -41.09 -22.11 14.92
CA ASP A 486 -42.20 -23.05 14.88
C ASP A 486 -41.86 -24.39 15.50
N LYS A 487 -40.59 -24.64 15.84
CA LYS A 487 -40.21 -25.83 16.57
C LYS A 487 -40.02 -25.60 18.06
N PHE A 488 -39.57 -24.40 18.46
CA PHE A 488 -39.31 -24.10 19.85
C PHE A 488 -39.87 -22.72 20.19
N SER A 489 -40.62 -22.65 21.29
CA SER A 489 -41.12 -21.41 21.84
C SER A 489 -40.33 -21.05 23.09
N TYR A 490 -40.38 -19.77 23.45
CA TYR A 490 -39.67 -19.32 24.64
C TYR A 490 -40.24 -19.99 25.89
N GLU A 491 -41.56 -20.17 25.94
CA GLU A 491 -42.19 -20.79 27.10
C GLU A 491 -41.69 -22.21 27.30
N TYR A 492 -41.64 -23.00 26.22
CA TYR A 492 -41.13 -24.36 26.31
C TYR A 492 -39.66 -24.38 26.72
N LEU A 493 -38.86 -23.45 26.18
CA LEU A 493 -37.44 -23.44 26.50
C LEU A 493 -37.20 -23.14 27.97
N VAL A 494 -37.88 -22.11 28.51
CA VAL A 494 -37.70 -21.86 29.94
C VAL A 494 -38.31 -22.98 30.77
N GLY A 495 -39.30 -23.69 30.23
CA GLY A 495 -39.82 -24.84 30.91
C GLY A 495 -38.79 -25.92 31.13
N ILE A 496 -38.15 -26.38 30.05
CA ILE A 496 -37.20 -27.47 30.21
C ILE A 496 -35.92 -26.98 30.89
N LEU A 497 -35.48 -25.76 30.58
CA LEU A 497 -34.19 -25.29 31.10
C LEU A 497 -34.22 -25.07 32.61
N ASN A 498 -35.37 -24.69 33.17
CA ASN A 498 -35.48 -24.50 34.60
C ASN A 498 -35.82 -25.78 35.35
N SER A 499 -35.98 -26.90 34.65
CA SER A 499 -36.34 -28.14 35.32
C SER A 499 -35.15 -28.68 36.12
N SER A 500 -35.46 -29.55 37.08
CA SER A 500 -34.42 -30.17 37.89
C SER A 500 -33.50 -31.02 37.03
N VAL A 501 -34.07 -31.70 36.03
CA VAL A 501 -33.27 -32.51 35.12
C VAL A 501 -32.18 -31.67 34.48
N TYR A 502 -32.56 -30.52 33.93
CA TYR A 502 -31.57 -29.71 33.23
C TYR A 502 -30.64 -28.99 34.19
N ASP A 503 -31.10 -28.69 35.41
CA ASP A 503 -30.19 -28.17 36.41
C ASP A 503 -29.03 -29.14 36.66
N LYS A 504 -29.35 -30.40 36.95
CA LYS A 504 -28.32 -31.40 37.17
C LYS A 504 -27.49 -31.63 35.90
N TYR A 505 -28.15 -31.70 34.74
CA TYR A 505 -27.48 -31.97 33.49
C TYR A 505 -26.48 -30.89 33.14
N PHE A 506 -26.85 -29.62 33.31
CA PHE A 506 -25.89 -28.54 33.08
C PHE A 506 -24.77 -28.59 34.11
N LYS A 507 -25.10 -28.83 35.38
CA LYS A 507 -24.05 -28.80 36.39
C LYS A 507 -23.03 -29.92 36.22
N ILE A 508 -23.37 -30.98 35.48
CA ILE A 508 -22.42 -32.08 35.26
C ILE A 508 -21.12 -31.55 34.64
N THR A 509 -21.22 -30.69 33.63
CA THR A 509 -20.05 -30.19 32.91
C THR A 509 -19.78 -28.71 33.17
N ALA A 510 -20.53 -28.07 34.06
CA ALA A 510 -20.39 -26.64 34.27
C ALA A 510 -19.10 -26.34 35.04
N LYS A 511 -18.74 -25.07 35.05
CA LYS A 511 -17.51 -24.59 35.68
C LYS A 511 -17.84 -24.17 37.11
N LYS A 512 -17.34 -24.92 38.09
CA LYS A 512 -17.60 -24.64 39.50
C LYS A 512 -16.69 -23.51 39.96
N MET A 513 -17.28 -22.39 40.36
CA MET A 513 -16.51 -21.18 40.68
C MET A 513 -16.19 -21.07 42.16
N SER A 514 -17.21 -21.00 42.99
CA SER A 514 -17.06 -20.95 44.44
C SER A 514 -18.22 -21.70 45.04
N LYS A 515 -18.34 -21.66 46.37
CA LYS A 515 -19.40 -22.40 47.05
C LYS A 515 -20.76 -21.91 46.55
N ASN A 516 -21.55 -22.83 46.00
CA ASN A 516 -22.89 -22.54 45.50
C ASN A 516 -22.89 -21.55 44.34
N ILE A 517 -21.83 -21.51 43.54
CA ILE A 517 -21.80 -20.67 42.35
C ILE A 517 -21.22 -21.47 41.19
N TYR A 518 -21.97 -21.54 40.09
CA TYR A 518 -21.49 -22.04 38.83
C TYR A 518 -21.48 -20.91 37.81
N ASP A 519 -20.50 -20.92 36.91
CA ASP A 519 -20.54 -20.01 35.78
C ASP A 519 -21.65 -20.42 34.83
N TYR A 520 -22.46 -19.44 34.42
CA TYR A 520 -23.45 -19.63 33.37
C TYR A 520 -23.05 -18.70 32.24
N TYR A 521 -22.13 -19.17 31.40
CA TYR A 521 -21.60 -18.42 30.29
C TYR A 521 -21.98 -19.10 28.98
N PRO A 522 -22.08 -18.35 27.88
CA PRO A 522 -22.47 -18.96 26.61
C PRO A 522 -21.55 -20.09 26.17
N ASN A 523 -20.26 -20.05 26.52
CA ASN A 523 -19.34 -21.08 26.04
C ASN A 523 -19.68 -22.46 26.58
N LYS A 524 -20.53 -22.55 27.60
CA LYS A 524 -21.12 -23.81 28.01
C LYS A 524 -22.65 -23.82 27.94
N VAL A 525 -23.31 -22.70 28.20
CA VAL A 525 -24.78 -22.66 28.15
C VAL A 525 -25.27 -22.98 26.75
N MET A 526 -24.59 -22.47 25.73
CA MET A 526 -25.02 -22.74 24.36
C MET A 526 -24.76 -24.17 23.93
N LYS A 527 -23.97 -24.93 24.69
CA LYS A 527 -23.76 -26.34 24.40
C LYS A 527 -24.88 -27.22 24.94
N ILE A 528 -25.80 -26.65 25.73
CA ILE A 528 -26.91 -27.43 26.27
C ILE A 528 -27.76 -27.95 25.13
N ARG A 529 -28.06 -29.25 25.16
CA ARG A 529 -28.85 -29.90 24.13
C ARG A 529 -30.30 -29.98 24.55
N ILE A 530 -31.20 -29.81 23.59
CA ILE A 530 -32.64 -29.78 23.84
C ILE A 530 -33.32 -30.78 22.92
N PHE A 531 -34.54 -31.15 23.28
CA PHE A 531 -35.29 -32.17 22.58
C PHE A 531 -36.68 -31.65 22.25
N ARG A 532 -37.42 -32.44 21.47
CA ARG A 532 -38.74 -32.05 21.01
C ARG A 532 -39.51 -33.33 20.68
N ASP A 533 -40.51 -33.66 21.48
CA ASP A 533 -41.22 -34.93 21.31
C ASP A 533 -42.68 -34.74 21.74
N ASN A 534 -43.36 -35.85 22.02
CA ASN A 534 -44.79 -35.85 22.28
C ASN A 534 -45.18 -35.09 23.54
N ASN A 535 -44.25 -34.84 24.46
CA ASN A 535 -44.55 -34.11 25.67
C ASN A 535 -44.41 -32.59 25.51
N TYR A 536 -44.12 -32.13 24.29
CA TYR A 536 -43.88 -30.70 24.07
C TYR A 536 -45.07 -29.86 24.51
N GLU A 537 -46.27 -30.24 24.10
CA GLU A 537 -47.45 -29.41 24.34
C GLU A 537 -47.74 -29.28 25.84
N GLU A 538 -47.70 -30.39 26.56
CA GLU A 538 -48.00 -30.35 27.98
C GLU A 538 -46.91 -29.61 28.76
N ILE A 539 -45.65 -29.79 28.37
CA ILE A 539 -44.56 -29.06 29.02
C ILE A 539 -44.73 -27.56 28.80
N GLU A 540 -45.02 -27.17 27.56
CA GLU A 540 -45.24 -25.76 27.24
C GLU A 540 -46.41 -25.20 28.03
N ASN A 541 -47.50 -25.95 28.12
CA ASN A 541 -48.68 -25.50 28.85
C ASN A 541 -48.39 -25.34 30.34
N LEU A 542 -47.65 -26.29 30.93
CA LEU A 542 -47.24 -26.15 32.32
C LEU A 542 -46.37 -24.92 32.53
N SER A 543 -45.45 -24.66 31.61
CA SER A 543 -44.62 -23.47 31.71
C SER A 543 -45.47 -22.20 31.62
N LYS A 544 -46.47 -22.18 30.74
CA LYS A 544 -47.35 -21.02 30.65
C LYS A 544 -48.13 -20.81 31.94
N GLN A 545 -48.61 -21.90 32.56
CA GLN A 545 -49.30 -21.77 33.83
C GLN A 545 -48.37 -21.21 34.91
N ILE A 546 -47.13 -21.69 34.95
CA ILE A 546 -46.16 -21.20 35.93
C ILE A 546 -45.92 -19.71 35.72
N ILE A 547 -45.72 -19.29 34.47
CA ILE A 547 -45.49 -17.88 34.18
C ILE A 547 -46.70 -17.04 34.60
N SER A 548 -47.90 -17.51 34.29
CA SER A 548 -49.11 -16.77 34.64
C SER A 548 -49.25 -16.60 36.14
N ILE A 549 -48.97 -17.66 36.91
CA ILE A 549 -49.00 -17.54 38.36
C ILE A 549 -47.93 -16.56 38.85
N LEU A 550 -46.73 -16.65 38.28
CA LEU A 550 -45.63 -15.83 38.76
C LEU A 550 -45.85 -14.35 38.49
N LEU A 551 -46.59 -14.02 37.43
CA LEU A 551 -46.84 -12.62 37.12
C LEU A 551 -48.05 -12.04 37.85
N ASN A 552 -48.92 -12.88 38.41
CA ASN A 552 -50.07 -12.40 39.15
C ASN A 552 -49.65 -11.72 40.45
N LYS A 553 -50.37 -10.67 40.83
CA LYS A 553 -50.05 -9.96 42.06
C LYS A 553 -50.37 -10.81 43.29
N SER A 554 -51.57 -11.41 43.33
CA SER A 554 -51.97 -12.27 44.43
C SER A 554 -51.37 -13.66 44.23
N ILE A 555 -50.05 -13.71 44.33
CA ILE A 555 -49.28 -14.88 43.91
C ILE A 555 -49.36 -15.96 44.98
N ASP A 556 -49.51 -17.21 44.53
CA ASP A 556 -49.40 -18.40 45.39
C ASP A 556 -48.38 -19.36 44.76
N LYS A 557 -47.14 -19.30 45.25
CA LYS A 557 -46.03 -20.03 44.62
C LYS A 557 -46.09 -21.55 44.81
N GLY A 558 -46.87 -22.03 45.78
CA GLY A 558 -46.91 -23.46 46.03
C GLY A 558 -47.39 -24.26 44.83
N LYS A 559 -48.45 -23.79 44.17
CA LYS A 559 -48.89 -24.47 42.96
C LYS A 559 -47.82 -24.42 41.89
N VAL A 560 -46.98 -23.37 41.88
CA VAL A 560 -45.84 -23.35 40.96
C VAL A 560 -44.90 -24.52 41.26
N GLU A 561 -44.64 -24.78 42.54
CA GLU A 561 -43.79 -25.92 42.87
C GLU A 561 -44.41 -27.23 42.39
N LYS A 562 -45.73 -27.39 42.58
CA LYS A 562 -46.39 -28.62 42.13
C LYS A 562 -46.33 -28.76 40.61
N LEU A 563 -46.55 -27.67 39.88
CA LEU A 563 -46.45 -27.69 38.42
C LEU A 563 -45.04 -28.06 37.98
N GLN A 564 -44.03 -27.54 38.68
CA GLN A 564 -42.65 -27.86 38.34
C GLN A 564 -42.37 -29.35 38.54
N ILE A 565 -42.90 -29.94 39.62
CA ILE A 565 -42.71 -31.38 39.82
C ILE A 565 -43.34 -32.18 38.67
N LYS A 566 -44.56 -31.79 38.26
CA LYS A 566 -45.20 -32.47 37.14
C LYS A 566 -44.39 -32.32 35.85
N MET A 567 -43.85 -31.13 35.61
CA MET A 567 -43.04 -30.93 34.41
C MET A 567 -41.76 -31.75 34.47
N ASP A 568 -41.13 -31.84 35.65
CA ASP A 568 -39.95 -32.69 35.79
C ASP A 568 -40.28 -34.14 35.47
N ASN A 569 -41.45 -34.61 35.90
CA ASN A 569 -41.85 -35.98 35.54
C ASN A 569 -41.99 -36.13 34.04
N LEU A 570 -42.62 -35.16 33.38
CA LEU A 570 -42.75 -35.23 31.92
C LEU A 570 -41.40 -35.29 31.25
N ILE A 571 -40.46 -34.46 31.71
CA ILE A 571 -39.14 -34.38 31.08
C ILE A 571 -38.36 -35.67 31.30
N MET A 572 -38.41 -36.22 32.52
CA MET A 572 -37.72 -37.48 32.79
C MET A 572 -38.32 -38.61 31.97
N ASP A 573 -39.63 -38.62 31.78
CA ASP A 573 -40.24 -39.60 30.90
C ASP A 573 -39.74 -39.43 29.46
N SER A 574 -39.63 -38.18 29.00
CA SER A 574 -39.20 -37.93 27.63
C SER A 574 -37.77 -38.40 27.41
N LEU A 575 -36.89 -38.14 28.36
CA LEU A 575 -35.48 -38.46 28.22
C LEU A 575 -35.13 -39.87 28.68
N GLY A 576 -36.11 -40.65 29.11
CA GLY A 576 -35.87 -42.03 29.50
C GLY A 576 -35.02 -42.22 30.74
N ILE A 577 -35.24 -41.41 31.77
CA ILE A 577 -34.52 -41.57 33.03
C ILE A 577 -35.52 -41.77 34.16
N GLY B 28 5.60 14.82 -7.79
CA GLY B 28 4.82 15.58 -6.85
C GLY B 28 4.66 17.05 -7.21
N ILE B 29 4.92 17.37 -8.47
CA ILE B 29 4.81 18.73 -9.00
C ILE B 29 3.68 18.74 -10.04
N TYR B 30 2.66 19.55 -9.78
CA TYR B 30 1.45 19.57 -10.60
C TYR B 30 1.23 20.99 -11.13
N TYR B 31 0.91 21.10 -12.42
CA TYR B 31 0.81 22.38 -13.10
C TYR B 31 -0.65 22.79 -13.18
N THR B 32 -1.02 23.80 -12.40
CA THR B 32 -2.37 24.36 -12.50
C THR B 32 -2.49 25.13 -13.81
N PRO B 33 -3.58 24.97 -14.55
CA PRO B 33 -3.75 25.74 -15.80
C PRO B 33 -3.73 27.23 -15.54
N LYS B 34 -3.16 27.98 -16.49
CA LYS B 34 -2.97 29.41 -16.29
C LYS B 34 -4.29 30.14 -16.15
N ILE B 35 -5.36 29.64 -16.78
CA ILE B 35 -6.66 30.30 -16.65
C ILE B 35 -7.14 30.26 -15.19
N ILE B 36 -6.95 29.11 -14.54
CA ILE B 36 -7.30 28.97 -13.12
C ILE B 36 -6.43 29.87 -12.26
N VAL B 37 -5.12 29.94 -12.55
CA VAL B 37 -4.22 30.74 -11.73
C VAL B 37 -4.56 32.22 -11.84
N ASP B 38 -4.72 32.71 -13.08
CA ASP B 38 -5.14 34.08 -13.29
C ASP B 38 -6.44 34.38 -12.56
N TYR B 39 -7.38 33.45 -12.64
CA TYR B 39 -8.69 33.64 -12.02
C TYR B 39 -8.58 33.75 -10.50
N ILE B 40 -7.83 32.83 -9.87
CA ILE B 40 -7.69 32.84 -8.41
C ILE B 40 -7.00 34.12 -7.94
N VAL B 41 -5.91 34.49 -8.62
CA VAL B 41 -5.18 35.69 -8.22
C VAL B 41 -6.06 36.93 -8.36
N LYS B 42 -6.82 37.03 -9.44
CA LYS B 42 -7.74 38.17 -9.56
C LYS B 42 -8.85 38.11 -8.51
N LYS B 43 -9.37 36.91 -8.22
CA LYS B 43 -10.42 36.78 -7.23
C LYS B 43 -9.97 37.29 -5.87
N THR B 44 -8.68 37.16 -5.56
CA THR B 44 -8.21 37.68 -4.29
C THR B 44 -7.74 39.14 -4.36
N LEU B 45 -7.22 39.61 -5.49
CA LEU B 45 -6.52 40.88 -5.52
C LEU B 45 -7.21 41.99 -6.31
N LYS B 46 -8.33 41.72 -6.98
CA LYS B 46 -8.84 42.70 -7.94
C LYS B 46 -9.37 43.96 -7.27
N ASN B 47 -9.82 43.87 -6.02
CA ASN B 47 -10.42 45.01 -5.33
C ASN B 47 -9.58 45.50 -4.16
N HIS B 48 -8.28 45.18 -4.13
CA HIS B 48 -7.43 45.64 -3.05
C HIS B 48 -7.13 47.13 -3.20
N ASP B 49 -7.15 47.83 -2.06
CA ASP B 49 -6.88 49.27 -2.03
C ASP B 49 -5.40 49.47 -1.70
N ILE B 50 -4.58 49.62 -2.75
CA ILE B 50 -3.13 49.71 -2.53
C ILE B 50 -2.77 51.02 -1.85
N ILE B 51 -3.59 52.06 -2.01
CA ILE B 51 -3.33 53.32 -1.31
C ILE B 51 -3.55 53.16 0.19
N LYS B 52 -4.63 52.49 0.58
CA LYS B 52 -4.93 52.33 2.00
C LYS B 52 -3.95 51.38 2.67
N ASN B 53 -3.63 50.26 2.03
CA ASN B 53 -2.66 49.30 2.53
C ASN B 53 -1.66 48.97 1.43
N PRO B 54 -0.54 49.69 1.35
CA PRO B 54 0.52 49.35 0.40
C PRO B 54 1.40 48.19 0.82
N TYR B 55 1.08 47.49 1.91
CA TYR B 55 1.86 46.34 2.37
C TYR B 55 0.98 45.09 2.50
N PRO B 56 0.35 44.63 1.42
CA PRO B 56 -0.42 43.40 1.51
C PRO B 56 0.50 42.19 1.56
N ARG B 57 0.11 41.20 2.36
CA ARG B 57 0.88 39.95 2.46
C ARG B 57 0.13 38.87 1.69
N ILE B 58 0.74 38.37 0.63
CA ILE B 58 0.17 37.33 -0.21
C ILE B 58 1.05 36.10 -0.07
N LEU B 59 0.44 34.98 0.35
CA LEU B 59 1.18 33.78 0.73
C LEU B 59 0.68 32.58 -0.07
N ASP B 60 1.63 31.72 -0.47
CA ASP B 60 1.31 30.40 -1.03
C ASP B 60 2.11 29.37 -0.24
N ILE B 61 1.40 28.50 0.50
CA ILE B 61 2.08 27.54 1.37
C ILE B 61 2.41 26.23 0.66
N SER B 62 2.06 26.09 -0.61
CA SER B 62 2.50 24.97 -1.44
C SER B 62 2.91 25.49 -2.81
N CYS B 63 3.77 26.53 -2.82
CA CYS B 63 3.99 27.32 -4.01
C CYS B 63 4.71 26.55 -5.11
N GLY B 64 5.56 25.58 -4.75
CA GLY B 64 6.30 24.87 -5.77
C GLY B 64 7.22 25.79 -6.55
N CYS B 65 7.17 25.69 -7.88
CA CYS B 65 8.00 26.53 -8.73
C CYS B 65 7.48 27.95 -8.86
N GLY B 66 6.27 28.23 -8.38
CA GLY B 66 5.78 29.60 -8.36
C GLY B 66 4.70 29.89 -9.39
N ASN B 67 3.81 28.92 -9.63
CA ASN B 67 2.75 29.13 -10.60
C ASN B 67 1.84 30.28 -10.18
N PHE B 68 1.50 30.35 -8.90
CA PHE B 68 0.64 31.41 -8.41
C PHE B 68 1.43 32.68 -8.06
N LEU B 69 2.60 32.52 -7.44
CA LEU B 69 3.32 33.67 -6.91
C LEU B 69 3.89 34.57 -8.01
N LEU B 70 4.30 34.00 -9.14
CA LEU B 70 4.76 34.84 -10.25
C LEU B 70 3.63 35.68 -10.81
N GLU B 71 2.44 35.08 -10.94
CA GLU B 71 1.26 35.85 -11.34
C GLU B 71 0.91 36.90 -10.29
N VAL B 72 1.06 36.56 -9.01
CA VAL B 72 0.87 37.53 -7.95
C VAL B 72 1.84 38.70 -8.13
N TYR B 73 3.08 38.41 -8.48
CA TYR B 73 4.07 39.46 -8.71
C TYR B 73 3.62 40.38 -9.83
N ASP B 74 3.15 39.81 -10.94
CA ASP B 74 2.73 40.65 -12.06
C ASP B 74 1.56 41.55 -11.66
N ILE B 75 0.56 40.98 -11.00
CA ILE B 75 -0.60 41.77 -10.59
C ILE B 75 -0.20 42.88 -9.63
N LEU B 76 0.63 42.53 -8.64
CA LEU B 76 1.08 43.52 -7.65
C LEU B 76 1.91 44.62 -8.30
N TYR B 77 2.78 44.25 -9.25
CA TYR B 77 3.62 45.26 -9.89
C TYR B 77 2.77 46.25 -10.67
N ASP B 78 1.78 45.76 -11.42
CA ASP B 78 0.90 46.68 -12.12
C ASP B 78 0.11 47.55 -11.13
N LEU B 79 -0.31 46.95 -10.02
CA LEU B 79 -1.07 47.71 -9.02
C LEU B 79 -0.24 48.85 -8.43
N PHE B 80 1.02 48.56 -8.08
CA PHE B 80 1.90 49.61 -7.55
C PHE B 80 2.22 50.66 -8.60
N GLU B 81 2.47 50.23 -9.84
CA GLU B 81 2.84 51.17 -10.88
C GLU B 81 1.71 52.14 -11.19
N GLU B 82 0.47 51.64 -11.21
CA GLU B 82 -0.68 52.50 -11.50
C GLU B 82 -0.87 53.61 -10.47
N ASN B 83 -0.38 53.42 -9.24
CA ASN B 83 -0.65 54.35 -8.14
C ASN B 83 0.64 54.88 -7.50
N ILE B 84 1.77 54.75 -8.19
CA ILE B 84 3.05 55.12 -7.62
C ILE B 84 3.06 56.57 -7.16
N TYR B 85 2.47 57.49 -7.94
CA TYR B 85 2.55 58.90 -7.56
C TYR B 85 1.66 59.22 -6.36
N GLU B 86 0.48 58.59 -6.29
CA GLU B 86 -0.37 58.77 -5.11
C GLU B 86 0.33 58.23 -3.86
N LEU B 87 1.00 57.08 -3.99
CA LEU B 87 1.74 56.54 -2.86
C LEU B 87 2.89 57.46 -2.46
N LYS B 88 3.61 58.00 -3.45
CA LYS B 88 4.72 58.91 -3.18
C LYS B 88 4.23 60.17 -2.47
N LYS B 89 3.05 60.66 -2.83
CA LYS B 89 2.52 61.85 -2.18
C LYS B 89 2.03 61.54 -0.76
N LYS B 90 1.34 60.40 -0.59
CA LYS B 90 0.76 60.05 0.71
C LYS B 90 1.81 59.55 1.70
N TYR B 91 2.85 58.88 1.22
CA TYR B 91 3.88 58.29 2.06
C TYR B 91 5.23 58.94 1.72
N ASP B 92 6.30 58.34 2.24
CA ASP B 92 7.65 58.86 2.00
C ASP B 92 7.94 58.96 0.51
N GLU B 93 8.13 60.19 0.03
CA GLU B 93 8.28 60.41 -1.40
C GLU B 93 9.59 59.87 -1.95
N ASN B 94 10.61 59.68 -1.10
CA ASN B 94 11.85 59.10 -1.55
C ASN B 94 11.75 57.59 -1.73
N TYR B 95 10.92 56.92 -0.94
CA TYR B 95 10.82 55.47 -0.99
C TYR B 95 10.00 54.98 -2.18
N TRP B 96 8.99 55.74 -2.59
CA TRP B 96 8.01 55.27 -3.58
C TRP B 96 8.41 55.77 -4.97
N THR B 97 9.25 54.98 -5.63
CA THR B 97 9.60 55.18 -7.04
C THR B 97 9.34 53.87 -7.77
N VAL B 98 9.19 53.96 -9.10
CA VAL B 98 9.01 52.75 -9.89
C VAL B 98 10.20 51.81 -9.70
N ASP B 99 11.41 52.37 -9.73
CA ASP B 99 12.63 51.58 -9.61
C ASP B 99 12.63 50.73 -8.34
N ASN B 100 11.96 51.19 -7.29
CA ASN B 100 11.97 50.49 -6.02
C ASN B 100 10.87 49.43 -5.90
N ILE B 101 9.86 49.46 -6.77
CA ILE B 101 8.67 48.62 -6.58
C ILE B 101 9.07 47.16 -6.43
N HIS B 102 9.89 46.67 -7.36
CA HIS B 102 10.39 45.29 -7.31
C HIS B 102 10.87 44.95 -5.90
N ARG B 103 11.82 45.73 -5.38
CA ARG B 103 12.36 45.43 -4.06
C ARG B 103 11.25 45.39 -3.02
N HIS B 104 10.36 46.40 -3.03
CA HIS B 104 9.24 46.42 -2.11
C HIS B 104 8.45 45.11 -2.18
N ILE B 105 8.09 44.70 -3.40
CA ILE B 105 7.28 43.48 -3.54
C ILE B 105 8.00 42.30 -2.90
N LEU B 106 9.30 42.18 -3.13
CA LEU B 106 10.00 41.02 -2.61
C LEU B 106 10.24 41.12 -1.10
N ASN B 107 10.27 42.34 -0.55
CA ASN B 107 10.57 42.46 0.87
C ASN B 107 9.34 42.17 1.73
N TYR B 108 8.17 42.66 1.33
CA TYR B 108 7.03 42.74 2.22
C TYR B 108 5.77 42.05 1.74
N CYS B 109 5.67 41.68 0.46
CA CYS B 109 4.39 41.29 -0.10
C CYS B 109 4.26 39.82 -0.46
N ILE B 110 5.31 39.19 -1.00
CA ILE B 110 5.21 37.84 -1.52
C ILE B 110 5.87 36.88 -0.53
N TYR B 111 5.12 35.86 -0.11
CA TYR B 111 5.61 34.82 0.79
C TYR B 111 5.27 33.45 0.20
N GLY B 112 6.25 32.56 0.24
CA GLY B 112 6.05 31.22 -0.28
C GLY B 112 6.67 30.17 0.62
N ALA B 113 6.07 28.98 0.60
CA ALA B 113 6.60 27.84 1.33
C ALA B 113 6.38 26.57 0.52
N ASP B 114 7.30 25.62 0.68
CA ASP B 114 7.25 24.31 0.02
C ASP B 114 8.33 23.41 0.61
N ILE B 115 8.06 22.11 0.65
CA ILE B 115 9.04 21.15 1.17
C ILE B 115 10.15 20.83 0.16
N ASP B 116 9.95 21.13 -1.13
CA ASP B 116 10.90 20.79 -2.17
C ASP B 116 11.96 21.88 -2.29
N GLU B 117 13.21 21.53 -1.97
CA GLU B 117 14.28 22.51 -2.05
C GLU B 117 14.50 23.00 -3.47
N LYS B 118 14.43 22.08 -4.45
CA LYS B 118 14.66 22.45 -5.84
C LYS B 118 13.63 23.45 -6.33
N ALA B 119 12.36 23.24 -5.98
CA ALA B 119 11.29 24.15 -6.41
C ALA B 119 11.48 25.53 -5.81
N ILE B 120 11.88 25.60 -4.54
CA ILE B 120 12.11 26.89 -3.90
C ILE B 120 13.30 27.60 -4.56
N SER B 121 14.35 26.86 -4.88
CA SER B 121 15.50 27.47 -5.56
C SER B 121 15.08 28.05 -6.90
N ILE B 122 14.30 27.29 -7.68
CA ILE B 122 13.84 27.77 -8.98
C ILE B 122 12.97 29.01 -8.83
N LEU B 123 12.07 29.00 -7.85
CA LEU B 123 11.21 30.17 -7.63
C LEU B 123 12.03 31.40 -7.24
N LYS B 124 13.05 31.21 -6.40
CA LYS B 124 13.92 32.32 -6.04
C LYS B 124 14.56 32.91 -7.28
N ASP B 125 15.05 32.06 -8.18
CA ASP B 125 15.67 32.56 -9.40
C ASP B 125 14.67 33.33 -10.26
N SER B 126 13.43 32.81 -10.38
CA SER B 126 12.45 33.49 -11.23
C SER B 126 12.08 34.86 -10.66
N LEU B 127 11.81 34.92 -9.35
CA LEU B 127 11.49 36.20 -8.72
C LEU B 127 12.66 37.17 -8.83
N THR B 128 13.89 36.67 -8.74
CA THR B 128 15.06 37.54 -8.92
C THR B 128 15.13 38.07 -10.35
N ASN B 129 14.76 37.25 -11.33
CA ASN B 129 14.83 37.65 -12.73
C ASN B 129 13.64 38.47 -13.19
N LYS B 130 12.66 38.71 -12.33
CA LYS B 130 11.59 39.64 -12.69
C LYS B 130 12.09 41.05 -12.96
N LYS B 131 13.28 41.42 -12.49
CA LYS B 131 13.83 42.76 -12.68
C LYS B 131 14.90 42.72 -13.76
N VAL B 132 14.73 43.57 -14.79
CA VAL B 132 15.65 43.57 -15.92
C VAL B 132 17.06 43.97 -15.48
N VAL B 133 17.16 45.00 -14.66
CA VAL B 133 18.47 45.49 -14.21
C VAL B 133 19.05 44.50 -13.21
N ASN B 134 20.23 43.98 -13.53
CA ASN B 134 20.94 43.07 -12.64
C ASN B 134 21.97 43.85 -11.82
N ASP B 135 22.04 43.53 -10.53
CA ASP B 135 22.90 44.25 -9.58
C ASP B 135 22.51 45.73 -9.51
N LEU B 136 21.25 45.96 -9.14
CA LEU B 136 20.76 47.33 -8.96
C LEU B 136 21.40 48.00 -7.75
N ASP B 137 21.46 47.28 -6.63
CA ASP B 137 22.07 47.77 -5.39
C ASP B 137 22.99 46.70 -4.81
N GLU B 138 23.83 46.11 -5.67
CA GLU B 138 24.78 45.06 -5.34
C GLU B 138 24.11 43.72 -5.00
N SER B 139 22.89 43.51 -5.47
CA SER B 139 22.22 42.21 -5.46
C SER B 139 22.08 41.66 -4.04
N ASP B 140 21.31 42.37 -3.22
CA ASP B 140 20.95 41.92 -1.87
C ASP B 140 19.48 42.27 -1.63
N ILE B 141 18.60 41.33 -1.96
CA ILE B 141 17.16 41.51 -1.79
C ILE B 141 16.64 40.43 -0.86
N LYS B 142 15.96 40.85 0.21
CA LYS B 142 15.31 39.90 1.10
C LYS B 142 14.10 39.28 0.41
N ILE B 143 14.04 37.96 0.37
CA ILE B 143 12.94 37.23 -0.26
C ILE B 143 12.34 36.29 0.78
N ASN B 144 11.02 36.27 0.86
CA ASN B 144 10.31 35.52 1.89
C ASN B 144 9.87 34.16 1.34
N LEU B 145 10.87 33.32 1.07
CA LEU B 145 10.64 31.93 0.69
C LEU B 145 11.15 31.01 1.79
N PHE B 146 10.40 29.96 2.08
CA PHE B 146 10.75 29.03 3.14
C PHE B 146 10.67 27.61 2.61
N CYS B 147 11.74 26.85 2.82
CA CYS B 147 11.76 25.42 2.50
C CYS B 147 11.47 24.67 3.80
N CYS B 148 10.23 24.23 3.96
CA CYS B 148 9.77 23.66 5.22
C CYS B 148 8.49 22.90 4.96
N ASP B 149 8.04 22.18 5.99
CA ASP B 149 6.71 21.56 5.99
C ASP B 149 5.71 22.63 6.42
N SER B 150 4.84 23.05 5.51
CA SER B 150 3.93 24.16 5.81
C SER B 150 2.99 23.82 6.96
N LEU B 151 2.74 22.53 7.20
CA LEU B 151 1.85 22.14 8.28
C LEU B 151 2.54 22.13 9.64
N LYS B 152 3.87 22.23 9.67
CA LYS B 152 4.61 22.25 10.92
C LYS B 152 5.18 23.62 11.26
N LYS B 153 5.24 24.54 10.30
CA LYS B 153 5.89 25.82 10.55
C LYS B 153 5.05 26.69 11.46
N LYS B 154 5.70 27.29 12.46
CA LYS B 154 5.06 28.29 13.31
C LYS B 154 5.20 29.65 12.66
N TRP B 155 4.06 30.28 12.36
CA TRP B 155 4.04 31.57 11.68
C TRP B 155 3.93 32.69 12.71
N ARG B 156 4.77 33.71 12.55
CA ARG B 156 4.78 34.82 13.50
C ARG B 156 3.61 35.77 13.32
N TYR B 157 2.95 35.75 12.16
CA TYR B 157 1.86 36.68 11.89
C TYR B 157 0.97 36.10 10.80
N LYS B 158 -0.23 36.67 10.68
CA LYS B 158 -1.20 36.22 9.70
C LYS B 158 -1.06 37.01 8.39
N PHE B 159 -1.78 36.55 7.37
CA PHE B 159 -1.55 36.99 6.00
C PHE B 159 -2.82 37.57 5.38
N ASP B 160 -2.65 38.63 4.57
CA ASP B 160 -3.78 39.30 3.95
C ASP B 160 -4.46 38.43 2.90
N TYR B 161 -3.67 37.72 2.10
CA TYR B 161 -4.24 36.86 1.05
C TYR B 161 -3.46 35.56 0.98
N ILE B 162 -4.18 34.47 0.69
CA ILE B 162 -3.59 33.14 0.54
C ILE B 162 -4.19 32.51 -0.70
N VAL B 163 -3.33 32.05 -1.61
CA VAL B 163 -3.74 31.39 -2.84
C VAL B 163 -2.89 30.14 -3.03
N GLY B 164 -3.32 29.27 -3.92
CA GLY B 164 -2.47 28.19 -4.36
C GLY B 164 -3.22 26.88 -4.56
N ASN B 165 -2.44 25.81 -4.69
CA ASN B 165 -2.95 24.48 -4.99
C ASN B 165 -2.25 23.48 -4.10
N PRO B 166 -2.88 23.04 -3.02
CA PRO B 166 -2.21 22.20 -2.02
C PRO B 166 -2.00 20.79 -2.55
N PRO B 167 -1.14 19.99 -1.91
CA PRO B 167 -1.02 18.58 -2.31
C PRO B 167 -2.27 17.80 -1.94
N TYR B 168 -2.59 16.80 -2.78
CA TYR B 168 -3.68 15.86 -2.49
C TYR B 168 -3.04 14.49 -2.29
N ILE B 169 -3.03 14.01 -1.05
CA ILE B 169 -2.53 12.67 -0.74
C ILE B 169 -3.52 11.98 0.19
N GLY B 170 -3.99 10.80 -0.20
CA GLY B 170 -4.99 10.08 0.56
C GLY B 170 -4.38 9.26 1.68
N HIS B 171 -5.22 8.41 2.27
CA HIS B 171 -4.78 7.61 3.41
C HIS B 171 -3.80 6.53 3.01
N LYS B 172 -3.88 6.02 1.77
CA LYS B 172 -3.00 4.95 1.33
C LYS B 172 -1.60 5.46 1.00
N LYS B 173 -1.49 6.65 0.41
CA LYS B 173 -0.21 7.13 -0.09
C LYS B 173 0.56 7.99 0.91
N LEU B 174 0.02 8.19 2.11
CA LEU B 174 0.71 8.91 3.17
C LEU B 174 1.40 7.91 4.09
N GLU B 175 2.57 8.28 4.59
CA GLU B 175 3.29 7.42 5.52
C GLU B 175 2.61 7.44 6.89
N LYS B 176 2.59 6.28 7.55
CA LYS B 176 1.87 6.15 8.82
C LYS B 176 2.45 7.05 9.89
N LYS B 177 3.78 7.18 9.93
CA LYS B 177 4.42 8.04 10.93
C LYS B 177 3.97 9.48 10.77
N TYR B 178 3.79 9.93 9.53
CA TYR B 178 3.29 11.29 9.31
C TYR B 178 1.82 11.40 9.66
N LYS B 179 1.04 10.35 9.37
CA LYS B 179 -0.38 10.38 9.72
C LYS B 179 -0.57 10.43 11.22
N LYS B 180 0.37 9.89 12.00
CA LYS B 180 0.28 10.07 13.45
C LYS B 180 0.34 11.55 13.82
N PHE B 181 1.27 12.29 13.19
CA PHE B 181 1.36 13.72 13.44
C PHE B 181 0.07 14.43 13.04
N LEU B 182 -0.47 14.09 11.86
CA LEU B 182 -1.70 14.75 11.41
C LEU B 182 -2.86 14.42 12.35
N LEU B 183 -2.99 13.17 12.78
CA LEU B 183 -4.07 12.78 13.67
C LEU B 183 -3.94 13.42 15.04
N GLU B 184 -2.71 13.74 15.45
CA GLU B 184 -2.54 14.38 16.75
C GLU B 184 -2.79 15.88 16.69
N LYS B 185 -2.36 16.54 15.61
CA LYS B 185 -2.37 18.01 15.58
C LYS B 185 -3.49 18.59 14.74
N TYR B 186 -3.94 17.89 13.71
CA TYR B 186 -5.01 18.37 12.82
C TYR B 186 -6.30 17.57 13.00
N SER B 187 -6.58 17.15 14.23
CA SER B 187 -7.74 16.31 14.49
C SER B 187 -9.06 17.01 14.22
N GLU B 188 -9.10 18.34 14.25
CA GLU B 188 -10.34 19.08 13.99
C GLU B 188 -10.87 18.82 12.59
N VAL B 189 -10.01 18.49 11.64
CA VAL B 189 -10.44 18.17 10.27
C VAL B 189 -9.91 16.84 9.77
N TYR B 190 -8.91 16.24 10.41
CA TYR B 190 -8.27 15.04 9.88
C TYR B 190 -8.51 13.85 10.80
N LYS B 191 -9.24 12.86 10.30
CA LYS B 191 -9.46 11.60 11.00
C LYS B 191 -9.71 10.52 9.95
N ASP B 192 -9.57 9.26 10.37
CA ASP B 192 -9.95 8.13 9.53
C ASP B 192 -9.31 8.20 8.14
N LYS B 193 -10.15 8.27 7.10
CA LYS B 193 -9.67 8.28 5.72
C LYS B 193 -9.64 9.69 5.13
N ALA B 194 -9.34 10.69 5.94
CA ALA B 194 -9.26 12.05 5.45
C ALA B 194 -8.07 12.22 4.49
N ASP B 195 -7.99 13.39 3.89
CA ASP B 195 -6.93 13.74 2.95
C ASP B 195 -6.08 14.88 3.51
N LEU B 196 -4.84 14.96 3.00
CA LEU B 196 -3.89 15.97 3.47
C LEU B 196 -4.38 17.39 3.21
N TYR B 197 -5.06 17.60 2.09
CA TYR B 197 -5.50 18.95 1.78
C TYR B 197 -6.58 19.43 2.74
N PHE B 198 -7.20 18.53 3.50
CA PHE B 198 -8.05 18.97 4.62
C PHE B 198 -7.23 19.80 5.59
N CYS B 199 -6.05 19.29 5.97
CA CYS B 199 -5.16 20.02 6.85
C CYS B 199 -4.65 21.30 6.21
N PHE B 200 -4.45 21.29 4.88
CA PHE B 200 -4.05 22.54 4.25
C PHE B 200 -5.15 23.60 4.33
N TYR B 201 -6.41 23.18 4.12
CA TYR B 201 -7.54 24.08 4.34
C TYR B 201 -7.52 24.67 5.74
N LYS B 202 -7.33 23.79 6.74
CA LYS B 202 -7.34 24.28 8.13
C LYS B 202 -6.22 25.28 8.37
N LYS B 203 -5.01 24.98 7.89
CA LYS B 203 -3.89 25.89 8.11
C LYS B 203 -4.14 27.24 7.45
N ILE B 204 -4.62 27.22 6.21
CA ILE B 204 -4.91 28.48 5.51
C ILE B 204 -5.91 29.31 6.28
N ILE B 205 -6.99 28.67 6.75
CA ILE B 205 -7.99 29.39 7.53
C ILE B 205 -7.37 29.96 8.81
N ASP B 206 -6.51 29.18 9.46
CA ASP B 206 -5.94 29.62 10.73
C ASP B 206 -5.04 30.84 10.57
N ILE B 207 -4.23 30.89 9.52
CA ILE B 207 -3.26 31.98 9.38
C ILE B 207 -3.76 33.10 8.47
N LEU B 208 -5.05 33.12 8.14
CA LEU B 208 -5.61 34.18 7.32
C LEU B 208 -5.99 35.37 8.20
N LYS B 209 -5.49 36.54 7.83
CA LYS B 209 -5.74 37.74 8.61
C LYS B 209 -7.23 38.11 8.57
N GLN B 210 -7.69 38.75 9.64
CA GLN B 210 -9.06 39.26 9.66
C GLN B 210 -9.28 40.22 8.51
N GLY B 211 -10.36 40.02 7.76
CA GLY B 211 -10.59 40.76 6.55
C GLY B 211 -9.88 40.20 5.33
N GLY B 212 -9.10 39.14 5.48
CA GLY B 212 -8.36 38.58 4.37
C GLY B 212 -9.23 37.73 3.46
N ILE B 213 -8.67 37.37 2.31
CA ILE B 213 -9.33 36.52 1.34
C ILE B 213 -8.39 35.36 1.00
N GLY B 214 -8.94 34.16 0.98
CA GLY B 214 -8.22 32.99 0.50
C GLY B 214 -8.96 32.39 -0.68
N SER B 215 -8.19 31.83 -1.61
CA SER B 215 -8.78 31.17 -2.77
C SER B 215 -7.86 30.03 -3.20
N VAL B 216 -8.41 28.82 -3.26
CA VAL B 216 -7.63 27.62 -3.56
C VAL B 216 -8.39 26.75 -4.54
N ILE B 217 -7.65 25.84 -5.17
CA ILE B 217 -8.24 24.79 -6.02
C ILE B 217 -7.84 23.45 -5.41
N THR B 218 -8.84 22.65 -5.06
CA THR B 218 -8.63 21.39 -4.36
C THR B 218 -9.51 20.32 -5.02
N PRO B 219 -9.44 19.07 -4.59
CA PRO B 219 -10.46 18.11 -5.02
C PRO B 219 -11.84 18.54 -4.54
N ARG B 220 -12.86 18.15 -5.30
CA ARG B 220 -14.24 18.46 -4.94
C ARG B 220 -14.84 17.47 -3.96
N TYR B 221 -14.13 16.38 -3.63
CA TYR B 221 -14.76 15.27 -2.92
C TYR B 221 -15.17 15.65 -1.50
N PHE B 222 -14.47 16.60 -0.87
CA PHE B 222 -14.82 17.00 0.48
C PHE B 222 -16.18 17.68 0.55
N LEU B 223 -16.70 18.17 -0.58
CA LEU B 223 -18.03 18.76 -0.59
C LEU B 223 -19.13 17.75 -0.28
N GLU B 224 -18.85 16.46 -0.46
CA GLU B 224 -19.87 15.42 -0.29
C GLU B 224 -19.43 14.22 0.53
N SER B 225 -18.13 13.97 0.66
CA SER B 225 -17.66 12.71 1.22
C SER B 225 -17.96 12.61 2.72
N LEU B 226 -18.01 11.36 3.20
CA LEU B 226 -18.13 11.13 4.63
C LEU B 226 -16.90 11.62 5.38
N SER B 227 -15.71 11.48 4.77
CA SER B 227 -14.49 11.89 5.44
C SER B 227 -14.44 13.40 5.66
N GLY B 228 -15.04 14.17 4.75
CA GLY B 228 -14.96 15.62 4.81
C GLY B 228 -15.87 16.30 5.79
N LYS B 229 -16.73 15.55 6.49
CA LYS B 229 -17.74 16.14 7.36
C LYS B 229 -17.14 17.22 8.26
N ASP B 230 -16.17 16.84 9.10
CA ASP B 230 -15.58 17.80 10.02
C ASP B 230 -15.01 18.99 9.28
N LEU B 231 -14.29 18.76 8.18
CA LEU B 231 -13.73 19.86 7.42
C LEU B 231 -14.81 20.86 7.06
N ARG B 232 -15.94 20.37 6.53
CA ARG B 232 -17.01 21.27 6.15
C ARG B 232 -17.42 22.14 7.34
N GLU B 233 -17.67 21.51 8.49
CA GLU B 233 -18.02 22.29 9.68
C GLU B 233 -16.97 23.37 9.93
N TYR B 234 -15.70 22.97 9.93
CA TYR B 234 -14.63 23.92 10.21
C TYR B 234 -14.67 25.09 9.25
N ILE B 235 -14.91 24.82 7.97
CA ILE B 235 -15.01 25.93 7.03
C ILE B 235 -16.22 26.80 7.36
N LYS B 236 -17.39 26.17 7.50
CA LYS B 236 -18.64 26.94 7.51
C LYS B 236 -18.71 27.86 8.72
N SER B 237 -18.04 27.49 9.81
CA SER B 237 -18.10 28.25 11.05
C SER B 237 -16.81 29.04 11.32
N ASN B 238 -15.91 29.12 10.35
CA ASN B 238 -14.71 29.93 10.56
C ASN B 238 -14.46 30.98 9.48
N VAL B 239 -15.00 30.82 8.28
CA VAL B 239 -14.86 31.79 7.20
C VAL B 239 -16.21 32.01 6.54
N ASN B 240 -16.29 33.05 5.72
CA ASN B 240 -17.44 33.29 4.87
C ASN B 240 -17.07 32.83 3.46
N VAL B 241 -17.71 31.75 3.00
CA VAL B 241 -17.39 31.21 1.69
C VAL B 241 -18.00 32.14 0.64
N GLN B 242 -17.14 32.86 -0.09
CA GLN B 242 -17.63 33.77 -1.12
C GLN B 242 -18.20 33.00 -2.29
N GLU B 243 -17.44 32.06 -2.82
CA GLU B 243 -17.95 31.31 -3.96
C GLU B 243 -17.29 29.96 -4.09
N ILE B 244 -17.97 29.06 -4.79
CA ILE B 244 -17.53 27.69 -5.04
C ILE B 244 -17.76 27.42 -6.52
N VAL B 245 -16.70 27.10 -7.23
CA VAL B 245 -16.78 26.66 -8.62
C VAL B 245 -16.54 25.16 -8.62
N ASP B 246 -17.59 24.40 -8.97
CA ASP B 246 -17.55 22.95 -8.98
C ASP B 246 -17.48 22.50 -10.44
N PHE B 247 -16.37 21.88 -10.81
CA PHE B 247 -16.18 21.37 -12.16
C PHE B 247 -16.72 19.96 -12.33
N LEU B 248 -17.35 19.40 -11.29
CA LEU B 248 -17.92 18.05 -11.30
C LEU B 248 -16.84 17.08 -11.79
N GLY B 249 -17.11 16.25 -12.77
CA GLY B 249 -16.16 15.27 -13.24
C GLY B 249 -15.26 15.72 -14.38
N ALA B 250 -15.21 17.01 -14.67
CA ALA B 250 -14.36 17.50 -15.75
C ALA B 250 -12.89 17.32 -15.40
N ASN B 251 -12.08 17.13 -16.43
CA ASN B 251 -10.64 16.86 -16.27
C ASN B 251 -9.88 18.17 -16.39
N ILE B 252 -9.77 18.88 -15.26
CA ILE B 252 -9.08 20.17 -15.24
C ILE B 252 -7.58 20.00 -15.44
N PHE B 253 -7.00 18.98 -14.79
CA PHE B 253 -5.57 18.70 -14.91
C PHE B 253 -5.37 17.58 -15.93
N LYS B 254 -4.57 17.85 -16.96
CA LYS B 254 -4.30 16.86 -17.99
C LYS B 254 -3.60 15.65 -17.39
N ASN B 255 -4.08 14.46 -17.76
CA ASN B 255 -3.49 13.18 -17.34
C ASN B 255 -3.49 13.01 -15.82
N ILE B 256 -4.43 13.64 -15.14
CA ILE B 256 -4.60 13.49 -13.70
C ILE B 256 -6.02 13.02 -13.42
N GLY B 257 -6.13 11.88 -12.75
CA GLY B 257 -7.44 11.35 -12.41
C GLY B 257 -7.99 11.95 -11.14
N VAL B 258 -8.26 13.26 -11.15
CA VAL B 258 -8.87 13.95 -10.02
C VAL B 258 -9.96 14.86 -10.54
N SER B 259 -10.91 15.19 -9.67
CA SER B 259 -11.99 16.11 -9.97
C SER B 259 -11.88 17.30 -9.03
N SER B 260 -12.08 18.50 -9.57
CA SER B 260 -11.57 19.72 -8.97
C SER B 260 -12.68 20.69 -8.63
N CYS B 261 -12.40 21.56 -7.65
CA CYS B 261 -13.25 22.69 -7.35
C CYS B 261 -12.38 23.85 -6.86
N ILE B 262 -12.92 25.06 -6.99
CA ILE B 262 -12.26 26.29 -6.55
C ILE B 262 -13.09 26.90 -5.44
N LEU B 263 -12.46 27.16 -4.31
CA LEU B 263 -13.12 27.80 -3.17
C LEU B 263 -12.51 29.18 -2.96
N THR B 264 -13.38 30.18 -2.78
CA THR B 264 -12.97 31.50 -2.37
C THR B 264 -13.76 31.90 -1.13
N PHE B 265 -13.04 32.27 -0.08
CA PHE B 265 -13.60 32.59 1.22
C PHE B 265 -12.89 33.80 1.81
N ASP B 266 -13.51 34.42 2.81
CA ASP B 266 -12.93 35.59 3.45
C ASP B 266 -13.18 35.53 4.96
N LYS B 267 -12.54 36.46 5.67
CA LYS B 267 -12.80 36.71 7.07
C LYS B 267 -13.27 38.14 7.29
N LYS B 268 -14.15 38.62 6.40
CA LYS B 268 -14.70 39.96 6.48
C LYS B 268 -15.95 39.98 7.38
N LYS B 269 -16.34 41.18 7.78
CA LYS B 269 -17.54 41.38 8.59
C LYS B 269 -18.77 41.44 7.68
N THR B 270 -19.13 40.28 7.15
CA THR B 270 -20.27 40.18 6.25
C THR B 270 -21.57 40.18 7.06
N LYS B 271 -22.50 41.05 6.68
CA LYS B 271 -23.80 41.09 7.34
C LYS B 271 -24.51 39.75 7.20
N GLU B 272 -24.81 39.35 5.97
CA GLU B 272 -25.24 38.00 5.66
C GLU B 272 -24.33 37.46 4.57
N THR B 273 -24.07 36.15 4.62
CA THR B 273 -23.18 35.52 3.64
C THR B 273 -23.98 34.55 2.81
N TYR B 274 -24.15 34.86 1.54
CA TYR B 274 -24.59 33.93 0.52
C TYR B 274 -23.39 33.48 -0.30
N ILE B 275 -23.46 32.26 -0.81
CA ILE B 275 -22.41 31.64 -1.59
C ILE B 275 -22.82 31.65 -3.04
N ASP B 276 -21.93 32.13 -3.92
CA ASP B 276 -22.07 32.01 -5.35
C ASP B 276 -21.61 30.61 -5.75
N VAL B 277 -22.52 29.78 -6.24
CA VAL B 277 -22.21 28.41 -6.64
C VAL B 277 -22.31 28.36 -8.16
N PHE B 278 -21.17 28.05 -8.79
CA PHE B 278 -21.08 27.83 -10.23
C PHE B 278 -20.85 26.35 -10.44
N LYS B 279 -21.87 25.65 -10.93
CA LYS B 279 -21.81 24.22 -11.18
C LYS B 279 -21.82 24.01 -12.69
N ILE B 280 -20.86 23.21 -13.17
CA ILE B 280 -20.74 23.01 -14.61
C ILE B 280 -21.91 22.15 -15.12
N LYS B 281 -22.34 22.44 -16.34
CA LYS B 281 -23.47 21.73 -16.94
C LYS B 281 -23.03 20.55 -17.79
N ASN B 282 -21.91 20.68 -18.49
CA ASN B 282 -21.40 19.62 -19.36
C ASN B 282 -19.97 19.33 -18.96
N GLU B 283 -19.71 18.12 -18.47
CA GLU B 283 -18.37 17.73 -18.05
C GLU B 283 -17.41 17.57 -19.21
N ASP B 284 -17.91 17.53 -20.46
CA ASP B 284 -17.07 17.33 -21.63
C ASP B 284 -16.39 18.61 -22.11
N ILE B 285 -16.76 19.77 -21.57
CA ILE B 285 -16.29 21.04 -22.14
C ILE B 285 -14.79 21.18 -21.91
N CYS B 286 -14.13 21.88 -22.84
CA CYS B 286 -12.72 22.24 -22.72
C CYS B 286 -12.62 23.60 -22.02
N ILE B 287 -11.75 23.67 -21.02
CA ILE B 287 -11.67 24.87 -20.18
C ILE B 287 -11.07 26.07 -20.90
N ASN B 288 -10.43 25.86 -22.05
CA ASN B 288 -9.85 26.94 -22.84
C ASN B 288 -10.82 27.50 -23.87
N LYS B 289 -12.13 27.43 -23.61
CA LYS B 289 -13.11 27.94 -24.56
C LYS B 289 -12.92 29.43 -24.80
N PHE B 290 -12.78 30.20 -23.72
CA PHE B 290 -12.45 31.61 -23.80
C PHE B 290 -11.06 31.84 -23.24
N GLU B 291 -10.58 33.08 -23.35
CA GLU B 291 -9.27 33.43 -22.81
C GLU B 291 -9.29 33.55 -21.30
N THR B 292 -10.47 33.71 -20.69
CA THR B 292 -10.59 33.95 -19.26
C THR B 292 -11.65 33.04 -18.66
N LEU B 293 -11.47 32.70 -17.38
CA LEU B 293 -12.40 31.79 -16.73
C LEU B 293 -13.73 32.45 -16.38
N GLU B 294 -13.72 33.75 -16.09
CA GLU B 294 -14.96 34.45 -15.79
C GLU B 294 -15.93 34.37 -16.96
N GLU B 295 -15.41 34.47 -18.19
CA GLU B 295 -16.25 34.33 -19.37
C GLU B 295 -16.90 32.95 -19.42
N LEU B 296 -16.14 31.91 -19.08
CA LEU B 296 -16.72 30.57 -19.02
C LEU B 296 -17.80 30.48 -17.95
N LEU B 297 -17.54 31.06 -16.77
CA LEU B 297 -18.52 30.98 -15.68
C LEU B 297 -19.82 31.68 -16.05
N LYS B 298 -19.73 32.86 -16.68
CA LYS B 298 -20.94 33.61 -17.01
C LYS B 298 -21.68 33.04 -18.21
N SER B 299 -21.10 32.07 -18.92
CA SER B 299 -21.71 31.56 -20.13
C SER B 299 -22.78 30.51 -19.82
N SER B 300 -23.40 29.99 -20.87
CA SER B 300 -24.42 28.95 -20.72
C SER B 300 -23.83 27.63 -20.26
N LYS B 301 -22.51 27.47 -20.29
CA LYS B 301 -21.88 26.22 -19.92
C LYS B 301 -21.78 26.02 -18.41
N PHE B 302 -22.10 27.04 -17.62
CA PHE B 302 -22.14 26.96 -16.18
C PHE B 302 -23.47 27.45 -15.66
N GLU B 303 -23.93 26.83 -14.59
CA GLU B 303 -25.18 27.19 -13.92
C GLU B 303 -24.83 27.86 -12.60
N HIS B 304 -25.49 28.98 -12.31
CA HIS B 304 -25.19 29.76 -11.12
C HIS B 304 -26.39 29.79 -10.19
N PHE B 305 -26.14 29.66 -8.89
CA PHE B 305 -27.19 29.88 -7.91
C PHE B 305 -26.54 30.26 -6.58
N ASN B 306 -27.36 30.77 -5.66
CA ASN B 306 -26.87 31.20 -4.36
C ASN B 306 -27.32 30.24 -3.27
N ILE B 307 -26.44 30.02 -2.30
CA ILE B 307 -26.75 29.17 -1.15
C ILE B 307 -26.53 30.00 0.11
N ASN B 308 -27.51 29.99 1.02
CA ASN B 308 -27.34 30.69 2.29
C ASN B 308 -26.45 29.83 3.19
N GLN B 309 -25.25 30.32 3.49
CA GLN B 309 -24.30 29.53 4.26
C GLN B 309 -24.83 29.24 5.66
N ARG B 310 -25.55 30.20 6.25
CA ARG B 310 -26.09 30.03 7.59
C ARG B 310 -27.04 28.84 7.67
N LEU B 311 -27.69 28.50 6.57
CA LEU B 311 -28.66 27.41 6.54
C LEU B 311 -28.04 26.06 6.22
N LEU B 312 -26.73 25.99 6.04
CA LEU B 312 -26.08 24.72 5.76
C LEU B 312 -26.08 23.83 7.00
N SER B 313 -26.36 22.55 6.78
CA SER B 313 -26.32 21.54 7.82
C SER B 313 -24.92 20.90 7.85
N ASP B 314 -24.79 19.77 8.55
CA ASP B 314 -23.55 19.02 8.49
C ASP B 314 -23.22 18.56 7.08
N GLU B 315 -24.21 18.44 6.21
CA GLU B 315 -24.02 18.11 4.81
C GLU B 315 -24.32 19.35 3.95
N TRP B 316 -23.53 19.52 2.90
CA TRP B 316 -23.66 20.67 1.99
C TRP B 316 -24.39 20.21 0.74
N ILE B 317 -25.69 20.52 0.67
CA ILE B 317 -26.51 20.17 -0.48
C ILE B 317 -26.60 21.42 -1.34
N LEU B 318 -25.67 21.53 -2.28
CA LEU B 318 -25.54 22.72 -3.13
C LEU B 318 -26.23 22.43 -4.46
N VAL B 319 -27.55 22.61 -4.47
CA VAL B 319 -28.37 22.41 -5.65
C VAL B 319 -29.34 23.58 -5.78
N ASN B 320 -29.90 23.73 -6.98
CA ASN B 320 -30.85 24.81 -7.22
C ASN B 320 -32.15 24.55 -6.48
N LYS B 321 -33.04 25.54 -6.52
CA LYS B 321 -34.27 25.48 -5.74
C LYS B 321 -35.16 24.32 -6.18
N ASP B 322 -35.23 24.06 -7.49
CA ASP B 322 -36.05 22.96 -7.98
C ASP B 322 -35.58 21.63 -7.42
N ASP B 323 -34.27 21.39 -7.45
CA ASP B 323 -33.73 20.14 -6.92
C ASP B 323 -33.94 20.06 -5.41
N GLU B 324 -33.81 21.18 -4.70
CA GLU B 324 -34.05 21.18 -3.27
C GLU B 324 -35.48 20.78 -2.95
N THR B 325 -36.44 21.35 -3.68
CA THR B 325 -37.85 21.00 -3.46
C THR B 325 -38.12 19.54 -3.78
N PHE B 326 -37.57 19.05 -4.89
CA PHE B 326 -37.73 17.65 -5.28
C PHE B 326 -37.19 16.71 -4.20
N TYR B 327 -35.97 16.98 -3.75
CA TYR B 327 -35.33 16.19 -2.71
C TYR B 327 -36.14 16.20 -1.42
N ASN B 328 -36.62 17.38 -1.01
CA ASN B 328 -37.37 17.46 0.24
C ASN B 328 -38.70 16.74 0.14
N LYS B 329 -39.36 16.81 -1.01
CA LYS B 329 -40.60 16.06 -1.20
C LYS B 329 -40.35 14.57 -1.02
N ILE B 330 -39.31 14.05 -1.68
CA ILE B 330 -39.02 12.62 -1.55
C ILE B 330 -38.68 12.27 -0.10
N GLN B 331 -37.85 13.10 0.54
CA GLN B 331 -37.43 12.80 1.91
C GLN B 331 -38.61 12.79 2.87
N GLU B 332 -39.55 13.72 2.69
CA GLU B 332 -40.71 13.76 3.58
C GLU B 332 -41.62 12.56 3.35
N LYS B 333 -41.93 12.26 2.09
CA LYS B 333 -42.93 11.23 1.81
C LYS B 333 -42.49 9.85 2.32
N CYS B 334 -41.20 9.54 2.16
CA CYS B 334 -40.68 8.24 2.58
C CYS B 334 -40.56 8.16 4.09
N LYS B 335 -40.96 7.01 4.66
CA LYS B 335 -40.91 6.80 6.09
C LYS B 335 -39.82 5.82 6.52
N TYR B 336 -39.16 5.14 5.58
CA TYR B 336 -38.11 4.19 5.88
C TYR B 336 -36.86 4.52 5.08
N SER B 337 -35.71 4.11 5.59
CA SER B 337 -34.46 4.13 4.85
C SER B 337 -33.96 2.70 4.66
N LEU B 338 -33.09 2.52 3.67
CA LEU B 338 -32.53 1.20 3.44
C LEU B 338 -31.78 0.69 4.66
N GLU B 339 -31.16 1.59 5.42
CA GLU B 339 -30.45 1.18 6.62
C GLU B 339 -31.41 0.55 7.63
N ASP B 340 -32.62 1.08 7.73
CA ASP B 340 -33.61 0.54 8.67
C ASP B 340 -33.97 -0.90 8.33
N ILE B 341 -34.12 -1.20 7.04
CA ILE B 341 -34.73 -2.46 6.62
C ILE B 341 -33.72 -3.52 6.18
N ALA B 342 -32.45 -3.14 5.98
CA ALA B 342 -31.52 -4.03 5.31
C ALA B 342 -30.21 -4.16 6.08
N ILE B 343 -29.54 -5.29 5.85
CA ILE B 343 -28.18 -5.54 6.29
C ILE B 343 -27.28 -5.37 5.08
N SER B 344 -26.35 -4.42 5.17
CA SER B 344 -25.43 -4.07 4.10
C SER B 344 -24.02 -4.59 4.41
N PHE B 345 -23.30 -4.97 3.36
CA PHE B 345 -21.91 -5.37 3.56
C PHE B 345 -21.09 -5.20 2.29
N GLN B 346 -19.80 -4.97 2.50
CA GLN B 346 -18.79 -4.88 1.45
C GLN B 346 -18.36 -6.28 1.01
N GLY B 347 -17.86 -6.36 -0.21
CA GLY B 347 -17.45 -7.63 -0.76
C GLY B 347 -16.18 -8.17 -0.14
N ILE B 348 -15.72 -9.29 -0.71
CA ILE B 348 -14.52 -9.96 -0.24
C ILE B 348 -13.30 -9.09 -0.55
N ILE B 349 -12.36 -9.03 0.39
CA ILE B 349 -11.07 -8.40 0.15
C ILE B 349 -10.02 -9.49 0.37
N THR B 350 -9.54 -10.08 -0.73
CA THR B 350 -8.57 -11.16 -0.62
C THR B 350 -7.21 -10.63 -0.15
N GLY B 351 -6.81 -9.46 -0.63
CA GLY B 351 -5.49 -8.92 -0.40
C GLY B 351 -4.52 -9.17 -1.54
N CYS B 352 -4.79 -10.17 -2.38
CA CYS B 352 -4.05 -10.37 -3.63
C CYS B 352 -4.95 -11.18 -4.56
N ASP B 353 -5.63 -10.50 -5.47
CA ASP B 353 -6.64 -11.18 -6.28
C ASP B 353 -6.03 -12.19 -7.24
N LYS B 354 -4.83 -11.91 -7.75
CA LYS B 354 -4.18 -12.85 -8.67
C LYS B 354 -3.92 -14.21 -8.04
N ALA B 355 -3.81 -14.26 -6.71
CA ALA B 355 -3.55 -15.51 -6.01
C ALA B 355 -4.79 -16.36 -5.79
N PHE B 356 -5.99 -15.76 -5.80
CA PHE B 356 -7.21 -16.46 -5.44
C PHE B 356 -8.27 -16.50 -6.54
N ILE B 357 -8.21 -15.61 -7.53
CA ILE B 357 -9.26 -15.50 -8.54
C ILE B 357 -8.77 -16.15 -9.82
N LEU B 358 -9.57 -17.05 -10.37
CA LEU B 358 -9.21 -17.75 -11.60
C LEU B 358 -10.33 -17.61 -12.62
N SER B 359 -9.95 -17.40 -13.88
CA SER B 359 -10.93 -17.45 -14.95
C SER B 359 -11.60 -18.82 -14.96
N LYS B 360 -12.92 -18.86 -15.14
CA LYS B 360 -13.65 -20.11 -14.99
C LYS B 360 -13.24 -21.15 -16.03
N ASP B 361 -12.56 -20.75 -17.10
CA ASP B 361 -12.01 -21.68 -18.09
C ASP B 361 -10.56 -22.07 -17.79
N ASP B 362 -10.02 -21.64 -16.66
CA ASP B 362 -8.62 -21.94 -16.35
C ASP B 362 -8.43 -23.42 -16.02
N VAL B 363 -7.28 -23.96 -16.43
CA VAL B 363 -6.97 -25.37 -16.19
C VAL B 363 -6.61 -25.62 -14.72
N LYS B 364 -6.00 -24.64 -14.04
CA LYS B 364 -5.62 -24.83 -12.65
C LYS B 364 -6.81 -25.14 -11.75
N LEU B 365 -8.03 -24.75 -12.17
CA LEU B 365 -9.21 -25.07 -11.39
C LEU B 365 -9.40 -26.57 -11.22
N ASN B 366 -8.83 -27.38 -12.11
CA ASN B 366 -8.91 -28.83 -11.94
C ASN B 366 -8.24 -29.30 -10.66
N LEU B 367 -7.32 -28.51 -10.09
CA LEU B 367 -6.66 -28.90 -8.85
C LEU B 367 -7.45 -28.54 -7.61
N VAL B 368 -8.58 -27.85 -7.74
CA VAL B 368 -9.34 -27.32 -6.61
C VAL B 368 -10.65 -28.09 -6.50
N ASP B 369 -10.90 -28.66 -5.33
CA ASP B 369 -12.18 -29.29 -5.07
C ASP B 369 -13.29 -28.26 -5.14
N ASP B 370 -14.44 -28.67 -5.69
CA ASP B 370 -15.53 -27.73 -5.94
C ASP B 370 -16.11 -27.14 -4.66
N LYS B 371 -15.84 -27.74 -3.50
CA LYS B 371 -16.31 -27.15 -2.26
C LYS B 371 -15.60 -25.84 -1.96
N PHE B 372 -14.39 -25.65 -2.49
CA PHE B 372 -13.62 -24.43 -2.25
C PHE B 372 -13.97 -23.30 -3.22
N LEU B 373 -14.71 -23.58 -4.28
CA LEU B 373 -14.92 -22.64 -5.36
C LEU B 373 -16.24 -21.89 -5.21
N LYS B 374 -16.20 -20.58 -5.40
CA LYS B 374 -17.37 -19.73 -5.40
C LYS B 374 -17.44 -18.96 -6.71
N CYS B 375 -18.64 -18.55 -7.10
CA CYS B 375 -18.78 -17.67 -8.25
C CYS B 375 -18.29 -16.27 -7.90
N TRP B 376 -17.68 -15.59 -8.88
CA TRP B 376 -17.02 -14.31 -8.65
C TRP B 376 -17.42 -13.37 -9.77
N ILE B 377 -17.96 -12.20 -9.40
CA ILE B 377 -18.42 -11.23 -10.38
C ILE B 377 -17.71 -9.90 -10.12
N LYS B 378 -17.60 -9.11 -11.18
CA LYS B 378 -17.02 -7.78 -11.12
C LYS B 378 -18.13 -6.73 -11.26
N SER B 379 -17.74 -5.47 -11.07
CA SER B 379 -18.72 -4.38 -11.08
C SER B 379 -19.43 -4.27 -12.42
N LYS B 380 -18.75 -4.59 -13.52
CA LYS B 380 -19.39 -4.50 -14.83
C LYS B 380 -20.44 -5.57 -15.06
N ASN B 381 -20.50 -6.61 -14.22
CA ASN B 381 -21.49 -7.66 -14.38
C ASN B 381 -22.87 -7.25 -13.90
N ILE B 382 -22.97 -6.17 -13.11
CA ILE B 382 -24.24 -5.74 -12.54
C ILE B 382 -25.00 -4.91 -13.57
N ASN B 383 -26.22 -5.33 -13.88
CA ASN B 383 -27.15 -4.52 -14.63
C ASN B 383 -28.34 -4.18 -13.74
N LYS B 384 -29.29 -3.43 -14.31
CA LYS B 384 -30.56 -3.27 -13.63
C LYS B 384 -31.26 -4.62 -13.55
N TYR B 385 -31.64 -5.00 -12.32
CA TYR B 385 -32.49 -6.12 -11.97
C TYR B 385 -31.87 -7.52 -12.03
N ILE B 386 -30.72 -7.71 -12.69
CA ILE B 386 -30.11 -9.03 -12.81
C ILE B 386 -28.60 -8.88 -13.00
N VAL B 387 -27.89 -9.98 -12.81
CA VAL B 387 -26.44 -10.04 -12.90
C VAL B 387 -26.05 -10.93 -14.07
N ASP B 388 -25.02 -10.51 -14.80
CA ASP B 388 -24.45 -11.34 -15.85
C ASP B 388 -23.81 -12.59 -15.25
N LYS B 389 -23.76 -13.66 -16.04
CA LYS B 389 -23.14 -14.90 -15.59
C LYS B 389 -21.69 -14.65 -15.23
N SER B 390 -21.25 -15.25 -14.13
CA SER B 390 -19.88 -15.05 -13.67
C SER B 390 -18.89 -15.71 -14.62
N GLU B 391 -17.80 -15.01 -14.89
CA GLU B 391 -16.70 -15.55 -15.68
C GLU B 391 -15.48 -15.89 -14.83
N TYR B 392 -15.58 -15.78 -13.50
CA TYR B 392 -14.46 -16.01 -12.61
C TYR B 392 -14.92 -16.84 -11.41
N ARG B 393 -13.96 -17.56 -10.84
CA ARG B 393 -14.16 -18.38 -9.66
C ARG B 393 -13.18 -17.95 -8.58
N LEU B 394 -13.68 -17.90 -7.35
CA LEU B 394 -12.88 -17.56 -6.18
C LEU B 394 -12.55 -18.83 -5.40
N ILE B 395 -11.29 -18.96 -5.00
CA ILE B 395 -10.85 -20.07 -4.16
C ILE B 395 -10.97 -19.59 -2.72
N TYR B 396 -12.04 -20.01 -2.05
CA TYR B 396 -12.29 -19.58 -0.67
C TYR B 396 -11.33 -20.35 0.23
N SER B 397 -10.09 -19.86 0.29
CA SER B 397 -9.00 -20.57 0.95
C SER B 397 -9.16 -20.66 2.46
N ASN B 398 -10.05 -19.86 3.05
CA ASN B 398 -10.28 -19.95 4.49
C ASN B 398 -10.80 -21.33 4.89
N ASP B 399 -11.50 -22.01 3.99
CA ASP B 399 -12.02 -23.34 4.26
C ASP B 399 -10.96 -24.43 4.16
N ILE B 400 -9.76 -24.09 3.68
CA ILE B 400 -8.67 -25.06 3.63
C ILE B 400 -8.16 -25.29 5.05
N ASP B 401 -8.26 -26.55 5.52
CA ASP B 401 -8.02 -26.83 6.93
C ASP B 401 -6.54 -26.74 7.27
N ASN B 402 -5.72 -27.60 6.67
CA ASN B 402 -4.31 -27.71 7.00
C ASN B 402 -3.47 -27.57 5.74
N GLU B 403 -2.22 -27.17 5.94
CA GLU B 403 -1.26 -26.97 4.85
C GLU B 403 -0.74 -28.29 4.26
N ASN B 404 -1.30 -29.44 4.61
CA ASN B 404 -0.87 -30.73 4.10
C ASN B 404 -1.96 -31.45 3.32
N THR B 405 -3.20 -31.42 3.78
CA THR B 405 -4.26 -32.16 3.12
C THR B 405 -4.62 -31.58 1.75
N ASN B 406 -4.25 -30.33 1.49
CA ASN B 406 -4.50 -29.67 0.20
C ASN B 406 -3.23 -29.00 -0.29
N LYS B 407 -2.12 -29.74 -0.27
CA LYS B 407 -0.81 -29.15 -0.55
C LYS B 407 -0.71 -28.65 -1.99
N ARG B 408 -1.34 -29.35 -2.94
CA ARG B 408 -1.18 -28.98 -4.35
C ARG B 408 -1.72 -27.59 -4.63
N ILE B 409 -2.88 -27.25 -4.05
CA ILE B 409 -3.47 -25.93 -4.25
C ILE B 409 -2.54 -24.85 -3.72
N LEU B 410 -1.92 -25.09 -2.57
CA LEU B 410 -1.01 -24.10 -2.01
C LEU B 410 0.27 -23.98 -2.84
N ASP B 411 0.82 -25.12 -3.28
CA ASP B 411 2.08 -25.10 -4.00
C ASP B 411 1.94 -24.44 -5.37
N GLU B 412 0.87 -24.74 -6.10
CA GLU B 412 0.81 -24.41 -7.52
C GLU B 412 -0.13 -23.27 -7.87
N ILE B 413 -0.98 -22.81 -6.95
CA ILE B 413 -1.88 -21.71 -7.27
C ILE B 413 -1.63 -20.53 -6.34
N ILE B 414 -1.89 -20.73 -5.04
CA ILE B 414 -1.83 -19.62 -4.10
C ILE B 414 -0.38 -19.25 -3.79
N GLY B 415 0.48 -20.26 -3.65
CA GLY B 415 1.86 -20.02 -3.24
C GLY B 415 2.67 -19.18 -4.20
N LEU B 416 2.24 -19.09 -5.46
CA LEU B 416 2.96 -18.29 -6.44
C LEU B 416 3.06 -16.84 -6.03
N TYR B 417 2.19 -16.38 -5.12
CA TYR B 417 2.22 -15.02 -4.63
C TYR B 417 2.48 -14.96 -3.12
N LYS B 418 3.11 -16.00 -2.59
CA LYS B 418 3.28 -16.13 -1.14
C LYS B 418 3.95 -14.90 -0.54
N THR B 419 5.04 -14.43 -1.16
CA THR B 419 5.78 -13.30 -0.60
C THR B 419 4.91 -12.05 -0.51
N LYS B 420 3.99 -11.87 -1.46
CA LYS B 420 3.08 -10.74 -1.33
C LYS B 420 2.03 -11.00 -0.27
N LEU B 421 1.55 -12.25 -0.18
CA LEU B 421 0.53 -12.58 0.81
C LEU B 421 1.05 -12.38 2.23
N GLU B 422 2.29 -12.76 2.49
CA GLU B 422 2.89 -12.53 3.79
C GLU B 422 3.11 -11.06 4.10
N ASN B 423 3.00 -10.18 3.10
CA ASN B 423 3.16 -8.75 3.32
C ASN B 423 1.87 -8.08 3.79
N ARG B 424 0.77 -8.81 3.84
CA ARG B 424 -0.48 -8.26 4.33
C ARG B 424 -0.43 -8.08 5.84
N ARG B 425 -1.15 -7.07 6.33
CA ARG B 425 -1.00 -6.62 7.70
C ARG B 425 -1.35 -7.72 8.70
N GLU B 426 -2.40 -8.48 8.44
CA GLU B 426 -2.84 -9.52 9.36
C GLU B 426 -1.95 -10.75 9.33
N CYS B 427 -1.19 -10.95 8.26
CA CYS B 427 -0.20 -12.04 8.23
C CYS B 427 1.03 -11.68 9.03
N LYS B 428 1.47 -10.42 8.97
CA LYS B 428 2.61 -9.99 9.78
C LYS B 428 2.31 -10.08 11.26
N SER B 429 1.06 -9.79 11.66
CA SER B 429 0.66 -9.89 13.06
C SER B 429 0.31 -11.31 13.47
N GLY B 430 0.22 -12.25 12.53
CA GLY B 430 0.08 -13.66 12.83
C GLY B 430 -1.34 -14.16 12.98
N ILE B 431 -2.34 -13.28 12.96
CA ILE B 431 -3.72 -13.75 13.16
C ILE B 431 -4.32 -14.34 11.89
N ARG B 432 -3.67 -14.17 10.74
CA ARG B 432 -4.16 -14.69 9.47
C ARG B 432 -3.06 -15.54 8.84
N LYS B 433 -3.43 -16.75 8.39
CA LYS B 433 -2.47 -17.60 7.71
C LYS B 433 -2.12 -17.00 6.36
N TRP B 434 -0.91 -17.33 5.87
CA TRP B 434 -0.42 -16.69 4.66
C TRP B 434 -1.30 -17.00 3.44
N TYR B 435 -2.00 -18.13 3.45
CA TYR B 435 -2.83 -18.52 2.33
C TYR B 435 -4.29 -18.14 2.50
N GLU B 436 -4.67 -17.59 3.65
CA GLU B 436 -6.07 -17.27 3.88
C GLU B 436 -6.42 -15.92 3.23
N LEU B 437 -7.73 -15.72 3.03
CA LEU B 437 -8.21 -14.43 2.56
C LEU B 437 -8.04 -13.38 3.65
N GLN B 438 -7.62 -12.18 3.26
CA GLN B 438 -7.35 -11.15 4.25
C GLN B 438 -8.63 -10.76 4.99
N TRP B 439 -9.72 -10.55 4.26
CA TRP B 439 -11.04 -10.33 4.85
C TRP B 439 -12.04 -11.21 4.10
N GLY B 440 -12.23 -12.43 4.60
CA GLY B 440 -13.10 -13.38 3.93
C GLY B 440 -14.57 -13.21 4.20
N ARG B 441 -14.92 -12.29 5.09
CA ARG B 441 -16.32 -11.96 5.42
C ARG B 441 -17.01 -13.25 5.91
N GLU B 442 -18.33 -13.30 5.75
CA GLU B 442 -19.13 -14.46 6.13
C GLU B 442 -19.81 -15.02 4.90
N LYS B 443 -19.59 -16.31 4.64
CA LYS B 443 -20.19 -16.95 3.47
C LYS B 443 -21.72 -16.94 3.55
N LEU B 444 -22.27 -17.04 4.76
CA LEU B 444 -23.72 -17.05 4.93
C LEU B 444 -24.36 -15.75 4.46
N PHE B 445 -23.60 -14.65 4.39
CA PHE B 445 -24.13 -13.41 3.85
C PHE B 445 -24.19 -13.44 2.32
N PHE B 446 -23.25 -14.12 1.67
CA PHE B 446 -23.17 -14.12 0.22
C PHE B 446 -24.00 -15.23 -0.42
N GLU B 447 -24.14 -16.38 0.25
CA GLU B 447 -24.84 -17.53 -0.32
C GLU B 447 -26.31 -17.49 0.09
N ARG B 448 -26.98 -16.45 -0.40
CA ARG B 448 -28.40 -16.22 -0.15
C ARG B 448 -28.90 -15.24 -1.19
N LYS B 449 -30.22 -15.15 -1.32
CA LYS B 449 -30.82 -14.12 -2.16
C LYS B 449 -30.48 -12.75 -1.58
N LYS B 450 -30.02 -11.86 -2.44
CA LYS B 450 -29.57 -10.55 -1.98
C LYS B 450 -29.57 -9.60 -3.17
N ILE B 451 -29.38 -8.31 -2.88
CA ILE B 451 -29.27 -7.27 -3.90
C ILE B 451 -27.83 -6.81 -3.95
N MET B 452 -27.31 -6.69 -5.17
CA MET B 452 -25.93 -6.27 -5.38
C MET B 452 -25.91 -5.07 -6.31
N TYR B 453 -24.95 -4.18 -6.08
CA TYR B 453 -24.81 -3.00 -6.92
C TYR B 453 -23.34 -2.63 -7.06
N PRO B 454 -22.95 -2.04 -8.18
CA PRO B 454 -21.55 -1.62 -8.35
C PRO B 454 -21.22 -0.47 -7.41
N TYR B 455 -19.96 -0.40 -7.01
CA TYR B 455 -19.52 0.65 -6.10
C TYR B 455 -19.27 1.97 -6.83
N LYS B 456 -19.13 1.93 -8.15
CA LYS B 456 -18.90 3.13 -8.95
C LYS B 456 -19.62 2.93 -10.26
N SER B 457 -20.54 3.84 -10.58
CA SER B 457 -21.36 3.67 -11.77
C SER B 457 -21.86 5.04 -12.23
N ASN B 458 -22.36 5.07 -13.47
CA ASN B 458 -22.99 6.26 -14.00
C ASN B 458 -24.47 6.37 -13.63
N GLU B 459 -25.08 5.30 -13.15
CA GLU B 459 -26.51 5.28 -12.90
C GLU B 459 -26.83 4.16 -11.91
N ASN B 460 -28.06 4.21 -11.39
CA ASN B 460 -28.51 3.20 -10.43
C ASN B 460 -28.56 1.84 -11.09
N ARG B 461 -27.81 0.88 -10.54
CA ARG B 461 -27.79 -0.50 -11.02
C ARG B 461 -27.90 -1.43 -9.82
N PHE B 462 -29.13 -1.74 -9.42
CA PHE B 462 -29.39 -2.66 -8.32
C PHE B 462 -29.98 -3.93 -8.88
N ALA B 463 -29.36 -5.08 -8.58
CA ALA B 463 -29.75 -6.34 -9.18
C ALA B 463 -30.01 -7.37 -8.10
N ILE B 464 -30.91 -8.30 -8.39
CA ILE B 464 -31.15 -9.44 -7.51
C ILE B 464 -30.23 -10.56 -7.92
N ASP B 465 -29.42 -11.02 -6.97
CA ASP B 465 -28.51 -12.14 -7.21
C ASP B 465 -29.18 -13.43 -6.74
N TYR B 466 -29.45 -14.33 -7.68
CA TYR B 466 -30.00 -15.63 -7.36
C TYR B 466 -28.94 -16.72 -7.27
N ASP B 467 -27.67 -16.41 -7.58
CA ASP B 467 -26.67 -17.42 -7.88
C ASP B 467 -25.54 -17.47 -6.86
N ASN B 468 -25.75 -16.92 -5.66
CA ASN B 468 -24.75 -16.96 -4.60
C ASN B 468 -23.41 -16.37 -5.07
N ASN B 469 -23.49 -15.29 -5.83
CA ASN B 469 -22.29 -14.66 -6.36
C ASN B 469 -21.49 -14.00 -5.24
N PHE B 470 -20.18 -14.19 -5.28
CA PHE B 470 -19.25 -13.43 -4.45
C PHE B 470 -18.65 -12.30 -5.28
N SER B 471 -18.05 -11.34 -4.59
CA SER B 471 -17.46 -10.21 -5.29
C SER B 471 -16.41 -9.56 -4.41
N SER B 472 -15.57 -8.75 -5.03
CA SER B 472 -14.61 -7.93 -4.31
C SER B 472 -15.31 -6.65 -3.82
N ALA B 473 -14.54 -5.72 -3.27
CA ALA B 473 -15.11 -4.48 -2.76
C ALA B 473 -15.54 -3.53 -3.85
N ASP B 474 -15.51 -3.92 -5.12
CA ASP B 474 -16.10 -3.12 -6.18
C ASP B 474 -17.58 -3.36 -6.35
N VAL B 475 -18.17 -4.29 -5.59
CA VAL B 475 -19.59 -4.58 -5.62
C VAL B 475 -20.08 -4.69 -4.18
N TYR B 476 -21.10 -3.92 -3.82
CA TYR B 476 -21.67 -3.98 -2.49
C TYR B 476 -22.95 -4.81 -2.51
N SER B 477 -23.33 -5.30 -1.33
CA SER B 477 -24.51 -6.15 -1.24
C SER B 477 -25.33 -5.77 -0.03
N PHE B 478 -26.63 -6.07 -0.10
CA PHE B 478 -27.46 -6.04 1.09
C PHE B 478 -28.59 -7.05 0.95
N PHE B 479 -29.11 -7.48 2.09
CA PHE B 479 -30.30 -8.30 2.11
C PHE B 479 -31.27 -7.73 3.14
N ILE B 480 -32.54 -8.07 2.99
CA ILE B 480 -33.58 -7.46 3.81
C ILE B 480 -33.62 -8.15 5.17
N LYS B 481 -33.76 -7.36 6.22
CA LYS B 481 -33.89 -7.90 7.57
C LYS B 481 -35.13 -8.77 7.67
N GLU B 482 -35.07 -9.74 8.59
CA GLU B 482 -36.18 -10.68 8.73
C GLU B 482 -37.46 -9.97 9.14
N GLU B 483 -37.37 -9.01 10.04
CA GLU B 483 -38.56 -8.35 10.56
C GLU B 483 -39.19 -7.38 9.57
N TYR B 484 -38.56 -7.13 8.43
CA TYR B 484 -39.12 -6.28 7.39
C TYR B 484 -39.52 -7.03 6.14
N LEU B 485 -39.39 -8.36 6.12
CA LEU B 485 -39.69 -9.11 4.91
C LEU B 485 -41.15 -9.06 4.53
N ASP B 486 -42.04 -8.91 5.51
CA ASP B 486 -43.46 -8.78 5.19
C ASP B 486 -43.79 -7.42 4.60
N LYS B 487 -43.00 -6.39 4.93
CA LYS B 487 -43.28 -5.05 4.42
C LYS B 487 -42.64 -4.82 3.06
N PHE B 488 -41.39 -5.25 2.88
CA PHE B 488 -40.64 -4.98 1.65
C PHE B 488 -40.09 -6.26 1.07
N SER B 489 -40.09 -6.35 -0.26
CA SER B 489 -39.55 -7.48 -1.00
C SER B 489 -38.43 -7.00 -1.92
N TYR B 490 -37.60 -7.95 -2.34
CA TYR B 490 -36.47 -7.63 -3.19
C TYR B 490 -36.93 -7.06 -4.53
N GLU B 491 -38.00 -7.62 -5.08
CA GLU B 491 -38.49 -7.17 -6.38
C GLU B 491 -39.02 -5.73 -6.29
N TYR B 492 -39.74 -5.39 -5.22
CA TYR B 492 -40.18 -4.01 -5.04
C TYR B 492 -38.98 -3.07 -4.89
N LEU B 493 -37.96 -3.48 -4.13
CA LEU B 493 -36.81 -2.62 -3.92
C LEU B 493 -36.06 -2.35 -5.21
N VAL B 494 -35.80 -3.41 -6.00
CA VAL B 494 -35.12 -3.16 -7.28
C VAL B 494 -36.03 -2.40 -8.23
N GLY B 495 -37.35 -2.53 -8.06
CA GLY B 495 -38.25 -1.73 -8.88
C GLY B 495 -38.11 -0.24 -8.62
N ILE B 496 -38.08 0.14 -7.35
CA ILE B 496 -38.01 1.58 -7.08
C ILE B 496 -36.59 2.11 -7.21
N LEU B 497 -35.57 1.30 -6.91
CA LEU B 497 -34.20 1.79 -6.91
C LEU B 497 -33.65 2.00 -8.31
N ASN B 498 -34.19 1.29 -9.29
CA ASN B 498 -33.73 1.43 -10.67
C ASN B 498 -34.56 2.43 -11.46
N SER B 499 -35.51 3.11 -10.81
CA SER B 499 -36.34 4.08 -11.49
C SER B 499 -35.55 5.35 -11.81
N SER B 500 -36.00 6.05 -12.84
CA SER B 500 -35.42 7.36 -13.16
C SER B 500 -35.54 8.30 -11.97
N VAL B 501 -36.65 8.22 -11.25
CA VAL B 501 -36.87 9.06 -10.08
C VAL B 501 -35.77 8.84 -9.06
N TYR B 502 -35.49 7.58 -8.72
CA TYR B 502 -34.50 7.31 -7.68
C TYR B 502 -33.08 7.56 -8.17
N ASP B 503 -32.85 7.43 -9.48
CA ASP B 503 -31.55 7.80 -10.02
C ASP B 503 -31.28 9.28 -9.78
N LYS B 504 -32.23 10.14 -10.18
CA LYS B 504 -32.09 11.58 -9.93
C LYS B 504 -31.99 11.87 -8.44
N TYR B 505 -32.82 11.20 -7.64
CA TYR B 505 -32.84 11.43 -6.19
C TYR B 505 -31.48 11.12 -5.57
N PHE B 506 -30.92 9.94 -5.87
CA PHE B 506 -29.62 9.59 -5.32
C PHE B 506 -28.55 10.55 -5.80
N LYS B 507 -28.59 10.94 -7.08
CA LYS B 507 -27.52 11.80 -7.57
C LYS B 507 -27.65 13.24 -7.06
N ILE B 508 -28.76 13.60 -6.41
CA ILE B 508 -28.80 14.92 -5.76
C ILE B 508 -27.64 15.08 -4.79
N THR B 509 -27.36 14.06 -3.98
CA THR B 509 -26.34 14.17 -2.94
C THR B 509 -25.21 13.15 -3.08
N ALA B 510 -25.15 12.40 -4.18
CA ALA B 510 -24.13 11.38 -4.34
C ALA B 510 -22.75 12.02 -4.57
N LYS B 511 -21.71 11.22 -4.29
CA LYS B 511 -20.33 11.66 -4.41
C LYS B 511 -19.88 11.51 -5.86
N LYS B 512 -19.59 12.62 -6.52
CA LYS B 512 -19.15 12.62 -7.91
C LYS B 512 -17.65 12.40 -7.96
N MET B 513 -17.23 11.27 -8.52
CA MET B 513 -15.82 10.88 -8.52
C MET B 513 -15.09 11.36 -9.77
N SER B 514 -15.58 10.97 -10.94
CA SER B 514 -14.98 11.35 -12.20
C SER B 514 -16.07 11.45 -13.25
N LYS B 515 -15.67 11.66 -14.50
CA LYS B 515 -16.61 11.75 -15.62
C LYS B 515 -17.54 10.55 -15.63
N ASN B 516 -18.85 10.81 -15.47
CA ASN B 516 -19.89 9.79 -15.54
C ASN B 516 -19.73 8.73 -14.46
N ILE B 517 -19.16 9.08 -13.30
CA ILE B 517 -18.95 8.11 -12.22
C ILE B 517 -19.40 8.73 -10.90
N TYR B 518 -20.30 8.06 -10.21
CA TYR B 518 -20.68 8.39 -8.85
C TYR B 518 -20.28 7.23 -7.94
N ASP B 519 -19.99 7.55 -6.67
CA ASP B 519 -19.75 6.51 -5.68
C ASP B 519 -21.09 5.94 -5.22
N TYR B 520 -21.30 4.64 -5.43
CA TYR B 520 -22.43 3.93 -4.84
C TYR B 520 -21.89 3.13 -3.67
N TYR B 521 -21.75 3.80 -2.52
CA TYR B 521 -21.22 3.24 -1.30
C TYR B 521 -22.31 3.21 -0.21
N PRO B 522 -22.21 2.28 0.73
CA PRO B 522 -23.22 2.19 1.79
C PRO B 522 -23.40 3.50 2.56
N ASN B 523 -22.34 4.29 2.77
CA ASN B 523 -22.47 5.50 3.56
C ASN B 523 -23.43 6.50 2.92
N LYS B 524 -23.77 6.33 1.65
CA LYS B 524 -24.83 7.10 1.02
C LYS B 524 -25.99 6.25 0.51
N VAL B 525 -25.72 5.03 0.02
CA VAL B 525 -26.80 4.19 -0.48
C VAL B 525 -27.73 3.77 0.65
N MET B 526 -27.18 3.45 1.82
CA MET B 526 -28.03 3.07 2.94
C MET B 526 -28.85 4.24 3.49
N LYS B 527 -28.50 5.48 3.10
CA LYS B 527 -29.30 6.64 3.48
C LYS B 527 -30.49 6.85 2.56
N ILE B 528 -30.59 6.10 1.46
CA ILE B 528 -31.71 6.25 0.54
C ILE B 528 -33.00 5.91 1.26
N ARG B 529 -33.99 6.80 1.15
CA ARG B 529 -35.24 6.65 1.85
C ARG B 529 -36.29 6.05 0.93
N ILE B 530 -37.02 5.05 1.42
CA ILE B 530 -37.96 4.29 0.62
C ILE B 530 -39.35 4.44 1.23
N PHE B 531 -40.36 4.09 0.43
CA PHE B 531 -41.75 4.27 0.79
C PHE B 531 -42.53 3.00 0.47
N ARG B 532 -43.70 2.88 1.09
CA ARG B 532 -44.69 1.89 0.66
C ARG B 532 -46.07 2.51 0.84
N ASP B 533 -46.90 2.37 -0.19
CA ASP B 533 -48.24 2.96 -0.18
C ASP B 533 -49.14 2.09 -1.05
N ASN B 534 -50.29 2.65 -1.47
CA ASN B 534 -51.27 1.90 -2.24
C ASN B 534 -50.72 1.37 -3.56
N ASN B 535 -49.63 1.95 -4.07
CA ASN B 535 -49.06 1.53 -5.35
C ASN B 535 -48.05 0.40 -5.21
N TYR B 536 -47.87 -0.15 -4.02
CA TYR B 536 -46.86 -1.18 -3.80
C TYR B 536 -47.05 -2.38 -4.73
N GLU B 537 -48.28 -2.92 -4.78
CA GLU B 537 -48.50 -4.16 -5.51
C GLU B 537 -48.23 -4.01 -7.00
N GLU B 538 -48.69 -2.90 -7.60
CA GLU B 538 -48.49 -2.71 -9.04
C GLU B 538 -47.01 -2.48 -9.36
N ILE B 539 -46.30 -1.71 -8.54
CA ILE B 539 -44.87 -1.53 -8.72
C ILE B 539 -44.15 -2.87 -8.68
N GLU B 540 -44.49 -3.68 -7.67
CA GLU B 540 -43.83 -4.98 -7.52
C GLU B 540 -44.13 -5.89 -8.70
N ASN B 541 -45.37 -5.88 -9.18
CA ASN B 541 -45.72 -6.74 -10.30
C ASN B 541 -44.99 -6.31 -11.56
N LEU B 542 -44.86 -4.99 -11.79
CA LEU B 542 -44.11 -4.53 -12.95
C LEU B 542 -42.65 -4.95 -12.84
N SER B 543 -42.07 -4.85 -11.64
CA SER B 543 -40.69 -5.29 -11.45
C SER B 543 -40.54 -6.78 -11.75
N LYS B 544 -41.49 -7.59 -11.29
CA LYS B 544 -41.42 -9.02 -11.57
C LYS B 544 -41.55 -9.29 -13.07
N GLN B 545 -42.40 -8.54 -13.77
CA GLN B 545 -42.51 -8.70 -15.22
C GLN B 545 -41.17 -8.40 -15.89
N ILE B 546 -40.52 -7.31 -15.49
CA ILE B 546 -39.26 -6.94 -16.09
C ILE B 546 -38.21 -8.01 -15.84
N ILE B 547 -38.15 -8.52 -14.61
CA ILE B 547 -37.20 -9.58 -14.28
C ILE B 547 -37.47 -10.81 -15.13
N SER B 548 -38.73 -11.19 -15.29
CA SER B 548 -39.08 -12.35 -16.09
C SER B 548 -38.65 -12.16 -17.55
N ILE B 549 -38.83 -10.96 -18.08
CA ILE B 549 -38.45 -10.71 -19.47
C ILE B 549 -36.93 -10.76 -19.62
N LEU B 550 -36.20 -10.18 -18.68
CA LEU B 550 -34.74 -10.16 -18.78
C LEU B 550 -34.14 -11.56 -18.69
N LEU B 551 -34.78 -12.46 -17.95
CA LEU B 551 -34.32 -13.84 -17.84
C LEU B 551 -34.81 -14.73 -18.97
N ASN B 552 -35.66 -14.21 -19.85
CA ASN B 552 -36.15 -14.97 -20.99
C ASN B 552 -35.03 -15.17 -22.01
N LYS B 553 -35.27 -16.10 -22.95
CA LYS B 553 -34.32 -16.33 -24.03
C LYS B 553 -34.30 -15.15 -24.99
N SER B 554 -35.43 -14.88 -25.64
CA SER B 554 -35.58 -13.73 -26.52
C SER B 554 -35.99 -12.53 -25.66
N ILE B 555 -35.10 -11.55 -25.55
CA ILE B 555 -35.33 -10.38 -24.71
C ILE B 555 -35.91 -9.26 -25.58
N ASP B 556 -37.11 -8.82 -25.23
CA ASP B 556 -37.76 -7.70 -25.91
C ASP B 556 -37.47 -6.44 -25.12
N LYS B 557 -36.45 -5.69 -25.56
CA LYS B 557 -36.07 -4.48 -24.82
C LYS B 557 -37.16 -3.42 -24.85
N GLY B 558 -37.97 -3.40 -25.91
CA GLY B 558 -39.04 -2.42 -25.99
C GLY B 558 -40.09 -2.60 -24.92
N LYS B 559 -40.50 -3.85 -24.67
CA LYS B 559 -41.48 -4.10 -23.61
C LYS B 559 -40.91 -3.77 -22.24
N VAL B 560 -39.63 -4.05 -22.03
CA VAL B 560 -38.98 -3.64 -20.78
C VAL B 560 -39.05 -2.13 -20.62
N GLU B 561 -38.79 -1.40 -21.70
CA GLU B 561 -38.84 0.06 -21.61
C GLU B 561 -40.24 0.55 -21.30
N LYS B 562 -41.26 -0.06 -21.93
CA LYS B 562 -42.64 0.35 -21.66
C LYS B 562 -43.01 0.11 -20.20
N LEU B 563 -42.68 -1.08 -19.68
CA LEU B 563 -42.96 -1.37 -18.27
C LEU B 563 -42.19 -0.45 -17.34
N GLN B 564 -40.94 -0.14 -17.69
CA GLN B 564 -40.13 0.74 -16.87
C GLN B 564 -40.70 2.15 -16.82
N ILE B 565 -41.18 2.65 -17.95
CA ILE B 565 -41.81 3.97 -17.97
C ILE B 565 -43.08 3.96 -17.11
N LYS B 566 -43.87 2.89 -17.22
CA LYS B 566 -45.08 2.78 -16.39
C LYS B 566 -44.74 2.82 -14.91
N MET B 567 -43.70 2.07 -14.50
CA MET B 567 -43.28 2.07 -13.10
C MET B 567 -42.74 3.44 -12.68
N ASP B 568 -41.99 4.09 -13.55
CA ASP B 568 -41.48 5.43 -13.25
C ASP B 568 -42.64 6.39 -12.98
N ASN B 569 -43.69 6.31 -13.81
CA ASN B 569 -44.85 7.16 -13.60
C ASN B 569 -45.58 6.81 -12.30
N LEU B 570 -45.66 5.53 -11.96
CA LEU B 570 -46.29 5.15 -10.69
C LEU B 570 -45.53 5.74 -9.51
N ILE B 571 -44.20 5.68 -9.56
CA ILE B 571 -43.40 6.20 -8.45
C ILE B 571 -43.50 7.72 -8.38
N MET B 572 -43.51 8.39 -9.55
CA MET B 572 -43.73 9.83 -9.57
C MET B 572 -45.06 10.19 -8.93
N ASP B 573 -46.11 9.43 -9.25
CA ASP B 573 -47.42 9.68 -8.65
C ASP B 573 -47.39 9.48 -7.15
N SER B 574 -46.75 8.41 -6.69
CA SER B 574 -46.70 8.11 -5.27
C SER B 574 -45.96 9.19 -4.49
N LEU B 575 -44.83 9.67 -5.01
CA LEU B 575 -44.05 10.67 -4.30
C LEU B 575 -44.55 12.09 -4.51
N GLY B 576 -45.60 12.28 -5.30
CA GLY B 576 -46.16 13.62 -5.52
C GLY B 576 -45.23 14.56 -6.25
N ILE B 577 -44.48 14.06 -7.22
CA ILE B 577 -43.55 14.88 -7.99
C ILE B 577 -43.89 14.82 -9.47
N TYR C 30 32.50 -8.71 -40.60
CA TYR C 30 33.19 -7.43 -40.67
C TYR C 30 34.67 -7.57 -40.28
N TYR C 31 35.54 -7.39 -41.27
CA TYR C 31 36.98 -7.53 -41.07
C TYR C 31 37.52 -6.26 -40.42
N THR C 32 38.03 -6.38 -39.20
CA THR C 32 38.65 -5.25 -38.52
C THR C 32 40.10 -5.11 -38.98
N PRO C 33 40.55 -3.89 -39.31
CA PRO C 33 41.92 -3.71 -39.79
C PRO C 33 42.95 -4.27 -38.81
N LYS C 34 44.07 -4.73 -39.38
CA LYS C 34 45.05 -5.48 -38.60
C LYS C 34 45.62 -4.66 -37.45
N ILE C 35 45.95 -3.39 -37.70
CA ILE C 35 46.58 -2.58 -36.67
C ILE C 35 45.61 -2.29 -35.54
N ILE C 36 44.30 -2.19 -35.83
CA ILE C 36 43.31 -2.02 -34.77
C ILE C 36 43.32 -3.22 -33.83
N VAL C 37 43.33 -4.43 -34.42
CA VAL C 37 43.35 -5.66 -33.63
C VAL C 37 44.61 -5.72 -32.77
N ASP C 38 45.76 -5.42 -33.38
CA ASP C 38 47.02 -5.43 -32.65
C ASP C 38 46.98 -4.42 -31.50
N TYR C 39 46.44 -3.23 -31.75
CA TYR C 39 46.38 -2.20 -30.72
C TYR C 39 45.51 -2.63 -29.56
N ILE C 40 44.36 -3.24 -29.83
CA ILE C 40 43.47 -3.65 -28.76
C ILE C 40 44.10 -4.77 -27.93
N VAL C 41 44.67 -5.77 -28.60
CA VAL C 41 45.29 -6.87 -27.87
C VAL C 41 46.46 -6.35 -27.03
N LYS C 42 47.24 -5.42 -27.58
CA LYS C 42 48.32 -4.81 -26.81
C LYS C 42 47.79 -4.05 -25.61
N LYS C 43 46.72 -3.28 -25.80
CA LYS C 43 46.13 -2.51 -24.71
C LYS C 43 45.65 -3.40 -23.58
N THR C 44 45.30 -4.64 -23.88
CA THR C 44 44.87 -5.53 -22.80
C THR C 44 45.97 -6.42 -22.24
N LEU C 45 47.01 -6.76 -23.01
CA LEU C 45 47.99 -7.74 -22.55
C LEU C 45 49.40 -7.18 -22.35
N LYS C 46 49.59 -5.87 -22.46
CA LYS C 46 50.94 -5.31 -22.42
C LYS C 46 51.60 -5.49 -21.06
N ASN C 47 50.81 -5.55 -19.99
CA ASN C 47 51.35 -5.54 -18.63
C ASN C 47 50.93 -6.75 -17.81
N HIS C 48 50.51 -7.84 -18.46
CA HIS C 48 50.11 -9.02 -17.73
C HIS C 48 51.33 -9.79 -17.25
N ASP C 49 51.43 -10.01 -15.94
CA ASP C 49 52.51 -10.81 -15.37
C ASP C 49 52.14 -12.27 -15.52
N ILE C 50 52.69 -12.92 -16.56
CA ILE C 50 52.37 -14.32 -16.82
C ILE C 50 52.90 -15.23 -15.71
N ILE C 51 53.91 -14.79 -14.97
CA ILE C 51 54.43 -15.59 -13.86
C ILE C 51 53.49 -15.54 -12.67
N LYS C 52 52.98 -14.36 -12.31
CA LYS C 52 52.09 -14.24 -11.15
C LYS C 52 50.76 -14.94 -11.40
N ASN C 53 50.18 -14.76 -12.58
CA ASN C 53 48.92 -15.40 -12.96
C ASN C 53 49.15 -16.18 -14.24
N PRO C 54 49.58 -17.44 -14.15
CA PRO C 54 49.80 -18.24 -15.36
C PRO C 54 48.53 -18.63 -16.10
N TYR C 55 47.35 -18.30 -15.56
CA TYR C 55 46.08 -18.71 -16.16
C TYR C 55 45.22 -17.47 -16.44
N PRO C 56 45.60 -16.65 -17.40
CA PRO C 56 44.73 -15.54 -17.81
C PRO C 56 43.60 -16.04 -18.70
N ARG C 57 42.51 -15.27 -18.70
CA ARG C 57 41.30 -15.65 -19.43
C ARG C 57 40.90 -14.49 -20.34
N ILE C 58 41.10 -14.67 -21.64
CA ILE C 58 40.82 -13.66 -22.64
C ILE C 58 39.65 -14.13 -23.49
N LEU C 59 38.62 -13.29 -23.60
CA LEU C 59 37.37 -13.67 -24.24
C LEU C 59 37.02 -12.70 -25.36
N ASP C 60 36.53 -13.27 -26.47
CA ASP C 60 35.97 -12.47 -27.56
C ASP C 60 34.50 -12.83 -27.72
N ILE C 61 33.62 -11.88 -27.39
CA ILE C 61 32.19 -12.12 -27.37
C ILE C 61 31.56 -12.11 -28.77
N SER C 62 32.23 -11.51 -29.74
CA SER C 62 31.78 -11.48 -31.13
C SER C 62 32.92 -11.86 -32.06
N CYS C 63 33.55 -13.00 -31.75
CA CYS C 63 34.85 -13.35 -32.34
C CYS C 63 34.78 -13.53 -33.84
N GLY C 64 33.64 -13.95 -34.38
CA GLY C 64 33.56 -14.20 -35.81
C GLY C 64 34.52 -15.30 -36.21
N CYS C 65 35.31 -15.04 -37.25
CA CYS C 65 36.33 -16.01 -37.67
C CYS C 65 37.55 -16.01 -36.75
N GLY C 66 37.61 -15.08 -35.79
CA GLY C 66 38.73 -15.04 -34.87
C GLY C 66 39.76 -14.01 -35.24
N ASN C 67 39.31 -12.83 -35.68
CA ASN C 67 40.23 -11.76 -36.03
C ASN C 67 41.07 -11.34 -34.82
N PHE C 68 40.46 -11.27 -33.65
CA PHE C 68 41.19 -10.88 -32.46
C PHE C 68 41.85 -12.08 -31.78
N LEU C 69 41.16 -13.21 -31.75
CA LEU C 69 41.63 -14.35 -30.97
C LEU C 69 42.90 -14.97 -31.54
N LEU C 70 43.09 -14.92 -32.86
CA LEU C 70 44.33 -15.44 -33.44
C LEU C 70 45.53 -14.59 -32.99
N GLU C 71 45.37 -13.27 -32.98
CA GLU C 71 46.44 -12.42 -32.48
C GLU C 71 46.65 -12.63 -30.98
N VAL C 72 45.56 -12.89 -30.25
CA VAL C 72 45.70 -13.25 -28.83
C VAL C 72 46.53 -14.52 -28.69
N TYR C 73 46.28 -15.51 -29.55
CA TYR C 73 47.03 -16.76 -29.52
C TYR C 73 48.51 -16.51 -29.77
N ASP C 74 48.83 -15.69 -30.76
CA ASP C 74 50.24 -15.40 -31.06
C ASP C 74 50.92 -14.69 -29.88
N ILE C 75 50.26 -13.67 -29.34
CA ILE C 75 50.83 -12.90 -28.23
C ILE C 75 51.06 -13.80 -27.03
N LEU C 76 50.07 -14.64 -26.70
CA LEU C 76 50.21 -15.54 -25.56
C LEU C 76 51.29 -16.58 -25.79
N TYR C 77 51.40 -17.09 -27.03
CA TYR C 77 52.46 -18.06 -27.33
C TYR C 77 53.83 -17.45 -27.05
N ASP C 78 54.07 -16.23 -27.56
CA ASP C 78 55.34 -15.58 -27.27
C ASP C 78 55.54 -15.35 -25.78
N LEU C 79 54.50 -14.88 -25.09
CA LEU C 79 54.62 -14.54 -23.68
C LEU C 79 54.95 -15.76 -22.84
N PHE C 80 54.31 -16.90 -23.13
CA PHE C 80 54.66 -18.14 -22.45
C PHE C 80 56.09 -18.56 -22.79
N GLU C 81 56.49 -18.40 -24.06
CA GLU C 81 57.80 -18.90 -24.47
C GLU C 81 58.93 -18.16 -23.76
N GLU C 82 58.83 -16.84 -23.62
CA GLU C 82 59.96 -16.10 -23.05
C GLU C 82 60.08 -16.27 -21.54
N ASN C 83 59.09 -16.87 -20.87
CA ASN C 83 59.09 -17.01 -19.42
C ASN C 83 59.02 -18.47 -18.99
N ILE C 84 59.55 -19.39 -19.80
CA ILE C 84 59.28 -20.80 -19.58
C ILE C 84 60.22 -21.39 -18.53
N TYR C 85 61.47 -20.94 -18.48
CA TYR C 85 62.38 -21.44 -17.44
C TYR C 85 61.93 -20.98 -16.06
N GLU C 86 61.50 -19.72 -15.95
CA GLU C 86 60.97 -19.22 -14.68
C GLU C 86 59.65 -19.90 -14.33
N LEU C 87 58.86 -20.28 -15.34
CA LEU C 87 57.62 -21.02 -15.08
C LEU C 87 57.92 -22.43 -14.57
N LYS C 88 58.96 -23.07 -15.10
CA LYS C 88 59.34 -24.39 -14.62
C LYS C 88 59.96 -24.32 -13.23
N LYS C 89 60.64 -23.22 -12.91
CA LYS C 89 61.21 -23.07 -11.57
C LYS C 89 60.13 -22.73 -10.54
N LYS C 90 59.16 -21.88 -10.92
CA LYS C 90 58.13 -21.43 -9.97
C LYS C 90 57.09 -22.50 -9.70
N TYR C 91 56.60 -23.15 -10.76
CA TYR C 91 55.57 -24.17 -10.66
C TYR C 91 56.17 -25.54 -10.97
N ASP C 92 55.30 -26.55 -11.09
CA ASP C 92 55.75 -27.90 -11.42
C ASP C 92 56.60 -27.89 -12.69
N GLU C 93 57.86 -28.31 -12.54
CA GLU C 93 58.81 -28.22 -13.65
C GLU C 93 58.38 -29.10 -14.83
N ASN C 94 57.75 -30.25 -14.54
CA ASN C 94 57.33 -31.14 -15.62
C ASN C 94 56.10 -30.63 -16.37
N TYR C 95 55.19 -29.96 -15.66
CA TYR C 95 53.94 -29.54 -16.28
C TYR C 95 54.14 -28.41 -17.29
N TRP C 96 55.14 -27.55 -17.06
CA TRP C 96 55.37 -26.39 -17.91
C TRP C 96 56.51 -26.71 -18.88
N THR C 97 56.16 -26.91 -20.14
CA THR C 97 57.13 -27.23 -21.18
C THR C 97 56.70 -26.58 -22.49
N VAL C 98 57.67 -26.39 -23.38
CA VAL C 98 57.39 -25.75 -24.67
C VAL C 98 56.62 -26.65 -25.62
N ASP C 99 56.51 -27.95 -25.32
CA ASP C 99 55.72 -28.85 -26.15
C ASP C 99 54.24 -28.82 -25.79
N ASN C 100 53.86 -28.26 -24.65
CA ASN C 100 52.48 -28.25 -24.20
C ASN C 100 51.90 -26.83 -24.10
N ILE C 101 52.59 -25.83 -24.64
CA ILE C 101 52.07 -24.46 -24.59
C ILE C 101 50.81 -24.34 -25.41
N HIS C 102 50.79 -24.96 -26.60
CA HIS C 102 49.61 -24.97 -27.47
C HIS C 102 48.38 -25.47 -26.72
N ARG C 103 48.50 -26.63 -26.09
CA ARG C 103 47.38 -27.22 -25.36
C ARG C 103 46.95 -26.33 -24.20
N HIS C 104 47.92 -25.73 -23.50
CA HIS C 104 47.58 -24.85 -22.39
C HIS C 104 46.75 -23.66 -22.85
N ILE C 105 47.20 -22.99 -23.92
CA ILE C 105 46.48 -21.83 -24.42
C ILE C 105 45.08 -22.22 -24.84
N LEU C 106 44.94 -23.34 -25.57
CA LEU C 106 43.61 -23.71 -26.05
C LEU C 106 42.70 -24.13 -24.92
N ASN C 107 43.22 -24.88 -23.94
CA ASN C 107 42.36 -25.47 -22.91
C ASN C 107 41.97 -24.47 -21.83
N TYR C 108 42.88 -23.58 -21.42
CA TYR C 108 42.64 -22.80 -20.21
C TYR C 108 42.57 -21.28 -20.42
N CYS C 109 43.07 -20.74 -21.52
CA CYS C 109 43.27 -19.29 -21.63
C CYS C 109 42.32 -18.58 -22.58
N ILE C 110 42.08 -19.13 -23.77
CA ILE C 110 41.33 -18.44 -24.82
C ILE C 110 39.87 -18.88 -24.76
N TYR C 111 38.96 -17.91 -24.77
CA TYR C 111 37.53 -18.14 -24.82
C TYR C 111 36.91 -17.27 -25.91
N GLY C 112 35.99 -17.86 -26.68
CA GLY C 112 35.33 -17.14 -27.75
C GLY C 112 33.89 -17.56 -27.88
N ALA C 113 33.06 -16.63 -28.33
CA ALA C 113 31.64 -16.88 -28.55
C ALA C 113 31.18 -16.11 -29.78
N ASP C 114 30.35 -16.74 -30.58
CA ASP C 114 29.74 -16.07 -31.72
C ASP C 114 28.46 -16.81 -32.07
N ILE C 115 27.65 -16.20 -32.93
CA ILE C 115 26.32 -16.73 -33.25
C ILE C 115 26.29 -17.49 -34.57
N ASP C 116 27.29 -17.31 -35.45
CA ASP C 116 27.34 -18.00 -36.72
C ASP C 116 28.07 -19.32 -36.54
N GLU C 117 27.41 -20.42 -36.89
CA GLU C 117 28.04 -21.74 -36.75
C GLU C 117 29.28 -21.86 -37.64
N LYS C 118 29.18 -21.37 -38.87
CA LYS C 118 30.32 -21.47 -39.79
C LYS C 118 31.53 -20.70 -39.29
N ALA C 119 31.30 -19.52 -38.70
CA ALA C 119 32.42 -18.73 -38.19
C ALA C 119 33.12 -19.44 -37.04
N ILE C 120 32.35 -20.03 -36.12
CA ILE C 120 32.96 -20.77 -35.02
C ILE C 120 33.70 -21.99 -35.55
N SER C 121 33.14 -22.66 -36.56
CA SER C 121 33.84 -23.79 -37.16
C SER C 121 35.17 -23.37 -37.79
N ILE C 122 35.16 -22.24 -38.51
CA ILE C 122 36.40 -21.75 -39.12
C ILE C 122 37.42 -21.43 -38.05
N LEU C 123 36.99 -20.77 -36.97
CA LEU C 123 37.93 -20.45 -35.90
C LEU C 123 38.48 -21.71 -35.24
N LYS C 124 37.63 -22.71 -35.02
CA LYS C 124 38.08 -23.95 -34.40
C LYS C 124 39.12 -24.64 -35.26
N ASP C 125 38.85 -24.77 -36.56
CA ASP C 125 39.82 -25.40 -37.46
C ASP C 125 41.12 -24.61 -37.52
N SER C 126 41.02 -23.28 -37.65
CA SER C 126 42.21 -22.45 -37.76
C SER C 126 43.04 -22.46 -36.47
N LEU C 127 42.38 -22.60 -35.32
CA LEU C 127 43.11 -22.71 -34.06
C LEU C 127 43.75 -24.08 -33.92
N THR C 128 43.08 -25.13 -34.40
CA THR C 128 43.71 -26.44 -34.43
C THR C 128 44.89 -26.48 -35.40
N ASN C 129 44.93 -25.58 -36.37
CA ASN C 129 46.02 -25.53 -37.36
C ASN C 129 47.20 -24.69 -36.91
N LYS C 130 47.10 -23.96 -35.80
CA LYS C 130 48.19 -23.10 -35.35
C LYS C 130 48.95 -23.71 -34.16
N ILE C 141 42.89 -31.40 -27.87
CA ILE C 141 42.52 -30.38 -26.88
C ILE C 141 41.02 -30.11 -26.97
N LYS C 142 40.53 -29.25 -26.07
CA LYS C 142 39.12 -28.86 -26.01
C LYS C 142 39.07 -27.34 -26.04
N ILE C 143 38.99 -26.77 -27.24
CA ILE C 143 38.92 -25.32 -27.38
C ILE C 143 37.63 -24.80 -26.77
N ASN C 144 37.71 -23.62 -26.16
CA ASN C 144 36.56 -23.04 -25.46
C ASN C 144 35.83 -22.06 -26.38
N LEU C 145 35.09 -22.64 -27.33
CA LEU C 145 34.29 -21.87 -28.28
C LEU C 145 32.82 -22.21 -28.08
N PHE C 146 31.97 -21.19 -28.06
CA PHE C 146 30.54 -21.37 -27.86
C PHE C 146 29.79 -20.70 -29.00
N CYS C 147 28.85 -21.44 -29.59
CA CYS C 147 27.99 -20.90 -30.65
C CYS C 147 26.61 -20.67 -30.04
N CYS C 148 26.30 -19.40 -29.78
CA CYS C 148 25.06 -19.03 -29.09
C CYS C 148 24.91 -17.52 -29.19
N ASP C 149 23.81 -17.02 -28.62
CA ASP C 149 23.63 -15.59 -28.44
C ASP C 149 24.43 -15.17 -27.22
N SER C 150 25.45 -14.32 -27.45
CA SER C 150 26.34 -13.94 -26.36
C SER C 150 25.60 -13.13 -25.29
N LEU C 151 24.51 -12.46 -25.67
CA LEU C 151 23.72 -11.72 -24.69
C LEU C 151 22.87 -12.61 -23.81
N LYS C 152 22.77 -13.91 -24.13
CA LYS C 152 21.93 -14.83 -23.38
C LYS C 152 22.71 -15.92 -22.67
N LYS C 153 23.94 -16.23 -23.09
CA LYS C 153 24.69 -17.33 -22.49
C LYS C 153 25.00 -17.02 -21.03
N LYS C 154 24.48 -17.85 -20.12
CA LYS C 154 24.77 -17.68 -18.71
C LYS C 154 26.25 -17.89 -18.46
N TRP C 155 26.89 -16.91 -17.83
CA TRP C 155 28.33 -16.92 -17.61
C TRP C 155 28.61 -17.30 -16.17
N ARG C 156 29.22 -18.48 -15.98
CA ARG C 156 29.47 -19.02 -14.65
C ARG C 156 30.74 -18.47 -14.02
N TYR C 157 31.61 -17.81 -14.78
CA TYR C 157 32.81 -17.22 -14.22
C TYR C 157 33.23 -16.02 -15.05
N LYS C 158 33.87 -15.05 -14.40
CA LYS C 158 34.25 -13.81 -15.05
C LYS C 158 35.58 -13.99 -15.79
N PHE C 159 36.05 -12.93 -16.45
CA PHE C 159 37.18 -13.01 -17.34
C PHE C 159 38.19 -11.91 -17.05
N ASP C 160 39.47 -12.22 -17.24
CA ASP C 160 40.54 -11.27 -16.96
C ASP C 160 40.63 -10.20 -18.03
N TYR C 161 40.45 -10.57 -19.30
CA TYR C 161 40.57 -9.61 -20.39
C TYR C 161 39.51 -9.90 -21.44
N ILE C 162 38.94 -8.83 -21.99
CA ILE C 162 37.91 -8.92 -23.03
C ILE C 162 38.27 -7.98 -24.17
N VAL C 163 38.30 -8.53 -25.39
CA VAL C 163 38.58 -7.78 -26.61
C VAL C 163 37.54 -8.15 -27.65
N GLY C 164 37.40 -7.32 -28.67
CA GLY C 164 36.58 -7.67 -29.81
C GLY C 164 35.89 -6.48 -30.42
N ASN C 165 35.11 -6.77 -31.46
CA ASN C 165 34.38 -5.78 -32.24
C ASN C 165 32.92 -6.23 -32.33
N PRO C 166 32.04 -5.70 -31.47
CA PRO C 166 30.66 -6.19 -31.41
C PRO C 166 29.88 -5.81 -32.66
N PRO C 167 28.71 -6.41 -32.88
CA PRO C 167 27.88 -6.01 -34.02
C PRO C 167 27.13 -4.70 -33.76
N TYR C 168 26.96 -3.92 -34.83
CA TYR C 168 26.25 -2.65 -34.76
C TYR C 168 24.92 -2.83 -35.50
N ILE C 169 23.83 -2.88 -34.75
CA ILE C 169 22.49 -3.00 -35.33
C ILE C 169 21.60 -1.94 -34.72
N GLY C 170 21.08 -1.03 -35.56
CA GLY C 170 20.24 0.04 -35.11
C GLY C 170 18.79 -0.39 -34.94
N HIS C 171 17.95 0.61 -34.63
CA HIS C 171 16.56 0.30 -34.31
C HIS C 171 15.75 -0.09 -35.53
N LYS C 172 16.16 0.36 -36.72
CA LYS C 172 15.42 -0.02 -37.92
C LYS C 172 15.74 -1.43 -38.38
N LYS C 173 16.97 -1.91 -38.16
CA LYS C 173 17.42 -3.19 -38.69
C LYS C 173 17.37 -4.31 -37.66
N LEU C 174 16.78 -4.07 -36.48
CA LEU C 174 16.67 -5.06 -35.42
C LEU C 174 15.23 -5.54 -35.34
N GLU C 175 15.04 -6.86 -35.30
CA GLU C 175 13.71 -7.43 -35.26
C GLU C 175 12.99 -7.06 -33.96
N LYS C 176 11.69 -6.81 -34.07
CA LYS C 176 10.92 -6.31 -32.93
C LYS C 176 10.90 -7.31 -31.77
N LYS C 177 10.76 -8.59 -32.08
CA LYS C 177 10.71 -9.61 -31.03
C LYS C 177 11.99 -9.61 -30.20
N TYR C 178 13.14 -9.45 -30.86
CA TYR C 178 14.40 -9.34 -30.12
C TYR C 178 14.50 -8.04 -29.36
N LYS C 179 13.92 -6.97 -29.89
CA LYS C 179 13.91 -5.69 -29.18
C LYS C 179 13.16 -5.80 -27.86
N LYS C 180 12.07 -6.58 -27.83
CA LYS C 180 11.38 -6.75 -26.55
C LYS C 180 12.28 -7.39 -25.50
N PHE C 181 13.06 -8.39 -25.92
CA PHE C 181 14.02 -9.01 -25.01
C PHE C 181 15.07 -8.01 -24.52
N LEU C 182 15.60 -7.20 -25.44
CA LEU C 182 16.61 -6.22 -25.05
C LEU C 182 16.02 -5.18 -24.10
N LEU C 183 14.80 -4.73 -24.36
CA LEU C 183 14.13 -3.75 -23.51
C LEU C 183 13.79 -4.34 -22.15
N GLU C 184 13.63 -5.66 -22.06
CA GLU C 184 13.37 -6.29 -20.78
C GLU C 184 14.65 -6.43 -19.95
N LYS C 185 15.66 -7.10 -20.51
CA LYS C 185 16.81 -7.47 -19.69
C LYS C 185 17.93 -6.44 -19.69
N TYR C 186 18.06 -5.65 -20.74
CA TYR C 186 19.13 -4.67 -20.87
C TYR C 186 18.61 -3.24 -20.74
N SER C 187 17.60 -3.03 -19.91
CA SER C 187 16.96 -1.72 -19.79
C SER C 187 17.89 -0.66 -19.22
N GLU C 188 18.98 -1.05 -18.56
CA GLU C 188 19.89 -0.06 -17.98
C GLU C 188 20.58 0.75 -19.06
N VAL C 189 20.82 0.18 -20.23
CA VAL C 189 21.50 0.89 -21.31
C VAL C 189 20.69 0.96 -22.60
N TYR C 190 19.73 0.07 -22.83
CA TYR C 190 19.02 -0.02 -24.09
C TYR C 190 17.59 0.48 -23.92
N LYS C 191 17.30 1.64 -24.52
CA LYS C 191 15.95 2.18 -24.57
C LYS C 191 15.76 2.88 -25.91
N ASP C 192 14.50 2.99 -26.32
CA ASP C 192 14.11 3.79 -27.48
C ASP C 192 14.95 3.46 -28.71
N LYS C 193 15.70 4.45 -29.21
CA LYS C 193 16.46 4.32 -30.45
C LYS C 193 17.88 3.83 -30.23
N ALA C 194 18.16 3.12 -29.14
CA ALA C 194 19.50 2.65 -28.84
C ALA C 194 19.92 1.56 -29.82
N ASP C 195 21.21 1.21 -29.76
CA ASP C 195 21.83 0.25 -30.65
C ASP C 195 22.31 -0.96 -29.86
N LEU C 196 22.49 -2.08 -30.58
CA LEU C 196 22.80 -3.35 -29.94
C LEU C 196 24.17 -3.34 -29.26
N TYR C 197 25.12 -2.56 -29.78
CA TYR C 197 26.43 -2.53 -29.16
C TYR C 197 26.40 -1.87 -27.78
N PHE C 198 25.33 -1.12 -27.47
CA PHE C 198 25.12 -0.69 -26.09
C PHE C 198 25.00 -1.89 -25.17
N CYS C 199 24.15 -2.84 -25.54
CA CYS C 199 23.98 -4.07 -24.76
C CYS C 199 25.28 -4.86 -24.70
N PHE C 200 26.05 -4.87 -25.80
CA PHE C 200 27.32 -5.56 -25.73
C PHE C 200 28.30 -4.90 -24.76
N TYR C 201 28.31 -3.57 -24.70
CA TYR C 201 29.09 -2.87 -23.68
C TYR C 201 28.68 -3.31 -22.28
N LYS C 202 27.37 -3.35 -22.03
CA LYS C 202 26.91 -3.73 -20.70
C LYS C 202 27.33 -5.16 -20.36
N LYS C 203 27.20 -6.08 -21.32
CA LYS C 203 27.57 -7.47 -21.06
C LYS C 203 29.06 -7.61 -20.80
N ILE C 204 29.88 -6.89 -21.57
CA ILE C 204 31.33 -6.95 -21.36
C ILE C 204 31.69 -6.45 -19.98
N ILE C 205 31.07 -5.35 -19.54
CA ILE C 205 31.38 -4.82 -18.22
C ILE C 205 30.92 -5.79 -17.12
N ASP C 206 29.75 -6.41 -17.30
CA ASP C 206 29.20 -7.26 -16.25
C ASP C 206 30.08 -8.48 -15.97
N ILE C 207 30.64 -9.09 -17.01
CA ILE C 207 31.37 -10.34 -16.88
C ILE C 207 32.87 -10.11 -16.82
N LEU C 208 33.31 -8.87 -16.59
CA LEU C 208 34.73 -8.57 -16.46
C LEU C 208 35.17 -8.76 -15.01
N LYS C 209 36.22 -9.55 -14.82
CA LYS C 209 36.71 -9.83 -13.47
C LYS C 209 37.34 -8.58 -12.86
N GLN C 210 37.37 -8.56 -11.53
CA GLN C 210 37.98 -7.45 -10.82
C GLN C 210 39.46 -7.35 -11.14
N GLY C 211 39.91 -6.14 -11.47
CA GLY C 211 41.26 -5.92 -11.95
C GLY C 211 41.46 -6.20 -13.42
N GLY C 212 40.42 -6.63 -14.12
CA GLY C 212 40.54 -6.94 -15.53
C GLY C 212 40.52 -5.71 -16.42
N ILE C 213 40.85 -5.93 -17.68
CA ILE C 213 40.94 -4.87 -18.68
C ILE C 213 40.13 -5.27 -19.90
N GLY C 214 39.33 -4.34 -20.42
CA GLY C 214 38.60 -4.54 -21.65
C GLY C 214 38.94 -3.46 -22.66
N SER C 215 38.94 -3.84 -23.93
CA SER C 215 39.19 -2.91 -25.02
C SER C 215 38.39 -3.35 -26.24
N VAL C 216 37.59 -2.43 -26.78
CA VAL C 216 36.76 -2.73 -27.94
C VAL C 216 36.75 -1.56 -28.91
N ILE C 217 36.47 -1.87 -30.17
CA ILE C 217 36.22 -0.86 -31.19
C ILE C 217 34.74 -0.90 -31.52
N THR C 218 34.07 0.24 -31.32
CA THR C 218 32.62 0.35 -31.51
C THR C 218 32.34 1.60 -32.33
N PRO C 219 31.09 1.89 -32.67
CA PRO C 219 30.79 3.22 -33.23
C PRO C 219 31.01 4.30 -32.18
N ARG C 220 31.33 5.50 -32.66
CA ARG C 220 31.61 6.63 -31.79
C ARG C 220 30.36 7.36 -31.34
N TYR C 221 29.19 7.02 -31.91
CA TYR C 221 28.01 7.89 -31.77
C TYR C 221 27.51 7.98 -30.35
N PHE C 222 27.73 6.95 -29.52
CA PHE C 222 27.24 6.96 -28.15
C PHE C 222 27.94 8.01 -27.28
N LEU C 223 29.05 8.58 -27.74
CA LEU C 223 29.73 9.61 -26.97
C LEU C 223 28.95 10.91 -26.94
N GLU C 224 28.15 11.17 -27.97
CA GLU C 224 27.41 12.43 -28.08
C GLU C 224 25.90 12.26 -28.17
N SER C 225 25.40 11.11 -28.63
CA SER C 225 24.00 10.98 -28.98
C SER C 225 23.10 11.01 -27.75
N LEU C 226 21.85 11.44 -27.97
CA LEU C 226 20.84 11.40 -26.92
C LEU C 226 20.57 9.97 -26.46
N SER C 227 20.62 9.00 -27.39
CA SER C 227 20.33 7.62 -27.04
C SER C 227 21.38 7.02 -26.11
N GLY C 228 22.58 7.58 -26.06
CA GLY C 228 23.65 7.01 -25.28
C GLY C 228 23.81 7.54 -23.87
N LYS C 229 22.85 8.32 -23.36
CA LYS C 229 22.99 8.91 -22.03
C LYS C 229 23.14 7.83 -20.97
N ASP C 230 22.24 6.85 -20.95
CA ASP C 230 22.28 5.81 -19.93
C ASP C 230 23.52 4.93 -20.07
N LEU C 231 23.95 4.65 -21.30
CA LEU C 231 25.17 3.87 -21.50
C LEU C 231 26.39 4.60 -20.97
N ARG C 232 26.47 5.92 -21.22
CA ARG C 232 27.57 6.70 -20.69
C ARG C 232 27.56 6.69 -19.16
N GLU C 233 26.37 6.81 -18.56
CA GLU C 233 26.29 6.73 -17.10
C GLU C 233 26.77 5.37 -16.59
N TYR C 234 26.34 4.29 -17.24
CA TYR C 234 26.73 2.94 -16.82
C TYR C 234 28.25 2.76 -16.89
N ILE C 235 28.84 3.18 -18.02
CA ILE C 235 30.29 3.06 -18.19
C ILE C 235 31.02 3.91 -17.15
N LYS C 236 30.57 5.16 -16.98
CA LYS C 236 31.20 6.06 -16.02
C LYS C 236 31.14 5.51 -14.60
N SER C 237 30.08 4.76 -14.28
CA SER C 237 29.88 4.31 -12.91
C SER C 237 30.46 2.94 -12.62
N ASN C 238 30.75 2.11 -13.64
CA ASN C 238 31.19 0.75 -13.36
C ASN C 238 32.64 0.45 -13.71
N VAL C 239 33.26 1.23 -14.60
CA VAL C 239 34.65 0.99 -14.97
C VAL C 239 35.42 2.30 -14.95
N ASN C 240 36.74 2.19 -14.85
CA ASN C 240 37.63 3.32 -15.08
C ASN C 240 38.01 3.31 -16.56
N VAL C 241 37.76 4.42 -17.24
CA VAL C 241 38.07 4.54 -18.67
C VAL C 241 39.53 4.95 -18.78
N GLN C 242 40.36 4.07 -19.34
CA GLN C 242 41.77 4.40 -19.54
C GLN C 242 41.96 5.30 -20.75
N GLU C 243 41.41 4.91 -21.89
CA GLU C 243 41.77 5.58 -23.14
C GLU C 243 40.62 5.53 -24.13
N ILE C 244 40.41 6.66 -24.80
CA ILE C 244 39.41 6.78 -25.86
C ILE C 244 40.10 7.30 -27.11
N VAL C 245 40.08 6.48 -28.17
CA VAL C 245 40.64 6.85 -29.47
C VAL C 245 39.45 7.14 -30.38
N ASP C 246 39.19 8.42 -30.63
CA ASP C 246 38.06 8.85 -31.45
C ASP C 246 38.57 9.19 -32.85
N PHE C 247 38.07 8.48 -33.85
CA PHE C 247 38.46 8.69 -35.23
C PHE C 247 37.58 9.67 -35.97
N LEU C 248 36.58 10.25 -35.29
CA LEU C 248 35.66 11.24 -35.87
C LEU C 248 35.07 10.64 -37.15
N GLY C 249 35.10 11.36 -38.28
CA GLY C 249 34.50 10.90 -39.50
C GLY C 249 35.37 10.05 -40.40
N ALA C 250 36.54 9.63 -39.91
CA ALA C 250 37.45 8.83 -40.74
C ALA C 250 36.82 7.48 -41.05
N ASN C 251 37.26 6.88 -42.15
CA ASN C 251 36.70 5.62 -42.64
C ASN C 251 37.65 4.49 -42.26
N ILE C 252 37.42 3.90 -41.09
CA ILE C 252 38.25 2.78 -40.64
C ILE C 252 37.92 1.51 -41.41
N PHE C 253 36.64 1.29 -41.69
CA PHE C 253 36.18 0.08 -42.36
C PHE C 253 35.87 0.39 -43.82
N LYS C 254 36.58 -0.30 -44.72
CA LYS C 254 36.45 -0.03 -46.14
C LYS C 254 35.04 -0.35 -46.63
N ASN C 255 34.46 0.59 -47.39
CA ASN C 255 33.12 0.44 -47.96
C ASN C 255 32.06 0.21 -46.89
N ILE C 256 32.26 0.79 -45.71
CA ILE C 256 31.30 0.71 -44.62
C ILE C 256 31.04 2.13 -44.13
N GLY C 257 29.76 2.50 -44.02
CA GLY C 257 29.41 3.84 -43.60
C GLY C 257 29.24 3.97 -42.09
N VAL C 258 30.34 3.83 -41.36
CA VAL C 258 30.31 3.96 -39.90
C VAL C 258 31.56 4.69 -39.44
N SER C 259 31.41 5.47 -38.38
CA SER C 259 32.51 6.19 -37.74
C SER C 259 32.82 5.50 -36.42
N SER C 260 34.11 5.22 -36.19
CA SER C 260 34.52 4.29 -35.14
C SER C 260 35.29 4.99 -34.03
N CYS C 261 35.37 4.30 -32.89
CA CYS C 261 36.23 4.70 -31.79
C CYS C 261 36.66 3.44 -31.04
N ILE C 262 37.73 3.59 -30.26
CA ILE C 262 38.29 2.50 -29.47
C ILE C 262 38.25 2.90 -28.00
N LEU C 263 37.67 2.04 -27.17
CA LEU C 263 37.56 2.27 -25.74
C LEU C 263 38.38 1.22 -24.99
N THR C 264 39.25 1.68 -24.10
CA THR C 264 40.02 0.83 -23.20
C THR C 264 39.68 1.24 -21.76
N PHE C 265 39.23 0.27 -20.97
CA PHE C 265 38.73 0.50 -19.61
C PHE C 265 39.16 -0.66 -18.72
N ASP C 266 39.09 -0.43 -17.41
CA ASP C 266 39.51 -1.45 -16.46
C ASP C 266 38.66 -1.36 -15.19
N LYS C 267 38.69 -2.43 -14.42
CA LYS C 267 38.04 -2.49 -13.11
C LYS C 267 39.06 -2.53 -11.98
N LYS C 268 40.16 -1.81 -12.13
CA LYS C 268 41.23 -1.81 -11.15
C LYS C 268 40.95 -0.80 -10.03
N LYS C 269 41.83 -0.79 -9.03
CA LYS C 269 41.75 0.20 -7.96
C LYS C 269 41.90 1.60 -8.55
N THR C 270 41.05 2.52 -8.10
CA THR C 270 40.92 3.83 -8.73
C THR C 270 42.17 4.68 -8.43
N LYS C 271 42.93 4.97 -9.47
CA LYS C 271 44.11 5.83 -9.39
C LYS C 271 43.69 7.27 -9.70
N GLU C 272 44.66 8.14 -10.01
CA GLU C 272 44.35 9.52 -10.40
C GLU C 272 43.31 9.62 -11.51
N THR C 273 43.02 8.52 -12.22
CA THR C 273 41.91 8.39 -13.18
C THR C 273 41.75 9.62 -14.08
N TYR C 274 42.82 9.89 -14.85
CA TYR C 274 42.76 10.83 -15.96
C TYR C 274 42.67 10.05 -17.26
N ILE C 275 41.60 10.28 -18.02
CA ILE C 275 41.36 9.58 -19.27
C ILE C 275 42.18 10.24 -20.37
N ASP C 276 42.97 9.45 -21.07
CA ASP C 276 43.71 9.91 -22.23
C ASP C 276 42.80 9.88 -23.45
N VAL C 277 42.61 11.02 -24.11
CA VAL C 277 41.72 11.11 -25.25
C VAL C 277 42.54 11.52 -26.48
N PHE C 278 42.42 10.72 -27.54
CA PHE C 278 43.06 10.95 -28.82
C PHE C 278 41.98 11.24 -29.86
N LYS C 279 41.89 12.49 -30.31
CA LYS C 279 40.96 12.89 -31.35
C LYS C 279 41.73 13.13 -32.63
N ILE C 280 41.27 12.53 -33.73
CA ILE C 280 41.95 12.67 -35.00
C ILE C 280 41.82 14.11 -35.49
N LYS C 281 42.89 14.61 -36.11
CA LYS C 281 42.89 15.98 -36.59
C LYS C 281 42.53 16.10 -38.07
N ASN C 282 42.82 15.08 -38.86
CA ASN C 282 42.46 15.06 -40.28
C ASN C 282 41.66 13.80 -40.55
N GLU C 283 40.39 13.96 -40.93
CA GLU C 283 39.53 12.81 -41.18
C GLU C 283 39.88 12.07 -42.46
N ASP C 284 40.77 12.61 -43.29
CA ASP C 284 41.06 12.05 -44.60
C ASP C 284 42.11 10.95 -44.57
N ILE C 285 42.66 10.60 -43.41
CA ILE C 285 43.75 9.62 -43.36
C ILE C 285 43.23 8.26 -43.80
N CYS C 286 44.08 7.53 -44.51
CA CYS C 286 43.82 6.14 -44.89
C CYS C 286 44.52 5.24 -43.88
N ILE C 287 43.74 4.39 -43.20
CA ILE C 287 44.29 3.62 -42.09
C ILE C 287 45.31 2.59 -42.58
N ASN C 288 45.16 2.09 -43.81
CA ASN C 288 46.02 1.01 -44.31
C ASN C 288 47.44 1.47 -44.61
N LYS C 289 47.73 2.78 -44.55
CA LYS C 289 49.03 3.31 -44.92
C LYS C 289 49.99 3.43 -43.75
N PHE C 290 49.64 2.89 -42.58
CA PHE C 290 50.46 3.03 -41.39
C PHE C 290 50.76 1.68 -40.77
N GLU C 291 52.02 1.50 -40.33
CA GLU C 291 52.47 0.21 -39.84
C GLU C 291 51.85 -0.11 -38.48
N THR C 292 51.72 0.88 -37.61
CA THR C 292 51.12 0.69 -36.29
C THR C 292 50.21 1.87 -35.98
N LEU C 293 49.27 1.64 -35.06
CA LEU C 293 48.38 2.71 -34.63
C LEU C 293 49.12 3.72 -33.73
N GLU C 294 50.08 3.24 -32.94
CA GLU C 294 50.87 4.14 -32.10
C GLU C 294 51.62 5.17 -32.94
N GLU C 295 52.06 4.79 -34.14
CA GLU C 295 52.68 5.74 -35.05
C GLU C 295 51.74 6.91 -35.34
N LEU C 296 50.45 6.63 -35.47
CA LEU C 296 49.47 7.70 -35.70
C LEU C 296 49.19 8.49 -34.42
N LEU C 297 48.99 7.80 -33.30
CA LEU C 297 48.60 8.49 -32.08
C LEU C 297 49.70 9.43 -31.59
N LYS C 298 50.95 8.98 -31.64
CA LYS C 298 52.09 9.77 -31.18
C LYS C 298 52.54 10.81 -32.19
N SER C 299 51.76 11.08 -33.22
CA SER C 299 52.13 12.00 -34.28
C SER C 299 51.22 13.23 -34.24
N SER C 300 51.50 14.17 -35.15
CA SER C 300 50.69 15.37 -35.29
C SER C 300 49.30 15.09 -35.85
N LYS C 301 49.06 13.88 -36.35
CA LYS C 301 47.74 13.53 -36.89
C LYS C 301 46.67 13.46 -35.81
N PHE C 302 47.05 13.30 -34.55
CA PHE C 302 46.12 13.15 -33.44
C PHE C 302 46.41 14.17 -32.36
N GLU C 303 45.35 14.78 -31.83
CA GLU C 303 45.45 15.61 -30.65
C GLU C 303 45.15 14.78 -29.41
N HIS C 304 45.94 14.99 -28.36
CA HIS C 304 45.74 14.30 -27.10
C HIS C 304 45.37 15.30 -26.02
N PHE C 305 44.47 14.90 -25.13
CA PHE C 305 44.25 15.67 -23.91
C PHE C 305 43.69 14.76 -22.82
N ASN C 306 43.79 15.24 -21.58
CA ASN C 306 43.31 14.50 -20.43
C ASN C 306 41.93 14.97 -20.01
N ILE C 307 41.12 14.04 -19.54
CA ILE C 307 39.77 14.32 -19.05
C ILE C 307 39.63 13.69 -17.67
N ASN C 308 39.19 14.49 -16.70
CA ASN C 308 38.95 13.94 -15.36
C ASN C 308 37.62 13.18 -15.37
N GLN C 309 37.69 11.87 -15.14
CA GLN C 309 36.49 11.04 -15.23
C GLN C 309 35.47 11.43 -14.18
N ARG C 310 35.92 11.81 -12.98
CA ARG C 310 35.00 12.18 -11.91
C ARG C 310 34.21 13.43 -12.23
N LEU C 311 34.67 14.24 -13.18
CA LEU C 311 33.99 15.48 -13.54
C LEU C 311 33.06 15.32 -14.73
N LEU C 312 32.86 14.10 -15.23
CA LEU C 312 31.94 13.88 -16.33
C LEU C 312 30.51 13.93 -15.83
N SER C 313 29.67 14.69 -16.53
CA SER C 313 28.23 14.72 -16.28
C SER C 313 27.54 13.69 -17.17
N ASP C 314 26.22 13.80 -17.29
CA ASP C 314 25.51 12.93 -18.23
C ASP C 314 25.93 13.17 -19.68
N GLU C 315 26.48 14.34 -19.98
CA GLU C 315 27.05 14.64 -21.29
C GLU C 315 28.57 14.69 -21.18
N TRP C 316 29.26 13.95 -22.06
CA TRP C 316 30.71 13.87 -22.04
C TRP C 316 31.28 14.92 -23.00
N ILE C 317 31.83 15.99 -22.45
CA ILE C 317 32.42 17.06 -23.24
C ILE C 317 33.92 16.80 -23.27
N LEU C 318 34.36 16.08 -24.30
CA LEU C 318 35.75 15.68 -24.45
C LEU C 318 36.44 16.69 -25.36
N VAL C 319 36.90 17.80 -24.77
CA VAL C 319 37.58 18.86 -25.50
C VAL C 319 38.77 19.33 -24.67
N ASN C 320 39.69 20.04 -25.34
CA ASN C 320 40.83 20.60 -24.63
C ASN C 320 40.40 21.80 -23.79
N LYS C 321 41.33 22.26 -22.94
CA LYS C 321 40.98 23.27 -21.95
C LYS C 321 40.50 24.57 -22.59
N ASP C 322 41.06 24.94 -23.75
CA ASP C 322 40.65 26.16 -24.43
C ASP C 322 39.19 26.09 -24.86
N ASP C 323 38.80 24.97 -25.47
CA ASP C 323 37.41 24.79 -25.88
C ASP C 323 36.49 24.73 -24.67
N GLU C 324 36.94 24.12 -23.57
CA GLU C 324 36.15 24.09 -22.35
C GLU C 324 35.87 25.52 -21.86
N THR C 325 36.91 26.36 -21.81
CA THR C 325 36.72 27.74 -21.37
C THR C 325 35.79 28.50 -22.31
N PHE C 326 35.97 28.33 -23.62
CA PHE C 326 35.13 29.00 -24.61
C PHE C 326 33.65 28.62 -24.44
N TYR C 327 33.39 27.31 -24.38
CA TYR C 327 32.02 26.80 -24.25
C TYR C 327 31.38 27.28 -22.94
N ASN C 328 32.12 27.21 -21.84
CA ASN C 328 31.54 27.63 -20.56
C ASN C 328 31.28 29.14 -20.54
N LYS C 329 32.16 29.93 -21.17
CA LYS C 329 31.90 31.36 -21.30
C LYS C 329 30.58 31.62 -21.98
N ILE C 330 30.36 30.99 -23.14
CA ILE C 330 29.10 31.20 -23.85
C ILE C 330 27.92 30.73 -23.01
N GLN C 331 28.06 29.58 -22.34
CA GLN C 331 26.95 29.04 -21.55
C GLN C 331 26.54 30.00 -20.43
N GLU C 332 27.52 30.56 -19.72
CA GLU C 332 27.18 31.45 -18.62
C GLU C 332 26.86 32.87 -19.07
N LYS C 333 27.08 33.21 -20.34
CA LYS C 333 26.74 34.57 -20.78
C LYS C 333 25.32 34.71 -21.32
N CYS C 334 24.68 33.61 -21.74
CA CYS C 334 23.39 33.68 -22.42
C CYS C 334 22.26 33.35 -21.46
N LYS C 335 21.22 34.19 -21.45
CA LYS C 335 20.07 33.99 -20.60
C LYS C 335 18.96 33.17 -21.25
N TYR C 336 19.05 32.91 -22.55
CA TYR C 336 18.00 32.20 -23.28
C TYR C 336 18.58 31.01 -24.00
N SER C 337 17.70 30.10 -24.39
CA SER C 337 18.03 29.01 -25.31
C SER C 337 16.99 29.01 -26.42
N LEU C 338 17.37 28.43 -27.56
CA LEU C 338 16.43 28.33 -28.68
C LEU C 338 15.17 27.57 -28.28
N GLU C 339 15.30 26.62 -27.35
CA GLU C 339 14.13 25.92 -26.83
C GLU C 339 13.20 26.88 -26.11
N ASP C 340 13.76 27.85 -25.39
CA ASP C 340 12.95 28.78 -24.62
C ASP C 340 12.10 29.69 -25.51
N ILE C 341 12.63 30.09 -26.66
CA ILE C 341 12.00 31.14 -27.47
C ILE C 341 11.37 30.63 -28.75
N ALA C 342 11.61 29.38 -29.14
CA ALA C 342 11.17 28.91 -30.44
C ALA C 342 10.39 27.60 -30.33
N ILE C 343 9.52 27.40 -31.31
CA ILE C 343 8.80 26.15 -31.52
C ILE C 343 9.51 25.42 -32.65
N SER C 344 10.00 24.22 -32.36
CA SER C 344 10.75 23.39 -33.30
C SER C 344 9.87 22.27 -33.84
N PHE C 345 10.18 21.83 -35.06
CA PHE C 345 9.48 20.66 -35.59
C PHE C 345 10.25 20.06 -36.76
N GLN C 346 10.10 18.74 -36.87
CA GLN C 346 10.59 17.93 -37.97
C GLN C 346 9.67 18.08 -39.18
N GLY C 347 10.20 17.74 -40.36
CA GLY C 347 9.47 17.92 -41.58
C GLY C 347 8.43 16.85 -41.84
N ILE C 348 7.82 16.93 -43.02
CA ILE C 348 6.85 15.93 -43.44
C ILE C 348 7.54 14.59 -43.60
N ILE C 349 6.94 13.54 -43.08
CA ILE C 349 7.39 12.17 -43.32
C ILE C 349 6.25 11.48 -44.07
N THR C 350 6.37 11.42 -45.40
CA THR C 350 5.31 10.85 -46.21
C THR C 350 5.21 9.34 -46.03
N GLY C 351 6.36 8.67 -45.81
CA GLY C 351 6.42 7.22 -45.77
C GLY C 351 6.79 6.58 -47.09
N CYS C 352 6.56 7.28 -48.21
CA CYS C 352 7.05 6.84 -49.52
C CYS C 352 7.12 8.09 -50.40
N ASP C 353 8.33 8.66 -50.52
CA ASP C 353 8.46 9.93 -51.23
C ASP C 353 8.16 9.81 -52.72
N LYS C 354 8.47 8.65 -53.32
CA LYS C 354 8.26 8.49 -54.76
C LYS C 354 6.79 8.59 -55.16
N ALA C 355 5.87 8.47 -54.20
CA ALA C 355 4.44 8.54 -54.50
C ALA C 355 3.85 9.93 -54.32
N PHE C 356 4.46 10.79 -53.51
CA PHE C 356 3.91 12.10 -53.22
C PHE C 356 4.74 13.27 -53.71
N ILE C 357 5.98 13.05 -54.16
CA ILE C 357 6.91 14.11 -54.53
C ILE C 357 7.15 14.05 -56.03
N LEU C 358 7.01 15.19 -56.70
CA LEU C 358 7.24 15.27 -58.13
C LEU C 358 8.13 16.46 -58.47
N SER C 359 8.89 16.35 -59.54
CA SER C 359 9.60 17.51 -60.06
C SER C 359 8.60 18.54 -60.57
N LYS C 360 8.90 19.84 -60.34
CA LYS C 360 7.95 20.87 -60.73
C LYS C 360 7.80 20.99 -62.24
N ASP C 361 8.69 20.37 -63.02
CA ASP C 361 8.55 20.30 -64.46
C ASP C 361 7.87 19.02 -64.93
N ASP C 362 7.40 18.18 -64.02
CA ASP C 362 6.76 16.93 -64.40
C ASP C 362 5.38 17.20 -64.99
N VAL C 363 5.01 16.43 -66.01
CA VAL C 363 3.74 16.64 -66.70
C VAL C 363 2.57 16.10 -65.90
N LYS C 364 2.78 15.07 -65.07
CA LYS C 364 1.70 14.53 -64.26
C LYS C 364 1.15 15.54 -63.26
N LEU C 365 1.88 16.63 -63.00
CA LEU C 365 1.35 17.70 -62.17
C LEU C 365 0.12 18.36 -62.79
N ASN C 366 -0.12 18.14 -64.09
CA ASN C 366 -1.36 18.62 -64.68
C ASN C 366 -2.58 17.90 -64.12
N LEU C 367 -2.39 16.74 -63.49
CA LEU C 367 -3.50 16.01 -62.89
C LEU C 367 -3.85 16.50 -61.49
N VAL C 368 -3.03 17.36 -60.90
CA VAL C 368 -3.17 17.76 -59.51
C VAL C 368 -3.54 19.23 -59.45
N ASP C 369 -4.64 19.54 -58.76
CA ASP C 369 -5.04 20.93 -58.57
C ASP C 369 -4.01 21.65 -57.70
N ASP C 370 -3.81 22.94 -57.99
CA ASP C 370 -2.75 23.71 -57.33
C ASP C 370 -2.95 23.84 -55.83
N LYS C 371 -4.19 23.70 -55.35
CA LYS C 371 -4.43 23.82 -53.91
C LYS C 371 -3.83 22.67 -53.12
N PHE C 372 -3.59 21.53 -53.77
CA PHE C 372 -2.98 20.38 -53.12
C PHE C 372 -1.46 20.40 -53.16
N LEU C 373 -0.86 21.32 -53.91
CA LEU C 373 0.58 21.31 -54.18
C LEU C 373 1.31 22.25 -53.24
N LYS C 374 2.40 21.76 -52.67
CA LYS C 374 3.26 22.54 -51.79
C LYS C 374 4.67 22.57 -52.37
N CYS C 375 5.43 23.62 -52.05
CA CYS C 375 6.84 23.65 -52.43
C CYS C 375 7.64 22.69 -51.56
N TRP C 376 8.62 22.02 -52.15
CA TRP C 376 9.34 20.92 -51.50
C TRP C 376 10.83 21.15 -51.68
N ILE C 377 11.53 21.35 -50.56
CA ILE C 377 12.98 21.58 -50.59
C ILE C 377 13.68 20.41 -49.92
N LYS C 378 14.93 20.20 -50.31
CA LYS C 378 15.79 19.17 -49.74
C LYS C 378 16.88 19.83 -48.90
N SER C 379 17.71 18.99 -48.27
CA SER C 379 18.75 19.49 -47.40
C SER C 379 19.77 20.34 -48.16
N LYS C 380 20.02 20.02 -49.43
CA LYS C 380 21.02 20.77 -50.20
C LYS C 380 20.53 22.13 -50.63
N ASN C 381 19.24 22.43 -50.49
CA ASN C 381 18.72 23.74 -50.85
C ASN C 381 19.00 24.80 -49.80
N ILE C 382 19.40 24.40 -48.59
CA ILE C 382 19.58 25.34 -47.48
C ILE C 382 21.00 25.89 -47.52
N ASN C 383 21.11 27.22 -47.62
CA ASN C 383 22.36 27.94 -47.49
C ASN C 383 22.29 28.80 -46.23
N LYS C 384 23.34 29.59 -46.00
CA LYS C 384 23.29 30.57 -44.92
C LYS C 384 22.33 31.70 -45.31
N TYR C 385 21.38 31.97 -44.43
CA TYR C 385 20.46 33.10 -44.49
C TYR C 385 19.33 32.99 -45.52
N ILE C 386 19.39 32.06 -46.47
CA ILE C 386 18.39 31.99 -47.54
C ILE C 386 18.31 30.56 -48.06
N VAL C 387 17.14 30.24 -48.63
CA VAL C 387 16.84 28.93 -49.19
C VAL C 387 16.80 29.04 -50.70
N ASP C 388 17.42 28.07 -51.37
CA ASP C 388 17.33 28.00 -52.82
C ASP C 388 15.88 27.74 -53.24
N LYS C 389 15.51 28.28 -54.40
CA LYS C 389 14.18 28.05 -54.93
C LYS C 389 13.92 26.56 -55.12
N SER C 390 12.74 26.11 -54.72
CA SER C 390 12.43 24.69 -54.73
C SER C 390 12.27 24.18 -56.15
N GLU C 391 12.71 22.95 -56.37
CA GLU C 391 12.56 22.27 -57.65
C GLU C 391 11.58 21.11 -57.59
N TYR C 392 10.95 20.88 -56.43
CA TYR C 392 10.01 19.79 -56.24
C TYR C 392 8.71 20.30 -55.65
N ARG C 393 7.66 19.53 -55.88
CA ARG C 393 6.33 19.78 -55.35
C ARG C 393 5.85 18.56 -54.59
N LEU C 394 5.20 18.84 -53.46
CA LEU C 394 4.61 17.82 -52.59
C LEU C 394 3.10 17.78 -52.79
N ILE C 395 2.57 16.59 -53.01
CA ILE C 395 1.13 16.37 -53.09
C ILE C 395 0.63 16.13 -51.67
N TYR C 396 -0.04 17.12 -51.09
CA TYR C 396 -0.51 17.02 -49.72
C TYR C 396 -1.84 16.26 -49.72
N SER C 397 -1.73 14.94 -49.78
CA SER C 397 -2.90 14.09 -50.00
C SER C 397 -3.89 14.12 -48.84
N ASN C 398 -3.47 14.60 -47.67
CA ASN C 398 -4.37 14.65 -46.52
C ASN C 398 -5.58 15.56 -46.77
N ASP C 399 -5.50 16.46 -47.74
CA ASP C 399 -6.59 17.36 -48.04
C ASP C 399 -7.58 16.79 -49.05
N ILE C 400 -7.36 15.57 -49.52
CA ILE C 400 -8.34 14.84 -50.32
C ILE C 400 -9.25 14.09 -49.34
N ASP C 401 -10.52 14.48 -49.30
CA ASP C 401 -11.41 14.00 -48.23
C ASP C 401 -11.63 12.49 -48.32
N ASN C 402 -11.85 11.97 -49.52
CA ASN C 402 -12.06 10.52 -49.70
C ASN C 402 -11.52 10.10 -51.06
N GLU C 403 -11.70 8.81 -51.37
CA GLU C 403 -11.15 8.25 -52.60
C GLU C 403 -11.90 8.67 -53.85
N ASN C 404 -13.16 9.09 -53.72
CA ASN C 404 -14.05 9.22 -54.87
C ASN C 404 -14.24 10.65 -55.36
N THR C 405 -13.49 11.61 -54.82
CA THR C 405 -13.60 13.00 -55.26
C THR C 405 -12.52 13.39 -56.27
N ASN C 406 -11.28 12.95 -56.05
CA ASN C 406 -10.13 13.25 -56.92
C ASN C 406 -9.45 11.96 -57.34
N LYS C 407 -10.26 11.01 -57.83
CA LYS C 407 -9.78 9.64 -58.06
C LYS C 407 -8.55 9.61 -58.97
N ARG C 408 -8.44 10.54 -59.91
CA ARG C 408 -7.36 10.48 -60.89
C ARG C 408 -5.99 10.63 -60.22
N ILE C 409 -5.91 11.50 -59.21
CA ILE C 409 -4.65 11.66 -58.48
C ILE C 409 -4.24 10.35 -57.82
N LEU C 410 -5.18 9.69 -57.17
CA LEU C 410 -4.86 8.43 -56.50
C LEU C 410 -4.53 7.33 -57.51
N ASP C 411 -5.23 7.30 -58.63
CA ASP C 411 -5.06 6.22 -59.60
C ASP C 411 -3.78 6.36 -60.42
N GLU C 412 -3.35 7.59 -60.71
CA GLU C 412 -2.25 7.79 -61.65
C GLU C 412 -0.94 8.20 -60.99
N ILE C 413 -0.96 8.67 -59.75
CA ILE C 413 0.27 9.12 -59.11
C ILE C 413 0.55 8.34 -57.84
N ILE C 414 -0.31 8.49 -56.84
CA ILE C 414 -0.06 7.90 -55.53
C ILE C 414 -0.20 6.37 -55.60
N GLY C 415 -1.28 5.89 -56.22
CA GLY C 415 -1.58 4.47 -56.23
C GLY C 415 -0.53 3.63 -56.92
N LEU C 416 0.38 4.24 -57.67
CA LEU C 416 1.48 3.49 -58.27
C LEU C 416 2.34 2.81 -57.21
N TYR C 417 2.24 3.25 -55.95
CA TYR C 417 2.96 2.59 -54.87
C TYR C 417 2.00 2.09 -53.79
N LYS C 418 0.75 1.82 -54.19
CA LYS C 418 -0.29 1.53 -53.22
C LYS C 418 0.10 0.39 -52.29
N THR C 419 0.57 -0.72 -52.84
CA THR C 419 0.98 -1.84 -52.01
C THR C 419 2.00 -1.41 -50.97
N LYS C 420 3.06 -0.72 -51.42
CA LYS C 420 4.05 -0.21 -50.47
C LYS C 420 3.38 0.70 -49.45
N LEU C 421 2.52 1.60 -49.92
CA LEU C 421 1.80 2.50 -49.00
C LEU C 421 0.97 1.71 -48.00
N GLU C 422 0.39 0.60 -48.43
CA GLU C 422 -0.44 -0.18 -47.52
C GLU C 422 0.37 -0.87 -46.42
N ASN C 423 1.69 -0.99 -46.60
CA ASN C 423 2.49 -1.70 -45.62
C ASN C 423 2.93 -0.83 -44.46
N ARG C 424 2.65 0.47 -44.50
CA ARG C 424 3.03 1.34 -43.40
C ARG C 424 2.24 1.00 -42.14
N ARG C 425 2.84 1.31 -40.99
CA ARG C 425 2.30 0.85 -39.72
C ARG C 425 0.89 1.38 -39.47
N GLU C 426 0.68 2.67 -39.71
CA GLU C 426 -0.62 3.28 -39.42
C GLU C 426 -1.67 2.92 -40.44
N CYS C 427 -1.28 2.47 -41.63
CA CYS C 427 -2.26 1.93 -42.58
C CYS C 427 -2.70 0.53 -42.16
N LYS C 428 -1.77 -0.28 -41.66
CA LYS C 428 -2.13 -1.62 -41.21
C LYS C 428 -2.99 -1.58 -39.95
N SER C 429 -2.79 -0.57 -39.10
CA SER C 429 -3.62 -0.40 -37.91
C SER C 429 -4.95 0.28 -38.22
N GLY C 430 -5.10 0.87 -39.40
CA GLY C 430 -6.37 1.39 -39.85
C GLY C 430 -6.65 2.85 -39.55
N ILE C 431 -5.75 3.56 -38.86
CA ILE C 431 -5.99 4.96 -38.54
C ILE C 431 -5.51 5.90 -39.62
N ARG C 432 -4.87 5.37 -40.67
CA ARG C 432 -4.36 6.19 -41.77
C ARG C 432 -4.81 5.57 -43.08
N LYS C 433 -5.40 6.39 -43.95
CA LYS C 433 -5.77 5.92 -45.28
C LYS C 433 -4.52 5.65 -46.11
N TRP C 434 -4.63 4.72 -47.06
CA TRP C 434 -3.45 4.30 -47.81
C TRP C 434 -2.87 5.44 -48.63
N TYR C 435 -3.71 6.36 -49.09
CA TYR C 435 -3.24 7.47 -49.90
C TYR C 435 -2.78 8.67 -49.10
N GLU C 436 -3.00 8.68 -47.78
CA GLU C 436 -2.62 9.81 -46.96
C GLU C 436 -1.13 9.78 -46.62
N LEU C 437 -0.59 10.95 -46.31
CA LEU C 437 0.78 11.05 -45.82
C LEU C 437 0.89 10.38 -44.45
N GLN C 438 2.02 9.70 -44.22
CA GLN C 438 2.16 8.97 -42.96
C GLN C 438 2.21 9.92 -41.77
N TRP C 439 3.03 10.98 -41.86
CA TRP C 439 3.08 12.03 -40.83
C TRP C 439 3.04 13.37 -41.56
N GLY C 440 1.83 13.89 -41.75
CA GLY C 440 1.64 15.14 -42.45
C GLY C 440 1.82 16.40 -41.63
N ARG C 441 2.05 16.27 -40.33
CA ARG C 441 2.32 17.40 -39.43
C ARG C 441 1.14 18.38 -39.50
N GLU C 442 1.41 19.67 -39.31
CA GLU C 442 0.39 20.71 -39.37
C GLU C 442 0.80 21.73 -40.43
N LYS C 443 -0.09 21.97 -41.40
CA LYS C 443 0.23 22.87 -42.50
C LYS C 443 0.54 24.28 -41.98
N LEU C 444 -0.20 24.74 -40.97
CA LEU C 444 -0.01 26.09 -40.45
C LEU C 444 1.38 26.30 -39.86
N PHE C 445 2.10 25.22 -39.54
CA PHE C 445 3.48 25.38 -39.09
C PHE C 445 4.41 25.71 -40.24
N PHE C 446 4.24 25.04 -41.38
CA PHE C 446 5.11 25.29 -42.53
C PHE C 446 4.75 26.58 -43.26
N GLU C 447 3.46 26.86 -43.40
CA GLU C 447 3.00 28.00 -44.21
C GLU C 447 3.05 29.29 -43.39
N ARG C 448 4.27 29.65 -43.02
CA ARG C 448 4.55 30.87 -42.27
C ARG C 448 6.03 31.18 -42.39
N LYS C 449 6.38 32.42 -42.07
CA LYS C 449 7.78 32.80 -42.04
C LYS C 449 8.51 31.98 -40.99
N LYS C 450 9.62 31.33 -41.37
CA LYS C 450 10.26 30.47 -40.38
C LYS C 450 11.75 30.36 -40.67
N ILE C 451 12.46 29.57 -39.86
CA ILE C 451 13.87 29.28 -40.07
C ILE C 451 14.02 27.79 -40.33
N MET C 452 14.74 27.45 -41.38
CA MET C 452 14.98 26.05 -41.75
C MET C 452 16.48 25.78 -41.80
N TYR C 453 16.84 24.55 -41.48
CA TYR C 453 18.25 24.15 -41.54
C TYR C 453 18.34 22.67 -41.85
N PRO C 454 19.40 22.23 -42.54
CA PRO C 454 19.53 20.82 -42.89
C PRO C 454 19.80 19.96 -41.66
N TYR C 455 19.40 18.69 -41.75
CA TYR C 455 19.58 17.79 -40.61
C TYR C 455 21.00 17.25 -40.51
N LYS C 456 21.75 17.25 -41.61
CA LYS C 456 23.15 16.81 -41.62
C LYS C 456 23.93 17.76 -42.52
N SER C 457 24.94 18.42 -41.95
CA SER C 457 25.69 19.42 -42.70
C SER C 457 27.09 19.54 -42.13
N ASN C 458 27.96 20.18 -42.91
CA ASN C 458 29.34 20.44 -42.50
C ASN C 458 29.48 21.71 -41.66
N GLU C 459 28.45 22.55 -41.59
CA GLU C 459 28.56 23.83 -40.93
C GLU C 459 27.15 24.33 -40.60
N ASN C 460 27.09 25.37 -39.78
CA ASN C 460 25.81 25.97 -39.43
C ASN C 460 25.21 26.63 -40.67
N ARG C 461 24.04 26.15 -41.09
CA ARG C 461 23.32 26.70 -42.25
C ARG C 461 21.88 26.93 -41.83
N PHE C 462 21.61 28.09 -41.23
CA PHE C 462 20.26 28.47 -40.81
C PHE C 462 19.75 29.54 -41.75
N ALA C 463 18.62 29.27 -42.41
CA ALA C 463 18.08 30.17 -43.41
C ALA C 463 16.67 30.59 -43.05
N ILE C 464 16.31 31.81 -43.43
CA ILE C 464 14.94 32.28 -43.28
C ILE C 464 14.14 31.84 -44.49
N ASP C 465 13.11 31.03 -44.26
CA ASP C 465 12.17 30.64 -45.28
C ASP C 465 11.05 31.68 -45.33
N TYR C 466 10.92 32.31 -46.52
CA TYR C 466 9.90 33.29 -46.88
C TYR C 466 8.81 32.72 -47.77
N ASP C 467 8.99 31.52 -48.33
CA ASP C 467 8.17 31.04 -49.43
C ASP C 467 7.25 29.87 -49.04
N ASN C 468 7.09 29.62 -47.74
CA ASN C 468 6.22 28.53 -47.25
C ASN C 468 6.68 27.19 -47.82
N ASN C 469 7.93 26.83 -47.52
CA ASN C 469 8.53 25.62 -48.05
C ASN C 469 8.27 24.45 -47.13
N PHE C 470 7.76 23.36 -47.69
CA PHE C 470 7.67 22.09 -47.00
C PHE C 470 8.95 21.29 -47.25
N SER C 471 9.21 20.33 -46.36
CA SER C 471 10.41 19.52 -46.48
C SER C 471 10.16 18.18 -45.80
N SER C 472 11.05 17.24 -46.09
CA SER C 472 11.05 15.95 -45.39
C SER C 472 11.81 16.09 -44.08
N ALA C 473 12.11 14.95 -43.45
CA ALA C 473 12.85 14.98 -42.19
C ALA C 473 14.29 15.43 -42.36
N ASP C 474 14.78 15.54 -43.60
CA ASP C 474 16.15 16.01 -43.82
C ASP C 474 16.31 17.50 -43.59
N VAL C 475 15.23 18.24 -43.35
CA VAL C 475 15.29 19.66 -43.05
C VAL C 475 14.40 19.93 -41.84
N TYR C 476 14.96 20.55 -40.81
CA TYR C 476 14.20 20.92 -39.63
C TYR C 476 13.79 22.38 -39.70
N SER C 477 12.73 22.73 -38.98
CA SER C 477 12.25 24.10 -38.98
C SER C 477 11.94 24.53 -37.55
N PHE C 478 11.98 25.86 -37.34
CA PHE C 478 11.42 26.42 -36.13
C PHE C 478 10.93 27.84 -36.39
N PHE C 479 10.02 28.30 -35.53
CA PHE C 479 9.55 29.67 -35.57
C PHE C 479 9.51 30.26 -34.17
N ILE C 480 9.59 31.58 -34.09
CA ILE C 480 9.64 32.27 -32.81
C ILE C 480 8.26 32.32 -32.18
N LYS C 481 8.20 32.14 -30.86
CA LYS C 481 6.94 32.25 -30.15
C LYS C 481 6.42 33.69 -30.18
N GLU C 482 5.09 33.82 -30.15
CA GLU C 482 4.48 35.14 -30.22
C GLU C 482 4.88 36.02 -29.04
N GLU C 483 5.15 35.41 -27.88
CA GLU C 483 5.58 36.20 -26.73
C GLU C 483 6.99 36.75 -26.91
N TYR C 484 7.84 36.04 -27.63
CA TYR C 484 9.22 36.45 -27.82
C TYR C 484 9.46 37.22 -29.11
N LEU C 485 8.41 37.52 -29.88
CA LEU C 485 8.60 38.16 -31.18
C LEU C 485 9.12 39.58 -31.03
N ASP C 486 8.77 40.27 -29.95
CA ASP C 486 9.27 41.63 -29.73
C ASP C 486 10.66 41.65 -29.09
N LYS C 487 11.20 40.49 -28.75
CA LYS C 487 12.56 40.38 -28.22
C LYS C 487 13.57 39.88 -29.24
N PHE C 488 13.17 38.93 -30.09
CA PHE C 488 14.06 38.33 -31.07
C PHE C 488 13.40 38.38 -32.44
N SER C 489 14.22 38.59 -33.47
CA SER C 489 13.77 38.56 -34.86
C SER C 489 14.45 37.41 -35.58
N TYR C 490 13.85 37.01 -36.70
CA TYR C 490 14.46 35.97 -37.53
C TYR C 490 15.79 36.42 -38.12
N GLU C 491 15.86 37.69 -38.53
CA GLU C 491 17.10 38.20 -39.09
C GLU C 491 18.24 38.16 -38.07
N TYR C 492 17.97 38.57 -36.84
CA TYR C 492 18.99 38.49 -35.79
C TYR C 492 19.39 37.05 -35.51
N LEU C 493 18.41 36.15 -35.44
CA LEU C 493 18.71 34.76 -35.13
C LEU C 493 19.58 34.12 -36.20
N VAL C 494 19.26 34.34 -37.48
CA VAL C 494 20.12 33.78 -38.52
C VAL C 494 21.46 34.50 -38.55
N GLY C 495 21.49 35.77 -38.13
CA GLY C 495 22.77 36.47 -38.05
C GLY C 495 23.72 35.80 -37.09
N ILE C 496 23.23 35.47 -35.89
CA ILE C 496 24.13 34.89 -34.89
C ILE C 496 24.30 33.38 -35.05
N LEU C 497 23.33 32.68 -35.64
CA LEU C 497 23.45 31.24 -35.79
C LEU C 497 24.40 30.84 -36.91
N ASN C 498 24.59 31.71 -37.90
CA ASN C 498 25.50 31.44 -39.01
C ASN C 498 26.90 31.97 -38.78
N SER C 499 27.18 32.51 -37.59
CA SER C 499 28.46 33.12 -37.33
C SER C 499 29.53 32.07 -37.05
N SER C 500 30.79 32.48 -37.17
CA SER C 500 31.90 31.60 -36.83
C SER C 500 31.85 31.19 -35.36
N VAL C 501 31.48 32.13 -34.49
CA VAL C 501 31.40 31.85 -33.06
C VAL C 501 30.43 30.70 -32.81
N TYR C 502 29.22 30.79 -33.36
CA TYR C 502 28.22 29.76 -33.12
C TYR C 502 28.48 28.49 -33.90
N ASP C 503 29.20 28.56 -35.02
CA ASP C 503 29.64 27.34 -35.69
C ASP C 503 30.55 26.53 -34.77
N LYS C 504 31.59 27.17 -34.23
CA LYS C 504 32.48 26.49 -33.29
C LYS C 504 31.73 26.05 -32.04
N TYR C 505 30.84 26.90 -31.54
CA TYR C 505 30.09 26.62 -30.32
C TYR C 505 29.21 25.39 -30.47
N PHE C 506 28.49 25.29 -31.59
CA PHE C 506 27.68 24.10 -31.82
C PHE C 506 28.56 22.87 -32.01
N LYS C 507 29.65 22.99 -32.75
CA LYS C 507 30.45 21.81 -33.03
C LYS C 507 31.21 21.29 -31.82
N ILE C 508 31.29 22.08 -30.74
CA ILE C 508 31.95 21.56 -29.53
C ILE C 508 31.23 20.32 -29.00
N THR C 509 29.89 20.33 -28.99
CA THR C 509 29.12 19.21 -28.47
C THR C 509 28.30 18.47 -29.52
N ALA C 510 28.42 18.84 -30.79
CA ALA C 510 27.59 18.24 -31.82
C ALA C 510 28.00 16.79 -32.09
N LYS C 511 27.08 16.04 -32.69
CA LYS C 511 27.24 14.62 -32.95
C LYS C 511 27.90 14.44 -34.32
N LYS C 512 29.17 14.07 -34.33
CA LYS C 512 29.91 13.85 -35.57
C LYS C 512 29.48 12.53 -36.19
N MET C 513 28.92 12.58 -37.41
CA MET C 513 28.31 11.40 -38.01
C MET C 513 29.26 10.71 -38.99
N SER C 514 29.70 11.43 -40.02
CA SER C 514 30.61 10.89 -41.01
C SER C 514 31.60 11.99 -41.36
N LYS C 515 32.43 11.74 -42.37
CA LYS C 515 33.42 12.73 -42.77
C LYS C 515 32.72 14.02 -43.18
N ASN C 516 33.07 15.12 -42.51
CA ASN C 516 32.56 16.45 -42.80
C ASN C 516 31.05 16.57 -42.60
N ILE C 517 30.47 15.73 -41.75
CA ILE C 517 29.02 15.75 -41.53
C ILE C 517 28.72 15.72 -40.04
N TYR C 518 27.97 16.71 -39.57
CA TYR C 518 27.46 16.77 -38.21
C TYR C 518 25.95 16.60 -38.20
N ASP C 519 25.43 16.05 -37.11
CA ASP C 519 23.99 15.96 -36.94
C ASP C 519 23.45 17.29 -36.45
N TYR C 520 22.58 17.91 -37.24
CA TYR C 520 21.86 19.11 -36.85
C TYR C 520 20.41 18.69 -36.58
N TYR C 521 20.17 18.22 -35.35
CA TYR C 521 18.88 17.78 -34.88
C TYR C 521 18.43 18.67 -33.72
N PRO C 522 17.12 18.80 -33.52
CA PRO C 522 16.64 19.67 -32.43
C PRO C 522 17.14 19.25 -31.06
N ASN C 523 17.45 17.96 -30.84
CA ASN C 523 17.88 17.52 -29.52
C ASN C 523 19.20 18.14 -29.09
N LYS C 524 19.93 18.75 -30.01
CA LYS C 524 21.07 19.60 -29.67
C LYS C 524 20.96 21.02 -30.21
N VAL C 525 20.27 21.22 -31.34
CA VAL C 525 20.13 22.57 -31.88
C VAL C 525 19.27 23.43 -30.98
N MET C 526 18.21 22.86 -30.40
CA MET C 526 17.34 23.63 -29.52
C MET C 526 17.99 23.93 -28.18
N LYS C 527 19.12 23.31 -27.86
CA LYS C 527 19.86 23.62 -26.65
C LYS C 527 20.87 24.74 -26.84
N ILE C 528 20.97 25.29 -28.05
CA ILE C 528 21.86 26.42 -28.31
C ILE C 528 21.38 27.63 -27.53
N ARG C 529 22.28 28.23 -26.75
CA ARG C 529 21.91 29.35 -25.91
C ARG C 529 22.10 30.67 -26.67
N ILE C 530 21.20 31.62 -26.41
CA ILE C 530 21.09 32.86 -27.17
C ILE C 530 21.20 34.03 -26.20
N PHE C 531 21.81 35.12 -26.67
CA PHE C 531 21.98 36.32 -25.86
C PHE C 531 21.25 37.49 -26.50
N ARG C 532 21.12 38.58 -25.73
CA ARG C 532 20.46 39.79 -26.20
C ARG C 532 21.00 40.96 -25.39
N ASP C 533 21.74 41.86 -26.04
CA ASP C 533 22.36 43.00 -25.35
C ASP C 533 22.42 44.18 -26.31
N ASN C 534 23.28 45.15 -25.99
CA ASN C 534 23.33 46.43 -26.70
C ASN C 534 23.78 46.31 -28.15
N ASN C 535 24.33 45.18 -28.58
CA ASN C 535 24.76 45.00 -29.95
C ASN C 535 23.66 44.43 -30.84
N TYR C 536 22.44 44.30 -30.33
CA TYR C 536 21.37 43.63 -31.06
C TYR C 536 21.07 44.35 -32.38
N GLU C 537 20.86 45.67 -32.32
CA GLU C 537 20.39 46.39 -33.50
C GLU C 537 21.40 46.33 -34.64
N GLU C 538 22.69 46.47 -34.33
CA GLU C 538 23.69 46.46 -35.39
C GLU C 538 23.90 45.05 -35.97
N ILE C 539 23.84 44.02 -35.12
CA ILE C 539 23.91 42.64 -35.63
C ILE C 539 22.74 42.38 -36.58
N GLU C 540 21.54 42.79 -36.17
CA GLU C 540 20.36 42.59 -37.02
C GLU C 540 20.49 43.37 -38.33
N ASN C 541 21.01 44.60 -38.26
CA ASN C 541 21.18 45.39 -39.48
C ASN C 541 22.19 44.73 -40.42
N LEU C 542 23.29 44.22 -39.88
CA LEU C 542 24.27 43.53 -40.71
C LEU C 542 23.65 42.29 -41.36
N SER C 543 22.85 41.54 -40.59
CA SER C 543 22.19 40.37 -41.16
C SER C 543 21.21 40.77 -42.26
N LYS C 544 20.48 41.86 -42.06
CA LYS C 544 19.59 42.37 -43.10
C LYS C 544 20.35 42.72 -44.37
N GLN C 545 21.50 43.37 -44.23
CA GLN C 545 22.31 43.70 -45.41
C GLN C 545 22.80 42.44 -46.11
N ILE C 546 23.22 41.44 -45.35
CA ILE C 546 23.68 40.18 -45.95
C ILE C 546 22.55 39.52 -46.71
N ILE C 547 21.35 39.48 -46.13
CA ILE C 547 20.19 38.90 -46.80
C ILE C 547 19.89 39.68 -48.08
N SER C 548 19.96 41.01 -48.01
CA SER C 548 19.69 41.83 -49.18
C SER C 548 20.67 41.52 -50.31
N ILE C 549 21.96 41.41 -49.99
CA ILE C 549 22.95 41.14 -51.03
C ILE C 549 22.77 39.73 -51.60
N LEU C 550 22.44 38.76 -50.74
CA LEU C 550 22.29 37.38 -51.21
C LEU C 550 21.09 37.22 -52.15
N LEU C 551 20.09 38.10 -52.05
CA LEU C 551 18.89 38.02 -52.87
C LEU C 551 18.95 38.91 -54.10
N ASN C 552 20.10 39.52 -54.38
CA ASN C 552 20.25 40.39 -55.53
C ASN C 552 20.71 39.57 -56.74
N LYS C 553 20.83 40.25 -57.89
CA LYS C 553 21.33 39.62 -59.10
C LYS C 553 22.86 39.61 -59.16
N SER C 554 23.49 40.78 -58.99
CA SER C 554 24.95 40.88 -59.00
C SER C 554 25.44 40.77 -57.56
N ILE C 555 25.64 39.53 -57.10
CA ILE C 555 26.05 39.27 -55.73
C ILE C 555 27.55 39.46 -55.62
N ASP C 556 27.97 40.38 -54.74
CA ASP C 556 29.37 40.62 -54.44
C ASP C 556 29.73 39.89 -53.15
N LYS C 557 30.47 38.78 -53.29
CA LYS C 557 30.78 37.94 -52.13
C LYS C 557 31.71 38.66 -51.14
N GLY C 558 32.57 39.55 -51.62
CA GLY C 558 33.48 40.26 -50.72
C GLY C 558 32.75 41.15 -49.74
N LYS C 559 31.71 41.86 -50.21
CA LYS C 559 30.90 42.67 -49.32
C LYS C 559 30.24 41.82 -48.25
N VAL C 560 29.70 40.66 -48.64
CA VAL C 560 29.10 39.75 -47.68
C VAL C 560 30.12 39.29 -46.65
N GLU C 561 31.33 38.97 -47.11
CA GLU C 561 32.36 38.49 -46.20
C GLU C 561 32.73 39.55 -45.17
N LYS C 562 32.92 40.80 -45.62
CA LYS C 562 33.27 41.86 -44.68
C LYS C 562 32.14 42.15 -43.70
N LEU C 563 30.89 42.12 -44.17
CA LEU C 563 29.75 42.28 -43.26
C LEU C 563 29.73 41.17 -42.21
N GLN C 564 29.95 39.93 -42.64
CA GLN C 564 29.96 38.81 -41.71
C GLN C 564 31.07 38.97 -40.67
N ILE C 565 32.23 39.48 -41.09
CA ILE C 565 33.33 39.69 -40.16
C ILE C 565 32.96 40.74 -39.11
N LYS C 566 32.34 41.84 -39.54
CA LYS C 566 31.86 42.82 -38.57
C LYS C 566 30.91 42.19 -37.57
N MET C 567 29.98 41.35 -38.06
CA MET C 567 29.02 40.71 -37.16
C MET C 567 29.71 39.78 -36.18
N ASP C 568 30.69 39.01 -36.66
CA ASP C 568 31.43 38.10 -35.79
C ASP C 568 32.15 38.87 -34.69
N ASN C 569 32.77 40.00 -35.04
CA ASN C 569 33.43 40.82 -34.03
C ASN C 569 32.44 41.32 -33.00
N LEU C 570 31.25 41.74 -33.44
CA LEU C 570 30.23 42.19 -32.48
C LEU C 570 29.81 41.07 -31.54
N ILE C 571 29.63 39.86 -32.08
CA ILE C 571 29.22 38.73 -31.24
C ILE C 571 30.30 38.39 -30.22
N MET C 572 31.56 38.42 -30.65
CA MET C 572 32.67 38.15 -29.73
C MET C 572 32.75 39.22 -28.64
N ASP C 573 32.50 40.48 -29.01
CA ASP C 573 32.45 41.53 -27.99
C ASP C 573 31.32 41.29 -27.01
N SER C 574 30.16 40.86 -27.50
CA SER C 574 29.01 40.62 -26.63
C SER C 574 29.29 39.49 -25.65
N LEU C 575 29.90 38.41 -26.11
CA LEU C 575 30.12 37.24 -25.27
C LEU C 575 31.44 37.29 -24.51
N GLY C 576 32.23 38.35 -24.68
CA GLY C 576 33.45 38.49 -23.92
C GLY C 576 34.55 37.50 -24.27
N ILE C 577 34.51 36.94 -25.47
CA ILE C 577 35.52 35.98 -25.88
C ILE C 577 36.54 36.64 -26.80
C1 EDO J . -14.80 -31.78 35.97
O1 EDO J . -14.43 -31.89 37.34
C2 EDO J . -16.07 -32.61 35.71
O2 EDO J . -17.09 -32.23 36.63
C1 EDO K . -47.97 -18.26 49.17
O1 EDO K . -48.96 -17.47 48.51
C2 EDO K . -47.76 -19.57 48.40
O2 EDO K . -49.01 -20.21 48.16
K K L . 30.16 -51.03 51.74
K K M . -13.86 -21.35 47.46
O Q9W N . 6.50 -17.29 46.99
C1 Q9W N . 6.15 -16.04 44.89
C2 Q9W N . 4.69 -17.86 45.47
C3 Q9W N . 3.22 -17.56 45.35
C4 Q9W N . 6.34 -17.22 43.94
C5 Q9W N . 5.44 -16.08 41.86
C6 Q9W N . 6.85 -16.67 40.38
N Q9W N . 6.36 -16.85 42.53
C Q9W N . 5.53 -16.75 46.10
C10 Q9W N . 6.16 -15.76 37.62
C11 Q9W N . 6.47 -14.28 37.49
C12 Q9W N . 5.24 -13.45 37.16
C13 Q9W N . 5.47 -11.93 37.22
C14 Q9W N . 5.71 -11.38 38.61
C15 Q9W N . 6.46 -10.24 38.80
C16 Q9W N . 6.67 -9.73 40.07
C17 Q9W N . 6.14 -10.37 41.17
C18 Q9W N . 5.38 -11.51 41.00
C19 Q9W N . 5.17 -12.02 39.73
C7 Q9W N . 7.28 -17.22 41.58
C8 Q9W N . 9.05 -18.14 40.63
C9 Q9W N . 7.64 -16.94 39.25
N1 Q9W N . 5.69 -15.95 40.57
N2 Q9W N . 8.37 -17.97 41.76
N3 Q9W N . 8.75 -17.69 39.40
N4 Q9W N . 7.34 -16.53 37.99
O1 Q9W N . 7.41 -15.46 45.18
O2 Q9W N . 2.52 -18.65 44.77
O3 Q9W N . 5.24 -18.09 44.16
C1 EDO O . 7.94 57.85 -9.36
O1 EDO O . 9.14 58.43 -8.85
C2 EDO O . 8.14 57.43 -10.82
O2 EDO O . 9.31 56.61 -10.93
C1 EDO P . 5.96 64.77 -1.44
O1 EDO P . 5.37 64.10 -2.56
C2 EDO P . 4.89 65.55 -0.68
O2 EDO P . 5.36 65.85 0.64
C1 EDO Q . -24.45 31.88 -15.73
O1 EDO Q . -23.66 31.00 -16.54
C2 EDO Q . -25.88 31.84 -16.24
O2 EDO Q . -26.28 30.48 -16.43
C1 EDO R . -19.27 38.27 -4.05
O1 EDO R . -18.82 38.04 -2.71
C2 EDO R . -18.24 37.74 -5.04
O2 EDO R . -18.17 36.31 -4.96
C1 EDO S . -22.58 -4.56 8.65
O1 EDO S . -21.93 -3.32 8.34
C2 EDO S . -21.75 -5.71 8.08
O2 EDO S . -22.47 -6.94 8.24
K K T . -12.08 14.34 -13.42
K K U . 5.06 62.63 0.95
K K V . -12.76 -28.16 -10.59
O Q9W W . 5.39 21.64 -4.76
C1 Q9W W . 5.00 19.91 -3.09
C2 Q9W W . 3.14 21.09 -4.03
C3 Q9W W . 1.98 20.24 -4.51
C4 Q9W W . 4.34 20.81 -2.04
C5 Q9W W . 3.73 18.88 -0.52
C6 Q9W W . 3.88 19.77 1.40
N Q9W W . 4.11 20.18 -0.75
C Q9W W . 4.53 20.57 -4.38
C10 Q9W W . 3.06 17.97 3.62
C11 Q9W W . 4.16 16.93 3.76
C12 Q9W W . 3.64 15.51 3.56
C13 Q9W W . 4.74 14.45 3.54
C14 Q9W W . 5.68 14.57 2.35
C15 Q9W W . 7.02 14.24 2.49
C16 Q9W W . 7.88 14.35 1.40
C17 Q9W W . 7.40 14.78 0.18
C18 Q9W W . 6.07 15.09 0.04
C19 Q9W W . 5.21 14.99 1.11
C7 Q9W W . 4.21 20.76 0.49
C8 Q9W W . 4.59 22.24 2.09
C9 Q9W W . 3.93 20.14 2.77
N1 Q9W W . 3.58 18.58 0.75
N2 Q9W W . 4.58 22.02 0.77
N3 Q9W W . 4.31 21.40 3.08
N4 Q9W W . 3.57 19.32 3.77
O1 Q9W W . 6.41 19.95 -2.97
O2 Q9W W . 2.13 18.88 -4.08
O3 Q9W W . 3.09 21.19 -2.58
K K X . 33.26 7.38 -41.37
K K Y . -1.30 21.85 -61.64
O Q9W Z . 30.49 -12.68 -36.56
C1 Q9W Z . 28.22 -11.95 -35.94
C2 Q9W Z . 30.11 -10.55 -35.43
C3 Q9W Z . 30.12 -9.11 -35.89
C4 Q9W Z . 28.44 -11.83 -34.44
C5 Q9W Z . 26.14 -10.84 -34.00
C6 Q9W Z . 25.65 -11.69 -32.12
N Q9W Z . 27.21 -11.63 -33.67
C Q9W Z . 29.61 -11.57 -36.47
C10 Q9W Z . 23.06 -10.71 -30.99
C11 Q9W Z . 21.90 -11.34 -31.73
C12 Q9W Z . 21.08 -10.33 -32.51
C13 Q9W Z . 20.15 -10.95 -33.56
C14 Q9W Z . 20.83 -11.43 -34.81
C15 Q9W Z . 20.14 -12.20 -35.74
C16 Q9W Z . 20.77 -12.64 -36.89
C17 Q9W Z . 22.08 -12.31 -37.14
C18 Q9W Z . 22.78 -11.55 -36.23
C19 Q9W Z . 22.16 -11.10 -35.07
C7 Q9W Z . 26.89 -12.20 -32.46
C8 Q9W Z . 27.01 -13.40 -30.62
C9 Q9W Z . 25.11 -12.13 -30.88
N1 Q9W Z . 25.18 -10.83 -33.10
N2 Q9W Z . 27.62 -13.06 -31.75
N3 Q9W Z . 25.82 -13.00 -30.15
N4 Q9W Z . 23.93 -11.69 -30.37
O1 Q9W Z . 27.88 -13.29 -36.29
O2 Q9W Z . 28.98 -8.80 -36.68
O3 Q9W Z . 29.26 -10.70 -34.27
C1 EDO AA . -16.66 -8.41 15.14
O1 EDO AA . -16.05 -7.27 14.54
C2 EDO AA . -15.94 -8.74 16.44
O2 EDO AA . -14.53 -8.61 16.24
C1 EDO BA . -8.22 9.60 -16.37
O1 EDO BA . -8.71 9.17 -17.64
C2 EDO BA . -7.27 10.77 -16.55
O2 EDO BA . -8.01 11.96 -16.91
#